data_3FYR
# 
_entry.id   3FYR 
# 
_audit_conform.dict_name       mmcif_pdbx.dic 
_audit_conform.dict_version    5.399 
_audit_conform.dict_location   http://mmcif.pdb.org/dictionaries/ascii/mmcif_pdbx.dic 
# 
loop_
_database_2.database_id 
_database_2.database_code 
_database_2.pdbx_database_accession 
_database_2.pdbx_DOI 
PDB   3FYR         pdb_00003fyr 10.2210/pdb3fyr/pdb 
RCSB  RCSB051205   ?            ?                   
WWPDB D_1000051205 ?            ?                   
# 
loop_
_pdbx_audit_revision_history.ordinal 
_pdbx_audit_revision_history.data_content_type 
_pdbx_audit_revision_history.major_revision 
_pdbx_audit_revision_history.minor_revision 
_pdbx_audit_revision_history.revision_date 
1 'Structure model' 1 0 2009-06-23 
2 'Structure model' 1 1 2011-07-13 
3 'Structure model' 1 2 2017-11-01 
4 'Structure model' 1 3 2024-11-20 
# 
_pdbx_audit_revision_details.ordinal             1 
_pdbx_audit_revision_details.revision_ordinal    1 
_pdbx_audit_revision_details.data_content_type   'Structure model' 
_pdbx_audit_revision_details.provider            repository 
_pdbx_audit_revision_details.type                'Initial release' 
_pdbx_audit_revision_details.description         ? 
_pdbx_audit_revision_details.details             ? 
# 
loop_
_pdbx_audit_revision_group.ordinal 
_pdbx_audit_revision_group.revision_ordinal 
_pdbx_audit_revision_group.data_content_type 
_pdbx_audit_revision_group.group 
1 2 'Structure model' 'Version format compliance' 
2 3 'Structure model' 'Refinement description'    
3 4 'Structure model' 'Data collection'           
4 4 'Structure model' 'Database references'       
5 4 'Structure model' 'Derived calculations'      
6 4 'Structure model' 'Structure summary'         
# 
loop_
_pdbx_audit_revision_category.ordinal 
_pdbx_audit_revision_category.revision_ordinal 
_pdbx_audit_revision_category.data_content_type 
_pdbx_audit_revision_category.category 
1 3 'Structure model' software                  
2 4 'Structure model' chem_comp_atom            
3 4 'Structure model' chem_comp_bond            
4 4 'Structure model' database_2                
5 4 'Structure model' pdbx_entry_details        
6 4 'Structure model' pdbx_modification_feature 
7 4 'Structure model' struct_conn               
8 4 'Structure model' struct_ref_seq_dif        
# 
loop_
_pdbx_audit_revision_item.ordinal 
_pdbx_audit_revision_item.revision_ordinal 
_pdbx_audit_revision_item.data_content_type 
_pdbx_audit_revision_item.item 
1 4 'Structure model' '_database_2.pdbx_DOI'                         
2 4 'Structure model' '_database_2.pdbx_database_accession'          
3 4 'Structure model' '_pdbx_entry_details.has_protein_modification' 
4 4 'Structure model' '_struct_conn.pdbx_leaving_atom_flag'          
5 4 'Structure model' '_struct_ref_seq_dif.details'                  
# 
_pdbx_database_status.entry_id                        3FYR 
_pdbx_database_status.deposit_site                    RCSB 
_pdbx_database_status.process_site                    PDBJ 
_pdbx_database_status.recvd_initial_deposition_date   2009-01-23 
_pdbx_database_status.status_code                     REL 
_pdbx_database_status.status_code_sf                  REL 
_pdbx_database_status.status_code_mr                  ? 
_pdbx_database_status.SG_entry                        ? 
_pdbx_database_status.pdb_format_compatible           Y 
_pdbx_database_status.status_code_cs                  ? 
_pdbx_database_status.methods_development_category    ? 
_pdbx_database_status.status_code_nmr_data            ? 
# 
loop_
_audit_author.name 
_audit_author.pdbx_ordinal 
'Jacques, D.A.' 1 
'Streamer, M.'  2 
'King, G.F.'    3 
'Guss, J.M.'    4 
'Trewhella, J.' 5 
'Langley, D.B.' 6 
# 
_citation.id                        primary 
_citation.title                     
'Structure of the sporulation histidine kinase inhibitor Sda from Bacillus subtilis and insights into its solution state' 
_citation.journal_abbrev            'Acta Crystallogr.,Sect.D' 
_citation.journal_volume            65 
_citation.page_first                574 
_citation.page_last                 581 
_citation.year                      2009 
_citation.journal_id_ASTM           ABCRE6 
_citation.country                   DK 
_citation.journal_id_ISSN           0907-4449 
_citation.journal_id_CSD            0766 
_citation.book_publisher            ? 
_citation.pdbx_database_id_PubMed   19465772 
_citation.pdbx_database_id_DOI      10.1107/S090744490901169X 
# 
loop_
_citation_author.citation_id 
_citation_author.name 
_citation_author.ordinal 
_citation_author.identifier_ORCID 
primary 'Jacques, D.A.' 1 ? 
primary 'Streamer, M.'  2 ? 
primary 'Rowland, S.L.' 3 ? 
primary 'King, G.F.'    4 ? 
primary 'Guss, J.M.'    5 ? 
primary 'Trewhella, J.' 6 ? 
primary 'Langley, D.B.' 7 ? 
# 
loop_
_entity.id 
_entity.type 
_entity.src_method 
_entity.pdbx_description 
_entity.formula_weight 
_entity.pdbx_number_of_molecules 
_entity.pdbx_ec 
_entity.pdbx_mutation 
_entity.pdbx_fragment 
_entity.details 
1 polymer man 'Sporulation inhibitor sda' 5686.198 3 ? ? ? ? 
2 water   nat water                       18.015   8 ? ? ? ? 
# 
_entity_name_com.entity_id   1 
_entity_name_com.name        'sda, Histidine kinase kinA inhibitor' 
# 
_entity_poly.entity_id                      1 
_entity_poly.type                           'polypeptide(L)' 
_entity_poly.nstd_linkage                   no 
_entity_poly.nstd_monomer                   yes 
_entity_poly.pdbx_seq_one_letter_code       'GS(MSE)RKLSDELLIESYFKATE(MSE)NLNRDFIELIENEIKRRSLGHIISVSS' 
_entity_poly.pdbx_seq_one_letter_code_can   GSMRKLSDELLIESYFKATEMNLNRDFIELIENEIKRRSLGHIISVSS 
_entity_poly.pdbx_strand_id                 A,B,C 
_entity_poly.pdbx_target_identifier         ? 
# 
_pdbx_entity_nonpoly.entity_id   2 
_pdbx_entity_nonpoly.name        water 
_pdbx_entity_nonpoly.comp_id     HOH 
# 
loop_
_entity_poly_seq.entity_id 
_entity_poly_seq.num 
_entity_poly_seq.mon_id 
_entity_poly_seq.hetero 
1 1  GLY n 
1 2  SER n 
1 3  MSE n 
1 4  ARG n 
1 5  LYS n 
1 6  LEU n 
1 7  SER n 
1 8  ASP n 
1 9  GLU n 
1 10 LEU n 
1 11 LEU n 
1 12 ILE n 
1 13 GLU n 
1 14 SER n 
1 15 TYR n 
1 16 PHE n 
1 17 LYS n 
1 18 ALA n 
1 19 THR n 
1 20 GLU n 
1 21 MSE n 
1 22 ASN n 
1 23 LEU n 
1 24 ASN n 
1 25 ARG n 
1 26 ASP n 
1 27 PHE n 
1 28 ILE n 
1 29 GLU n 
1 30 LEU n 
1 31 ILE n 
1 32 GLU n 
1 33 ASN n 
1 34 GLU n 
1 35 ILE n 
1 36 LYS n 
1 37 ARG n 
1 38 ARG n 
1 39 SER n 
1 40 LEU n 
1 41 GLY n 
1 42 HIS n 
1 43 ILE n 
1 44 ILE n 
1 45 SER n 
1 46 VAL n 
1 47 SER n 
1 48 SER n 
# 
_entity_src_gen.entity_id                          1 
_entity_src_gen.pdbx_src_id                        1 
_entity_src_gen.pdbx_alt_source_flag               sample 
_entity_src_gen.pdbx_seq_type                      ? 
_entity_src_gen.pdbx_beg_seq_num                   ? 
_entity_src_gen.pdbx_end_seq_num                   ? 
_entity_src_gen.gene_src_common_name               ? 
_entity_src_gen.gene_src_genus                     ? 
_entity_src_gen.pdbx_gene_src_gene                 'BSU25690, sda' 
_entity_src_gen.gene_src_species                   ? 
_entity_src_gen.gene_src_strain                    'subtilis str. 168' 
_entity_src_gen.gene_src_tissue                    ? 
_entity_src_gen.gene_src_tissue_fraction           ? 
_entity_src_gen.gene_src_details                   ? 
_entity_src_gen.pdbx_gene_src_fragment             ? 
_entity_src_gen.pdbx_gene_src_scientific_name      'Bacillus subtilis' 
_entity_src_gen.pdbx_gene_src_ncbi_taxonomy_id     224308 
_entity_src_gen.pdbx_gene_src_variant              ? 
_entity_src_gen.pdbx_gene_src_cell_line            ? 
_entity_src_gen.pdbx_gene_src_atcc                 ? 
_entity_src_gen.pdbx_gene_src_organ                ? 
_entity_src_gen.pdbx_gene_src_organelle            ? 
_entity_src_gen.pdbx_gene_src_cell                 ? 
_entity_src_gen.pdbx_gene_src_cellular_location    ? 
_entity_src_gen.host_org_common_name               ? 
_entity_src_gen.pdbx_host_org_scientific_name      'Escherichia coli' 
_entity_src_gen.pdbx_host_org_ncbi_taxonomy_id     469008 
_entity_src_gen.host_org_genus                     ? 
_entity_src_gen.pdbx_host_org_gene                 ? 
_entity_src_gen.pdbx_host_org_organ                ? 
_entity_src_gen.host_org_species                   ? 
_entity_src_gen.pdbx_host_org_tissue               ? 
_entity_src_gen.pdbx_host_org_tissue_fraction      ? 
_entity_src_gen.pdbx_host_org_strain               'Bl21 (DE3)' 
_entity_src_gen.pdbx_host_org_variant              ? 
_entity_src_gen.pdbx_host_org_cell_line            ? 
_entity_src_gen.pdbx_host_org_atcc                 ? 
_entity_src_gen.pdbx_host_org_culture_collection   ? 
_entity_src_gen.pdbx_host_org_cell                 ? 
_entity_src_gen.pdbx_host_org_organelle            ? 
_entity_src_gen.pdbx_host_org_cellular_location    ? 
_entity_src_gen.pdbx_host_org_vector_type          pET18a 
_entity_src_gen.pdbx_host_org_vector               ? 
_entity_src_gen.host_org_details                   ? 
_entity_src_gen.expression_system_id               ? 
_entity_src_gen.plasmid_name                       pSLR65 
_entity_src_gen.plasmid_details                    ? 
_entity_src_gen.pdbx_description                   ? 
# 
loop_
_chem_comp.id 
_chem_comp.type 
_chem_comp.mon_nstd_flag 
_chem_comp.name 
_chem_comp.pdbx_synonyms 
_chem_comp.formula 
_chem_comp.formula_weight 
ALA 'L-peptide linking' y ALANINE          ? 'C3 H7 N O2'     89.093  
ARG 'L-peptide linking' y ARGININE         ? 'C6 H15 N4 O2 1' 175.209 
ASN 'L-peptide linking' y ASPARAGINE       ? 'C4 H8 N2 O3'    132.118 
ASP 'L-peptide linking' y 'ASPARTIC ACID'  ? 'C4 H7 N O4'     133.103 
GLU 'L-peptide linking' y 'GLUTAMIC ACID'  ? 'C5 H9 N O4'     147.129 
GLY 'peptide linking'   y GLYCINE          ? 'C2 H5 N O2'     75.067  
HIS 'L-peptide linking' y HISTIDINE        ? 'C6 H10 N3 O2 1' 156.162 
HOH non-polymer         . WATER            ? 'H2 O'           18.015  
ILE 'L-peptide linking' y ISOLEUCINE       ? 'C6 H13 N O2'    131.173 
LEU 'L-peptide linking' y LEUCINE          ? 'C6 H13 N O2'    131.173 
LYS 'L-peptide linking' y LYSINE           ? 'C6 H15 N2 O2 1' 147.195 
MSE 'L-peptide linking' n SELENOMETHIONINE ? 'C5 H11 N O2 Se' 196.106 
PHE 'L-peptide linking' y PHENYLALANINE    ? 'C9 H11 N O2'    165.189 
SER 'L-peptide linking' y SERINE           ? 'C3 H7 N O3'     105.093 
THR 'L-peptide linking' y THREONINE        ? 'C4 H9 N O3'     119.119 
TYR 'L-peptide linking' y TYROSINE         ? 'C9 H11 N O3'    181.189 
VAL 'L-peptide linking' y VALINE           ? 'C5 H11 N O2'    117.146 
# 
loop_
_pdbx_poly_seq_scheme.asym_id 
_pdbx_poly_seq_scheme.entity_id 
_pdbx_poly_seq_scheme.seq_id 
_pdbx_poly_seq_scheme.mon_id 
_pdbx_poly_seq_scheme.ndb_seq_num 
_pdbx_poly_seq_scheme.pdb_seq_num 
_pdbx_poly_seq_scheme.auth_seq_num 
_pdbx_poly_seq_scheme.pdb_mon_id 
_pdbx_poly_seq_scheme.auth_mon_id 
_pdbx_poly_seq_scheme.pdb_strand_id 
_pdbx_poly_seq_scheme.pdb_ins_code 
_pdbx_poly_seq_scheme.hetero 
A 1 1  GLY 1  -1 ?  ?   ?   A . n 
A 1 2  SER 2  0  ?  ?   ?   A . n 
A 1 3  MSE 3  1  1  MSE MSE A . n 
A 1 4  ARG 4  2  2  ARG ARG A . n 
A 1 5  LYS 5  3  3  LYS LYS A . n 
A 1 6  LEU 6  4  4  LEU LEU A . n 
A 1 7  SER 7  5  5  SER SER A . n 
A 1 8  ASP 8  6  6  ASP ASP A . n 
A 1 9  GLU 9  7  7  GLU GLU A . n 
A 1 10 LEU 10 8  8  LEU LEU A . n 
A 1 11 LEU 11 9  9  LEU LEU A . n 
A 1 12 ILE 12 10 10 ILE ILE A . n 
A 1 13 GLU 13 11 11 GLU GLU A . n 
A 1 14 SER 14 12 12 SER SER A . n 
A 1 15 TYR 15 13 13 TYR TYR A . n 
A 1 16 PHE 16 14 14 PHE PHE A . n 
A 1 17 LYS 17 15 15 LYS LYS A . n 
A 1 18 ALA 18 16 16 ALA ALA A . n 
A 1 19 THR 19 17 17 THR THR A . n 
A 1 20 GLU 20 18 18 GLU GLU A . n 
A 1 21 MSE 21 19 19 MSE MSE A . n 
A 1 22 ASN 22 20 20 ASN ASN A . n 
A 1 23 LEU 23 21 21 LEU LEU A . n 
A 1 24 ASN 24 22 22 ASN ASN A . n 
A 1 25 ARG 25 23 23 ARG ARG A . n 
A 1 26 ASP 26 24 24 ASP ASP A . n 
A 1 27 PHE 27 25 25 PHE PHE A . n 
A 1 28 ILE 28 26 26 ILE ILE A . n 
A 1 29 GLU 29 27 27 GLU GLU A . n 
A 1 30 LEU 30 28 28 LEU LEU A . n 
A 1 31 ILE 31 29 29 ILE ILE A . n 
A 1 32 GLU 32 30 30 GLU GLU A . n 
A 1 33 ASN 33 31 31 ASN ASN A . n 
A 1 34 GLU 34 32 32 GLU GLU A . n 
A 1 35 ILE 35 33 33 ILE ILE A . n 
A 1 36 LYS 36 34 34 LYS LYS A . n 
A 1 37 ARG 37 35 35 ARG ARG A . n 
A 1 38 ARG 38 36 36 ARG ARG A . n 
A 1 39 SER 39 37 37 SER SER A . n 
A 1 40 LEU 40 38 38 LEU LEU A . n 
A 1 41 GLY 41 39 ?  ?   ?   A . n 
A 1 42 HIS 42 40 ?  ?   ?   A . n 
A 1 43 ILE 43 41 ?  ?   ?   A . n 
A 1 44 ILE 44 42 ?  ?   ?   A . n 
A 1 45 SER 45 43 ?  ?   ?   A . n 
A 1 46 VAL 46 44 ?  ?   ?   A . n 
A 1 47 SER 47 45 ?  ?   ?   A . n 
A 1 48 SER 48 46 ?  ?   ?   A . n 
B 1 1  GLY 1  -1 ?  ?   ?   B . n 
B 1 2  SER 2  0  ?  ?   ?   B . n 
B 1 3  MSE 3  1  1  MSE MSE B . n 
B 1 4  ARG 4  2  2  ARG ARG B . n 
B 1 5  LYS 5  3  3  LYS LYS B . n 
B 1 6  LEU 6  4  4  LEU LEU B . n 
B 1 7  SER 7  5  5  SER SER B . n 
B 1 8  ASP 8  6  6  ASP ASP B . n 
B 1 9  GLU 9  7  7  GLU GLU B . n 
B 1 10 LEU 10 8  8  LEU LEU B . n 
B 1 11 LEU 11 9  9  LEU LEU B . n 
B 1 12 ILE 12 10 10 ILE ILE B . n 
B 1 13 GLU 13 11 11 GLU GLU B . n 
B 1 14 SER 14 12 12 SER SER B . n 
B 1 15 TYR 15 13 13 TYR TYR B . n 
B 1 16 PHE 16 14 14 PHE PHE B . n 
B 1 17 LYS 17 15 15 LYS LYS B . n 
B 1 18 ALA 18 16 16 ALA ALA B . n 
B 1 19 THR 19 17 17 THR THR B . n 
B 1 20 GLU 20 18 18 GLU GLU B . n 
B 1 21 MSE 21 19 19 MSE MSE B . n 
B 1 22 ASN 22 20 20 ASN ASN B . n 
B 1 23 LEU 23 21 21 LEU LEU B . n 
B 1 24 ASN 24 22 22 ASN ASN B . n 
B 1 25 ARG 25 23 23 ARG ARG B . n 
B 1 26 ASP 26 24 24 ASP ASP B . n 
B 1 27 PHE 27 25 25 PHE PHE B . n 
B 1 28 ILE 28 26 26 ILE ILE B . n 
B 1 29 GLU 29 27 27 GLU GLU B . n 
B 1 30 LEU 30 28 28 LEU LEU B . n 
B 1 31 ILE 31 29 29 ILE ILE B . n 
B 1 32 GLU 32 30 30 GLU GLU B . n 
B 1 33 ASN 33 31 31 ASN ASN B . n 
B 1 34 GLU 34 32 32 GLU GLU B . n 
B 1 35 ILE 35 33 33 ILE ILE B . n 
B 1 36 LYS 36 34 34 LYS LYS B . n 
B 1 37 ARG 37 35 35 ARG ARG B . n 
B 1 38 ARG 38 36 36 ARG ARG B . n 
B 1 39 SER 39 37 37 SER SER B . n 
B 1 40 LEU 40 38 ?  ?   ?   B . n 
B 1 41 GLY 41 39 ?  ?   ?   B . n 
B 1 42 HIS 42 40 ?  ?   ?   B . n 
B 1 43 ILE 43 41 ?  ?   ?   B . n 
B 1 44 ILE 44 42 ?  ?   ?   B . n 
B 1 45 SER 45 43 ?  ?   ?   B . n 
B 1 46 VAL 46 44 ?  ?   ?   B . n 
B 1 47 SER 47 45 ?  ?   ?   B . n 
B 1 48 SER 48 46 ?  ?   ?   B . n 
C 1 1  GLY 1  -1 ?  ?   ?   C . n 
C 1 2  SER 2  0  ?  ?   ?   C . n 
C 1 3  MSE 3  1  ?  ?   ?   C . n 
C 1 4  ARG 4  2  ?  ?   ?   C . n 
C 1 5  LYS 5  3  3  LYS LYS C . n 
C 1 6  LEU 6  4  4  LEU LEU C . n 
C 1 7  SER 7  5  5  SER SER C . n 
C 1 8  ASP 8  6  6  ASP ASP C . n 
C 1 9  GLU 9  7  7  GLU GLU C . n 
C 1 10 LEU 10 8  8  LEU LEU C . n 
C 1 11 LEU 11 9  9  LEU LEU C . n 
C 1 12 ILE 12 10 10 ILE ILE C . n 
C 1 13 GLU 13 11 11 GLU GLU C . n 
C 1 14 SER 14 12 12 SER SER C . n 
C 1 15 TYR 15 13 13 TYR TYR C . n 
C 1 16 PHE 16 14 14 PHE PHE C . n 
C 1 17 LYS 17 15 15 LYS LYS C . n 
C 1 18 ALA 18 16 16 ALA ALA C . n 
C 1 19 THR 19 17 17 THR THR C . n 
C 1 20 GLU 20 18 18 GLU GLU C . n 
C 1 21 MSE 21 19 19 MSE MSE C . n 
C 1 22 ASN 22 20 20 ASN ASN C . n 
C 1 23 LEU 23 21 21 LEU LEU C . n 
C 1 24 ASN 24 22 22 ASN ASN C . n 
C 1 25 ARG 25 23 23 ARG ARG C . n 
C 1 26 ASP 26 24 24 ASP ASP C . n 
C 1 27 PHE 27 25 25 PHE PHE C . n 
C 1 28 ILE 28 26 26 ILE ILE C . n 
C 1 29 GLU 29 27 27 GLU GLU C . n 
C 1 30 LEU 30 28 28 LEU LEU C . n 
C 1 31 ILE 31 29 29 ILE ILE C . n 
C 1 32 GLU 32 30 30 GLU GLU C . n 
C 1 33 ASN 33 31 31 ASN ASN C . n 
C 1 34 GLU 34 32 32 GLU GLU C . n 
C 1 35 ILE 35 33 33 ILE ILE C . n 
C 1 36 LYS 36 34 34 LYS LYS C . n 
C 1 37 ARG 37 35 35 ARG ARG C . n 
C 1 38 ARG 38 36 36 ARG ARG C . n 
C 1 39 SER 39 37 37 SER SER C . n 
C 1 40 LEU 40 38 38 LEU LEU C . n 
C 1 41 GLY 41 39 39 GLY GLY C . n 
C 1 42 HIS 42 40 40 HIS HIS C . n 
C 1 43 ILE 43 41 41 ILE ILE C . n 
C 1 44 ILE 44 42 ?  ?   ?   C . n 
C 1 45 SER 45 43 ?  ?   ?   C . n 
C 1 46 VAL 46 44 ?  ?   ?   C . n 
C 1 47 SER 47 45 ?  ?   ?   C . n 
C 1 48 SER 48 46 ?  ?   ?   C . n 
# 
loop_
_pdbx_nonpoly_scheme.asym_id 
_pdbx_nonpoly_scheme.entity_id 
_pdbx_nonpoly_scheme.mon_id 
_pdbx_nonpoly_scheme.ndb_seq_num 
_pdbx_nonpoly_scheme.pdb_seq_num 
_pdbx_nonpoly_scheme.auth_seq_num 
_pdbx_nonpoly_scheme.pdb_mon_id 
_pdbx_nonpoly_scheme.auth_mon_id 
_pdbx_nonpoly_scheme.pdb_strand_id 
_pdbx_nonpoly_scheme.pdb_ins_code 
D 2 HOH 1 47 2  HOH HOH A . 
D 2 HOH 2 48 6  HOH HOH A . 
D 2 HOH 3 49 9  HOH HOH A . 
D 2 HOH 4 50 10 HOH HOH A . 
E 2 HOH 1 47 7  HOH HOH B . 
F 2 HOH 1 47 3  HOH HOH C . 
F 2 HOH 2 48 4  HOH HOH C . 
F 2 HOH 3 49 8  HOH HOH C . 
# 
loop_
_pdbx_unobs_or_zero_occ_atoms.id 
_pdbx_unobs_or_zero_occ_atoms.PDB_model_num 
_pdbx_unobs_or_zero_occ_atoms.polymer_flag 
_pdbx_unobs_or_zero_occ_atoms.occupancy_flag 
_pdbx_unobs_or_zero_occ_atoms.auth_asym_id 
_pdbx_unobs_or_zero_occ_atoms.auth_comp_id 
_pdbx_unobs_or_zero_occ_atoms.auth_seq_id 
_pdbx_unobs_or_zero_occ_atoms.PDB_ins_code 
_pdbx_unobs_or_zero_occ_atoms.auth_atom_id 
_pdbx_unobs_or_zero_occ_atoms.label_alt_id 
_pdbx_unobs_or_zero_occ_atoms.label_asym_id 
_pdbx_unobs_or_zero_occ_atoms.label_comp_id 
_pdbx_unobs_or_zero_occ_atoms.label_seq_id 
_pdbx_unobs_or_zero_occ_atoms.label_atom_id 
1  1 Y 1 A LYS 3  ? CG  ? A LYS 5  CG  
2  1 Y 1 A LYS 3  ? CD  ? A LYS 5  CD  
3  1 Y 1 A LYS 3  ? CE  ? A LYS 5  CE  
4  1 Y 1 A LYS 3  ? NZ  ? A LYS 5  NZ  
5  1 Y 1 A GLU 7  ? CG  ? A GLU 9  CG  
6  1 Y 1 A GLU 7  ? CD  ? A GLU 9  CD  
7  1 Y 1 A GLU 7  ? OE1 ? A GLU 9  OE1 
8  1 Y 1 A GLU 7  ? OE2 ? A GLU 9  OE2 
9  1 Y 1 A LEU 8  ? CG  ? A LEU 10 CG  
10 1 Y 1 A LEU 8  ? CD1 ? A LEU 10 CD1 
11 1 Y 1 A LEU 8  ? CD2 ? A LEU 10 CD2 
12 1 Y 1 A GLU 11 ? CG  ? A GLU 13 CG  
13 1 Y 1 A GLU 11 ? CD  ? A GLU 13 CD  
14 1 Y 1 A GLU 11 ? OE1 ? A GLU 13 OE1 
15 1 Y 1 A GLU 11 ? OE2 ? A GLU 13 OE2 
16 1 Y 1 A ARG 23 ? CG  ? A ARG 25 CG  
17 1 Y 1 A ARG 23 ? CD  ? A ARG 25 CD  
18 1 Y 1 A ARG 23 ? NE  ? A ARG 25 NE  
19 1 Y 1 A ARG 23 ? CZ  ? A ARG 25 CZ  
20 1 Y 1 A ARG 23 ? NH1 ? A ARG 25 NH1 
21 1 Y 1 A ARG 23 ? NH2 ? A ARG 25 NH2 
22 1 Y 1 A LYS 34 ? CG  ? A LYS 36 CG  
23 1 Y 1 A LYS 34 ? CD  ? A LYS 36 CD  
24 1 Y 1 A LYS 34 ? CE  ? A LYS 36 CE  
25 1 Y 1 A LYS 34 ? NZ  ? A LYS 36 NZ  
26 1 Y 1 A LEU 38 ? CG  ? A LEU 40 CG  
27 1 Y 1 A LEU 38 ? CD1 ? A LEU 40 CD1 
28 1 Y 1 A LEU 38 ? CD2 ? A LEU 40 CD2 
29 1 Y 1 B ARG 2  ? CG  ? B ARG 4  CG  
30 1 Y 1 B ARG 2  ? CD  ? B ARG 4  CD  
31 1 Y 1 B ARG 2  ? NE  ? B ARG 4  NE  
32 1 Y 1 B ARG 2  ? CZ  ? B ARG 4  CZ  
33 1 Y 1 B ARG 2  ? NH1 ? B ARG 4  NH1 
34 1 Y 1 B ARG 2  ? NH2 ? B ARG 4  NH2 
35 1 Y 1 B LYS 3  ? CG  ? B LYS 5  CG  
36 1 Y 1 B LYS 3  ? CD  ? B LYS 5  CD  
37 1 Y 1 B LYS 3  ? CE  ? B LYS 5  CE  
38 1 Y 1 B LYS 3  ? NZ  ? B LYS 5  NZ  
39 1 Y 1 B ASN 20 ? CG  ? B ASN 22 CG  
40 1 Y 1 B ASN 20 ? OD1 ? B ASN 22 OD1 
41 1 Y 1 B ASN 20 ? ND2 ? B ASN 22 ND2 
42 1 Y 1 B ASN 22 ? CG  ? B ASN 24 CG  
43 1 Y 1 B ASN 22 ? OD1 ? B ASN 24 OD1 
44 1 Y 1 B ASN 22 ? ND2 ? B ASN 24 ND2 
45 1 Y 1 B ARG 23 ? CG  ? B ARG 25 CG  
46 1 Y 1 B ARG 23 ? CD  ? B ARG 25 CD  
47 1 Y 1 B ARG 23 ? NE  ? B ARG 25 NE  
48 1 Y 1 B ARG 23 ? CZ  ? B ARG 25 CZ  
49 1 Y 1 B ARG 23 ? NH1 ? B ARG 25 NH1 
50 1 Y 1 B ARG 23 ? NH2 ? B ARG 25 NH2 
51 1 Y 1 B GLU 27 ? CG  ? B GLU 29 CG  
52 1 Y 1 B GLU 27 ? CD  ? B GLU 29 CD  
53 1 Y 1 B GLU 27 ? OE1 ? B GLU 29 OE1 
54 1 Y 1 B GLU 27 ? OE2 ? B GLU 29 OE2 
55 1 Y 1 B LEU 28 ? CG  ? B LEU 30 CG  
56 1 Y 1 B LEU 28 ? CD1 ? B LEU 30 CD1 
57 1 Y 1 B LEU 28 ? CD2 ? B LEU 30 CD2 
58 1 Y 1 B LYS 34 ? CG  ? B LYS 36 CG  
59 1 Y 1 B LYS 34 ? CD  ? B LYS 36 CD  
60 1 Y 1 B LYS 34 ? CE  ? B LYS 36 CE  
61 1 Y 1 B LYS 34 ? NZ  ? B LYS 36 NZ  
62 1 Y 1 C LYS 3  ? CG  ? C LYS 5  CG  
63 1 Y 1 C LYS 3  ? CD  ? C LYS 5  CD  
64 1 Y 1 C LYS 3  ? CE  ? C LYS 5  CE  
65 1 Y 1 C LYS 3  ? NZ  ? C LYS 5  NZ  
66 1 Y 1 C GLU 7  ? CG  ? C GLU 9  CG  
67 1 Y 1 C GLU 7  ? CD  ? C GLU 9  CD  
68 1 Y 1 C GLU 7  ? OE1 ? C GLU 9  OE1 
69 1 Y 1 C GLU 7  ? OE2 ? C GLU 9  OE2 
70 1 Y 1 C GLU 18 ? CG  ? C GLU 20 CG  
71 1 Y 1 C GLU 18 ? CD  ? C GLU 20 CD  
72 1 Y 1 C GLU 18 ? OE1 ? C GLU 20 OE1 
73 1 Y 1 C GLU 18 ? OE2 ? C GLU 20 OE2 
74 1 Y 1 C ASN 20 ? CG  ? C ASN 22 CG  
75 1 Y 1 C ASN 20 ? OD1 ? C ASN 22 OD1 
76 1 Y 1 C ASN 20 ? ND2 ? C ASN 22 ND2 
77 1 Y 1 C ASN 22 ? CG  ? C ASN 24 CG  
78 1 Y 1 C ASN 22 ? OD1 ? C ASN 24 OD1 
79 1 Y 1 C ASN 22 ? ND2 ? C ASN 24 ND2 
80 1 Y 1 C ASP 24 ? CG  ? C ASP 26 CG  
81 1 Y 1 C ASP 24 ? OD1 ? C ASP 26 OD1 
82 1 Y 1 C ASP 24 ? OD2 ? C ASP 26 OD2 
83 1 Y 1 C GLU 27 ? CG  ? C GLU 29 CG  
84 1 Y 1 C GLU 27 ? CD  ? C GLU 29 CD  
85 1 Y 1 C GLU 27 ? OE1 ? C GLU 29 OE1 
86 1 Y 1 C GLU 27 ? OE2 ? C GLU 29 OE2 
87 1 Y 1 C ASN 31 ? CG  ? C ASN 33 CG  
88 1 Y 1 C ASN 31 ? OD1 ? C ASN 33 OD1 
89 1 Y 1 C ASN 31 ? ND2 ? C ASN 33 ND2 
90 1 Y 1 C SER 37 ? OG  ? C SER 39 OG  
# 
loop_
_software.name 
_software.version 
_software.date 
_software.type 
_software.contact_author 
_software.contact_author_email 
_software.classification 
_software.location 
_software.language 
_software.citation_id 
_software.pdbx_ordinal 
DENZO       .     ?               package 'Zbyszek Otwinowski'    hkl@hkl-xray.com      'data reduction'  http://www.hkl-xray.com/ 
?          ? 1 
SCALEPACK   .     ?               package 'Zbyszek Otwinowski'    hkl@hkl-xray.com      'data scaling'    http://www.hkl-xray.com/ 
?          ? 2 
SOLVE       2.10  8-Jun-2005      program 'Tom Terwilliger'       terwilliger@LANL.gov  phasing           
http://www.solve.lanl.gov/                   ?          ? 3 
RESOLVE     .     ?               program 'Thomas C. Terwilliger' terwilliger@lanl.gov  phasing           
http://www.solve.lanl.gov/                   ?          ? 4 
REFMAC      .     ?               program 'Garib N. Murshudov'    garib@ysbl.york.ac.uk refinement        
http://www.ccp4.ac.uk/dist/html/refmac5.html Fortran_77 ? 5 
PDB_EXTRACT 3.006 'June 11, 2008' package PDB                     help@deposit.rcsb.org 'data extraction' 
http://sw-tools.pdb.org/apps/PDB_EXTRACT/    C++        ? 6 
HKL-2000    .     ?               ?       ?                       ?                     'data collection' ? ?          ? 7 
# 
_cell.length_a           36.972 
_cell.length_b           36.972 
_cell.length_c           167.173 
_cell.angle_alpha        90.000 
_cell.angle_beta         90.000 
_cell.angle_gamma        90.000 
_cell.entry_id           3FYR 
_cell.pdbx_unique_axis   ? 
_cell.Z_PDB              24 
_cell.length_a_esd       ? 
_cell.length_b_esd       ? 
_cell.length_c_esd       ? 
_cell.angle_alpha_esd    ? 
_cell.angle_beta_esd     ? 
_cell.angle_gamma_esd    ? 
# 
_symmetry.space_group_name_H-M             'P 41 21 2' 
_symmetry.entry_id                         3FYR 
_symmetry.Int_Tables_number                92 
_symmetry.pdbx_full_space_group_name_H-M   ? 
_symmetry.cell_setting                     ? 
_symmetry.space_group_name_Hall            ? 
# 
_exptl.crystals_number   1 
_exptl.entry_id          3FYR 
_exptl.method            'X-RAY DIFFRACTION' 
# 
_exptl_crystal.id                    1 
_exptl_crystal.pdbx_mosaicity        0.639 
_exptl_crystal.pdbx_mosaicity_esd    ? 
_exptl_crystal.density_Matthews      1.718006 
_exptl_crystal.density_diffrn        ? 
_exptl_crystal.density_meas          ? 
_exptl_crystal.density_meas_temp     ? 
_exptl_crystal.density_percent_sol   28.405363 
_exptl_crystal.size_max              ? 
_exptl_crystal.size_mid              ? 
_exptl_crystal.size_min              ? 
_exptl_crystal.size_rad              ? 
_exptl_crystal.description           ? 
_exptl_crystal.F_000                 ? 
_exptl_crystal.preparation           ? 
# 
_exptl_crystal_grow.crystal_id      1 
_exptl_crystal_grow.method          'VAPOR DIFFUSION, HANGING DROP' 
_exptl_crystal_grow.pH              6.3 
_exptl_crystal_grow.temp            293 
_exptl_crystal_grow.temp_details    ? 
_exptl_crystal_grow.pdbx_details    
;equal volumes of protein solution (7.5 mg/ml) and well solution (0.1M MES, pH 6.3, 15% (w/v) PEG 5000MME) were combined., VAPOR DIFFUSION, HANGING DROP, temperature 293K
;
_exptl_crystal_grow.pdbx_pH_range   ? 
# 
_diffrn.id                     1 
_diffrn.ambient_temp           100 
_diffrn.ambient_temp_details   ? 
_diffrn.crystal_id             1 
# 
_diffrn_detector.diffrn_id              1 
_diffrn_detector.detector               CCD 
_diffrn_detector.type                   'MARMOSAIC 300 mm CCD' 
_diffrn_detector.pdbx_collection_date   2008-02-20 
_diffrn_detector.details                ? 
# 
_diffrn_radiation.diffrn_id                        1 
_diffrn_radiation.wavelength_id                    1 
_diffrn_radiation.pdbx_diffrn_protocol             MAD 
_diffrn_radiation.monochromator                    ? 
_diffrn_radiation.pdbx_monochromatic_or_laue_m_l   M 
_diffrn_radiation.pdbx_scattering_type             x-ray 
# 
loop_
_diffrn_radiation_wavelength.id 
_diffrn_radiation_wavelength.wavelength 
_diffrn_radiation_wavelength.wt 
1 0.97945 1.0 
2 0.97959 1.0 
3 0.94945 1.0 
# 
_diffrn_source.diffrn_id                   1 
_diffrn_source.source                      SYNCHROTRON 
_diffrn_source.type                        'APS BEAMLINE 23-ID-D' 
_diffrn_source.pdbx_wavelength             ? 
_diffrn_source.pdbx_wavelength_list        '0.97945, 0.97959, 0.94945' 
_diffrn_source.pdbx_synchrotron_site       APS 
_diffrn_source.pdbx_synchrotron_beamline   23-ID-D 
# 
_reflns.entry_id                     3FYR 
_reflns.d_resolution_high            1.970 
_reflns.d_resolution_low             50.000 
_reflns.number_obs                   8936 
_reflns.pdbx_Rmerge_I_obs            0.060 
_reflns.pdbx_netI_over_sigmaI        14.873 
_reflns.pdbx_chi_squared             1.005 
_reflns.pdbx_redundancy              3.600 
_reflns.percent_possible_obs         99.500 
_reflns.observed_criterion_sigma_F   ? 
_reflns.observed_criterion_sigma_I   ? 
_reflns.number_all                   ? 
_reflns.pdbx_Rsym_value              ? 
_reflns.B_iso_Wilson_estimate        ? 
_reflns.R_free_details               ? 
_reflns.limit_h_max                  ? 
_reflns.limit_h_min                  ? 
_reflns.limit_k_max                  ? 
_reflns.limit_k_min                  ? 
_reflns.limit_l_max                  ? 
_reflns.limit_l_min                  ? 
_reflns.observed_criterion_F_max     ? 
_reflns.observed_criterion_F_min     ? 
_reflns.pdbx_scaling_rejects         ? 
_reflns.pdbx_diffrn_id               1 
_reflns.pdbx_ordinal                 1 
# 
_reflns_shell.d_res_high             1.97 
_reflns_shell.d_res_low              2.04 
_reflns_shell.number_measured_obs    ? 
_reflns_shell.number_measured_all    ? 
_reflns_shell.number_unique_obs      ? 
_reflns_shell.Rmerge_I_obs           0.564 
_reflns_shell.meanI_over_sigI_obs    2.0 
_reflns_shell.pdbx_Rsym_value        ? 
_reflns_shell.pdbx_chi_squared       1.029 
_reflns_shell.pdbx_redundancy        3.10 
_reflns_shell.percent_possible_obs   ? 
_reflns_shell.number_unique_all      1577 
_reflns_shell.percent_possible_all   99.90 
_reflns_shell.pdbx_diffrn_id         ? 
_reflns_shell.pdbx_ordinal           1 
# 
_refine.entry_id                                 3FYR 
_refine.ls_d_res_high                            1.970 
_refine.ls_d_res_low                             27.69 
_refine.pdbx_ls_sigma_F                          0.00 
_refine.ls_percent_reflns_obs                    99.340 
_refine.ls_number_reflns_obs                     8860 
_refine.pdbx_ls_cross_valid_method               THROUGHOUT 
_refine.pdbx_R_Free_selection_details            RANDOM 
_refine.details                                  
'HYDROGENS HAVE BEEN ADDED IN THE RIDING POSITIONS; U VALUES : REFINED INDIVIDUALLY' 
_refine.ls_R_factor_obs                          0.238 
_refine.ls_R_factor_R_work                       0.234 
_refine.ls_wR_factor_R_work                      0.265 
_refine.ls_R_factor_R_free                       0.304 
_refine.ls_wR_factor_R_free                      0.325 
_refine.ls_percent_reflns_R_free                 4.700 
_refine.ls_number_reflns_R_free                  420 
_refine.B_iso_mean                               37.902 
_refine.aniso_B[1][1]                            0.690 
_refine.aniso_B[2][2]                            0.690 
_refine.aniso_B[3][3]                            -1.380 
_refine.aniso_B[1][2]                            0.000 
_refine.aniso_B[1][3]                            0.000 
_refine.aniso_B[2][3]                            0.000 
_refine.correlation_coeff_Fo_to_Fc               0.938 
_refine.correlation_coeff_Fo_to_Fc_free          0.879 
_refine.overall_SU_R_Cruickshank_DPI             0.201 
_refine.overall_SU_R_free                        0.198 
_refine.pdbx_overall_ESU_R                       0.201 
_refine.pdbx_overall_ESU_R_Free                  0.198 
_refine.overall_SU_ML                            0.136 
_refine.overall_SU_B                             4.771 
_refine.solvent_model_details                    MASK 
_refine.pdbx_solvent_vdw_probe_radii             1.200 
_refine.pdbx_solvent_ion_probe_radii             0.800 
_refine.pdbx_solvent_shrinkage_radii             0.800 
_refine.pdbx_method_to_determine_struct          MAD 
_refine.pdbx_stereochemistry_target_values       'MAXIMUM LIKELIHOOD' 
_refine.overall_FOM_work_R_set                   0.796 
_refine.B_iso_max                                77.98 
_refine.B_iso_min                                21.37 
_refine.occupancy_max                            1.00 
_refine.occupancy_min                            1.00 
_refine.pdbx_ls_sigma_I                          ? 
_refine.ls_number_reflns_all                     ? 
_refine.ls_R_factor_all                          ? 
_refine.ls_redundancy_reflns_obs                 ? 
_refine.pdbx_data_cutoff_high_absF               ? 
_refine.pdbx_data_cutoff_low_absF                ? 
_refine.ls_number_parameters                     ? 
_refine.ls_number_restraints                     ? 
_refine.ls_R_factor_R_free_error                 ? 
_refine.ls_R_factor_R_free_error_details         ? 
_refine.pdbx_starting_model                      ? 
_refine.pdbx_stereochem_target_val_spec_case     ? 
_refine.solvent_model_param_bsol                 ? 
_refine.solvent_model_param_ksol                 ? 
_refine.pdbx_isotropic_thermal_model             ? 
_refine.pdbx_data_cutoff_high_rms_absF           ? 
_refine.overall_FOM_free_R_set                   ? 
_refine.pdbx_overall_phase_error                 ? 
_refine.pdbx_refine_id                           'X-RAY DIFFRACTION' 
_refine.pdbx_diffrn_id                           1 
_refine.pdbx_TLS_residual_ADP_flag               ? 
_refine.pdbx_overall_SU_R_free_Cruickshank_DPI   ? 
_refine.pdbx_overall_SU_R_Blow_DPI               ? 
_refine.pdbx_overall_SU_R_free_Blow_DPI          ? 
# 
_refine_hist.pdbx_refine_id                   'X-RAY DIFFRACTION' 
_refine_hist.cycle_id                         LAST 
_refine_hist.pdbx_number_atoms_protein        880 
_refine_hist.pdbx_number_atoms_nucleic_acid   0 
_refine_hist.pdbx_number_atoms_ligand         0 
_refine_hist.number_atoms_solvent             8 
_refine_hist.number_atoms_total               888 
_refine_hist.d_res_high                       1.970 
_refine_hist.d_res_low                        27.69 
# 
loop_
_refine_ls_restr.type 
_refine_ls_restr.number 
_refine_ls_restr.dev_ideal 
_refine_ls_restr.dev_ideal_target 
_refine_ls_restr.weight 
_refine_ls_restr.pdbx_refine_id 
_refine_ls_restr.pdbx_restraint_function 
r_bond_refined_d       887  0.010  0.022  ? 'X-RAY DIFFRACTION' ? 
r_bond_other_d         596  0.001  0.020  ? 'X-RAY DIFFRACTION' ? 
r_angle_refined_deg    1190 1.074  1.986  ? 'X-RAY DIFFRACTION' ? 
r_angle_other_deg      1448 0.866  3.000  ? 'X-RAY DIFFRACTION' ? 
r_dihedral_angle_1_deg 111  4.150  5.000  ? 'X-RAY DIFFRACTION' ? 
r_dihedral_angle_2_deg 39   26.584 23.333 ? 'X-RAY DIFFRACTION' ? 
r_dihedral_angle_3_deg 163  14.848 15.000 ? 'X-RAY DIFFRACTION' ? 
r_dihedral_angle_4_deg 8    9.248  15.000 ? 'X-RAY DIFFRACTION' ? 
r_chiral_restr         143  0.058  0.200  ? 'X-RAY DIFFRACTION' ? 
r_gen_planes_refined   973  0.003  0.020  ? 'X-RAY DIFFRACTION' ? 
r_gen_planes_other     187  0.001  0.020  ? 'X-RAY DIFFRACTION' ? 
r_mcbond_it            566  2.041  2.000  ? 'X-RAY DIFFRACTION' ? 
r_mcbond_other         226  0.601  2.000  ? 'X-RAY DIFFRACTION' ? 
r_mcangle_it           889  3.282  3.000  ? 'X-RAY DIFFRACTION' ? 
r_scbond_it            321  5.052  4.000  ? 'X-RAY DIFFRACTION' ? 
r_scangle_it           301  7.699  6.000  ? 'X-RAY DIFFRACTION' ? 
# 
_refine_ls_shell.d_res_high                       1.971 
_refine_ls_shell.d_res_low                        2.022 
_refine_ls_shell.pdbx_total_number_of_bins_used   20 
_refine_ls_shell.percent_reflns_obs               99.520 
_refine_ls_shell.number_reflns_R_work             596 
_refine_ls_shell.R_factor_all                     ? 
_refine_ls_shell.R_factor_R_work                  0.294 
_refine_ls_shell.R_factor_R_free                  0.339 
_refine_ls_shell.percent_reflns_R_free            ? 
_refine_ls_shell.number_reflns_R_free             31 
_refine_ls_shell.R_factor_R_free_error            ? 
_refine_ls_shell.number_reflns_all                627 
_refine_ls_shell.number_reflns_obs                ? 
_refine_ls_shell.redundancy_reflns_obs            ? 
_refine_ls_shell.pdbx_refine_id                   'X-RAY DIFFRACTION' 
# 
_struct.entry_id                  3FYR 
_struct.title                     'Crystal structure of the sporulation histidine kinase inhibitor Sda from Bacillus subtilis' 
_struct.pdbx_model_details        ? 
_struct.pdbx_CASP_flag            ? 
_struct.pdbx_model_type_details   ? 
# 
_struct_keywords.entry_id        3FYR 
_struct_keywords.pdbx_keywords   'Transferase inhibitor' 
_struct_keywords.text            
;helical hairpin, histidine kinase inhibitor, sporulation regulation, Alternative initiation, Protein kinase inhibitor, Sporulation, Transferase inhibitor
;
# 
loop_
_struct_asym.id 
_struct_asym.pdbx_blank_PDB_chainid_flag 
_struct_asym.pdbx_modified 
_struct_asym.entity_id 
_struct_asym.details 
A N N 1 ? 
B N N 1 ? 
C N N 1 ? 
D N N 2 ? 
E N N 2 ? 
F N N 2 ? 
# 
_struct_ref.id                         1 
_struct_ref.db_name                    UNP 
_struct_ref.db_code                    SDA_BACSU 
_struct_ref.pdbx_db_accession          Q7WY62 
_struct_ref.entity_id                  1 
_struct_ref.pdbx_seq_one_letter_code   MRKLSDELLIESYFKATEMNLNRDFIELIENEIKRRSLGHIISVSS 
_struct_ref.pdbx_align_begin           7 
_struct_ref.pdbx_db_isoform            ? 
# 
loop_
_struct_ref_seq.align_id 
_struct_ref_seq.ref_id 
_struct_ref_seq.pdbx_PDB_id_code 
_struct_ref_seq.pdbx_strand_id 
_struct_ref_seq.seq_align_beg 
_struct_ref_seq.pdbx_seq_align_beg_ins_code 
_struct_ref_seq.seq_align_end 
_struct_ref_seq.pdbx_seq_align_end_ins_code 
_struct_ref_seq.pdbx_db_accession 
_struct_ref_seq.db_align_beg 
_struct_ref_seq.pdbx_db_align_beg_ins_code 
_struct_ref_seq.db_align_end 
_struct_ref_seq.pdbx_db_align_end_ins_code 
_struct_ref_seq.pdbx_auth_seq_align_beg 
_struct_ref_seq.pdbx_auth_seq_align_end 
1 1 3FYR A 3 ? 48 ? Q7WY62 7 ? 52 ? 1 46 
2 1 3FYR B 3 ? 48 ? Q7WY62 7 ? 52 ? 1 46 
3 1 3FYR C 3 ? 48 ? Q7WY62 7 ? 52 ? 1 46 
# 
loop_
_struct_ref_seq_dif.align_id 
_struct_ref_seq_dif.pdbx_pdb_id_code 
_struct_ref_seq_dif.mon_id 
_struct_ref_seq_dif.pdbx_pdb_strand_id 
_struct_ref_seq_dif.seq_num 
_struct_ref_seq_dif.pdbx_pdb_ins_code 
_struct_ref_seq_dif.pdbx_seq_db_name 
_struct_ref_seq_dif.pdbx_seq_db_accession_code 
_struct_ref_seq_dif.db_mon_id 
_struct_ref_seq_dif.pdbx_seq_db_seq_num 
_struct_ref_seq_dif.details 
_struct_ref_seq_dif.pdbx_auth_seq_num 
_struct_ref_seq_dif.pdbx_ordinal 
1 3FYR GLY A 1 ? UNP Q7WY62 ? ? 'expression tag' -1 1 
1 3FYR SER A 2 ? UNP Q7WY62 ? ? 'expression tag' 0  2 
2 3FYR GLY B 1 ? UNP Q7WY62 ? ? 'expression tag' -1 3 
2 3FYR SER B 2 ? UNP Q7WY62 ? ? 'expression tag' 0  4 
3 3FYR GLY C 1 ? UNP Q7WY62 ? ? 'expression tag' -1 5 
3 3FYR SER C 2 ? UNP Q7WY62 ? ? 'expression tag' 0  6 
# 
loop_
_pdbx_struct_assembly.id 
_pdbx_struct_assembly.details 
_pdbx_struct_assembly.method_details 
_pdbx_struct_assembly.oligomeric_details 
_pdbx_struct_assembly.oligomeric_count 
1 author_and_software_defined_assembly PISA trimeric  3 
2 software_defined_assembly            PISA hexameric 6 
# 
loop_
_pdbx_struct_assembly_prop.biol_id 
_pdbx_struct_assembly_prop.type 
_pdbx_struct_assembly_prop.value 
_pdbx_struct_assembly_prop.details 
1 'ABSA (A^2)' 2270  ? 
1 MORE         -22   ? 
1 'SSA (A^2)'  6430  ? 
2 'ABSA (A^2)' 6360  ? 
2 MORE         -65   ? 
2 'SSA (A^2)'  11030 ? 
# 
loop_
_pdbx_struct_assembly_gen.assembly_id 
_pdbx_struct_assembly_gen.oper_expression 
_pdbx_struct_assembly_gen.asym_id_list 
1 1   A,B,C,D,E,F 
2 1,2 A,B,C,D,E,F 
# 
loop_
_pdbx_struct_oper_list.id 
_pdbx_struct_oper_list.type 
_pdbx_struct_oper_list.name 
_pdbx_struct_oper_list.symmetry_operation 
_pdbx_struct_oper_list.matrix[1][1] 
_pdbx_struct_oper_list.matrix[1][2] 
_pdbx_struct_oper_list.matrix[1][3] 
_pdbx_struct_oper_list.vector[1] 
_pdbx_struct_oper_list.matrix[2][1] 
_pdbx_struct_oper_list.matrix[2][2] 
_pdbx_struct_oper_list.matrix[2][3] 
_pdbx_struct_oper_list.vector[2] 
_pdbx_struct_oper_list.matrix[3][1] 
_pdbx_struct_oper_list.matrix[3][2] 
_pdbx_struct_oper_list.matrix[3][3] 
_pdbx_struct_oper_list.vector[3] 
1 'identity operation'         1_555 x,y,z    1.0000000000  0.0000000000 0.0000000000  0.0000000000   0.0000000000 1.0000000000  0.0000000000  0.0000000000   0.0000000000  0.0000000000  1.0000000000 0.0000000000   
2 'crystal symmetry operation' 7_556 y,x,-z+1 -0.8798376851 0.2192138240 -0.4217000680 -16.3583504935 0.2192138240 -0.6000850962 -0.7693134450 -10.2932857603 -0.4217000680 -0.7693134450 0.4799227813 -10.0120633529 
# 
_struct_biol.id        1 
_struct_biol.details   
;THE DEPOSITORS HAVE IN DEPENDANT DATA WHICH SUGGESTS THAT IN SOLUTION THE OLIGOMERIC STATE OF THE ASU (IE AN ODD-LOOKING TRIMER) BEST FITS SAXS DATA OF THE PROTEIN IN SOLUTION.
;
# 
loop_
_struct_conf.conf_type_id 
_struct_conf.id 
_struct_conf.pdbx_PDB_helix_id 
_struct_conf.beg_label_comp_id 
_struct_conf.beg_label_asym_id 
_struct_conf.beg_label_seq_id 
_struct_conf.pdbx_beg_PDB_ins_code 
_struct_conf.end_label_comp_id 
_struct_conf.end_label_asym_id 
_struct_conf.end_label_seq_id 
_struct_conf.pdbx_end_PDB_ins_code 
_struct_conf.beg_auth_comp_id 
_struct_conf.beg_auth_asym_id 
_struct_conf.beg_auth_seq_id 
_struct_conf.end_auth_comp_id 
_struct_conf.end_auth_asym_id 
_struct_conf.end_auth_seq_id 
_struct_conf.pdbx_PDB_helix_class 
_struct_conf.details 
_struct_conf.pdbx_PDB_helix_length 
HELX_P HELX_P1 1 SER A 7  ? MSE A 21 ? SER A 5  MSE A 19 1 ? 15 
HELX_P HELX_P2 2 ASN A 24 ? LEU A 40 ? ASN A 22 LEU A 38 1 ? 17 
HELX_P HELX_P3 3 SER B 7  ? MSE B 21 ? SER B 5  MSE B 19 1 ? 15 
HELX_P HELX_P4 4 ASN B 24 ? SER B 39 ? ASN B 22 SER B 37 1 ? 16 
HELX_P HELX_P5 5 SER C 7  ? MSE C 21 ? SER C 5  MSE C 19 1 ? 15 
HELX_P HELX_P6 6 ASN C 24 ? ARG C 38 ? ASN C 22 ARG C 36 1 ? 15 
# 
_struct_conf_type.id          HELX_P 
_struct_conf_type.criteria    ? 
_struct_conf_type.reference   ? 
# 
loop_
_struct_conn.id 
_struct_conn.conn_type_id 
_struct_conn.pdbx_leaving_atom_flag 
_struct_conn.pdbx_PDB_id 
_struct_conn.ptnr1_label_asym_id 
_struct_conn.ptnr1_label_comp_id 
_struct_conn.ptnr1_label_seq_id 
_struct_conn.ptnr1_label_atom_id 
_struct_conn.pdbx_ptnr1_label_alt_id 
_struct_conn.pdbx_ptnr1_PDB_ins_code 
_struct_conn.pdbx_ptnr1_standard_comp_id 
_struct_conn.ptnr1_symmetry 
_struct_conn.ptnr2_label_asym_id 
_struct_conn.ptnr2_label_comp_id 
_struct_conn.ptnr2_label_seq_id 
_struct_conn.ptnr2_label_atom_id 
_struct_conn.pdbx_ptnr2_label_alt_id 
_struct_conn.pdbx_ptnr2_PDB_ins_code 
_struct_conn.ptnr1_auth_asym_id 
_struct_conn.ptnr1_auth_comp_id 
_struct_conn.ptnr1_auth_seq_id 
_struct_conn.ptnr2_auth_asym_id 
_struct_conn.ptnr2_auth_comp_id 
_struct_conn.ptnr2_auth_seq_id 
_struct_conn.ptnr2_symmetry 
_struct_conn.pdbx_ptnr3_label_atom_id 
_struct_conn.pdbx_ptnr3_label_seq_id 
_struct_conn.pdbx_ptnr3_label_comp_id 
_struct_conn.pdbx_ptnr3_label_asym_id 
_struct_conn.pdbx_ptnr3_label_alt_id 
_struct_conn.pdbx_ptnr3_PDB_ins_code 
_struct_conn.details 
_struct_conn.pdbx_dist_value 
_struct_conn.pdbx_value_order 
_struct_conn.pdbx_role 
covale1 covale both ? A MSE 3  C ? ? ? 1_555 A ARG 4  N ? ? A MSE 1  A ARG 2  1_555 ? ? ? ? ? ? ? 1.329 ? ? 
covale2 covale both ? A GLU 20 C ? ? ? 1_555 A MSE 21 N ? ? A GLU 18 A MSE 19 1_555 ? ? ? ? ? ? ? 1.329 ? ? 
covale3 covale both ? A MSE 21 C ? ? ? 1_555 A ASN 22 N ? ? A MSE 19 A ASN 20 1_555 ? ? ? ? ? ? ? 1.332 ? ? 
covale4 covale both ? B MSE 3  C ? ? ? 1_555 B ARG 4  N ? ? B MSE 1  B ARG 2  1_555 ? ? ? ? ? ? ? 1.332 ? ? 
covale5 covale both ? B GLU 20 C ? ? ? 1_555 B MSE 21 N ? ? B GLU 18 B MSE 19 1_555 ? ? ? ? ? ? ? 1.327 ? ? 
covale6 covale both ? B MSE 21 C ? ? ? 1_555 B ASN 22 N ? ? B MSE 19 B ASN 20 1_555 ? ? ? ? ? ? ? 1.331 ? ? 
covale7 covale both ? C GLU 20 C ? ? ? 1_555 C MSE 21 N ? ? C GLU 18 C MSE 19 1_555 ? ? ? ? ? ? ? 1.331 ? ? 
covale8 covale both ? C MSE 21 C ? ? ? 1_555 C ASN 22 N ? ? C MSE 19 C ASN 20 1_555 ? ? ? ? ? ? ? 1.332 ? ? 
# 
_struct_conn_type.id          covale 
_struct_conn_type.criteria    ? 
_struct_conn_type.reference   ? 
# 
loop_
_pdbx_modification_feature.ordinal 
_pdbx_modification_feature.label_comp_id 
_pdbx_modification_feature.label_asym_id 
_pdbx_modification_feature.label_seq_id 
_pdbx_modification_feature.label_alt_id 
_pdbx_modification_feature.modified_residue_label_comp_id 
_pdbx_modification_feature.modified_residue_label_asym_id 
_pdbx_modification_feature.modified_residue_label_seq_id 
_pdbx_modification_feature.modified_residue_label_alt_id 
_pdbx_modification_feature.auth_comp_id 
_pdbx_modification_feature.auth_asym_id 
_pdbx_modification_feature.auth_seq_id 
_pdbx_modification_feature.PDB_ins_code 
_pdbx_modification_feature.symmetry 
_pdbx_modification_feature.modified_residue_auth_comp_id 
_pdbx_modification_feature.modified_residue_auth_asym_id 
_pdbx_modification_feature.modified_residue_auth_seq_id 
_pdbx_modification_feature.modified_residue_PDB_ins_code 
_pdbx_modification_feature.modified_residue_symmetry 
_pdbx_modification_feature.comp_id_linking_atom 
_pdbx_modification_feature.modified_residue_id_linking_atom 
_pdbx_modification_feature.modified_residue_id 
_pdbx_modification_feature.ref_pcm_id 
_pdbx_modification_feature.ref_comp_id 
_pdbx_modification_feature.type 
_pdbx_modification_feature.category 
1 MSE A 3  ? . . . . MSE A 1  ? 1_555 . . . . . . . MET 1 MSE Selenomethionine 'Named protein modification' 
2 MSE A 21 ? . . . . MSE A 19 ? 1_555 . . . . . . . MET 1 MSE Selenomethionine 'Named protein modification' 
3 MSE B 3  ? . . . . MSE B 1  ? 1_555 . . . . . . . MET 1 MSE Selenomethionine 'Named protein modification' 
4 MSE B 21 ? . . . . MSE B 19 ? 1_555 . . . . . . . MET 1 MSE Selenomethionine 'Named protein modification' 
5 MSE C 21 ? . . . . MSE C 19 ? 1_555 . . . . . . . MET 1 MSE Selenomethionine 'Named protein modification' 
# 
_pdbx_entry_details.entry_id                   3FYR 
_pdbx_entry_details.sequence_details           
;THE FIRST 6 RESIDUES, MNWVPS, ARE MISSING IN NATURAL ACCORDING TO REFERENCE 2, SDA_BACSU IN UNIPROT. THERE IS AN ALTERNATE START CODON WHICH THE DEPOSITORS BELIEVE IS SELDOM USED, HENCE THE NUMBERING THEY HAVE EMPLOYED.
;
_pdbx_entry_details.compound_details           ? 
_pdbx_entry_details.source_details             ? 
_pdbx_entry_details.nonpolymer_details         ? 
_pdbx_entry_details.has_ligand_of_interest     ? 
_pdbx_entry_details.has_protein_modification   Y 
# 
loop_
_pdbx_validate_torsion.id 
_pdbx_validate_torsion.PDB_model_num 
_pdbx_validate_torsion.auth_comp_id 
_pdbx_validate_torsion.auth_asym_id 
_pdbx_validate_torsion.auth_seq_id 
_pdbx_validate_torsion.PDB_ins_code 
_pdbx_validate_torsion.label_alt_id 
_pdbx_validate_torsion.phi 
_pdbx_validate_torsion.psi 
1 1 ASN B 22 ? ? -36.87 125.49 
2 1 HIS C 40 ? ? -66.19 6.28   
# 
loop_
_pdbx_struct_mod_residue.id 
_pdbx_struct_mod_residue.label_asym_id 
_pdbx_struct_mod_residue.label_comp_id 
_pdbx_struct_mod_residue.label_seq_id 
_pdbx_struct_mod_residue.auth_asym_id 
_pdbx_struct_mod_residue.auth_comp_id 
_pdbx_struct_mod_residue.auth_seq_id 
_pdbx_struct_mod_residue.PDB_ins_code 
_pdbx_struct_mod_residue.parent_comp_id 
_pdbx_struct_mod_residue.details 
1 A MSE 3  A MSE 1  ? MET SELENOMETHIONINE 
2 A MSE 21 A MSE 19 ? MET SELENOMETHIONINE 
3 B MSE 3  B MSE 1  ? MET SELENOMETHIONINE 
4 B MSE 21 B MSE 19 ? MET SELENOMETHIONINE 
5 C MSE 21 C MSE 19 ? MET SELENOMETHIONINE 
# 
_diffrn_reflns.diffrn_id                   1 
_diffrn_reflns.pdbx_d_res_high             1.970 
_diffrn_reflns.pdbx_d_res_low              50.000 
_diffrn_reflns.pdbx_number_obs             15638 
_diffrn_reflns.pdbx_Rmerge_I_obs           0.060 
_diffrn_reflns.pdbx_Rsym_value             ? 
_diffrn_reflns.pdbx_chi_squared            1.00 
_diffrn_reflns.av_sigmaI_over_netI         14.87 
_diffrn_reflns.pdbx_redundancy             3.60 
_diffrn_reflns.pdbx_percent_possible_obs   99.50 
_diffrn_reflns.number                      56720 
_diffrn_reflns.pdbx_observed_criterion     ? 
_diffrn_reflns.limit_h_max                 ? 
_diffrn_reflns.limit_h_min                 ? 
_diffrn_reflns.limit_k_max                 ? 
_diffrn_reflns.limit_k_min                 ? 
_diffrn_reflns.limit_l_max                 ? 
_diffrn_reflns.limit_l_min                 ? 
# 
loop_
_pdbx_diffrn_reflns_shell.diffrn_id 
_pdbx_diffrn_reflns_shell.d_res_high 
_pdbx_diffrn_reflns_shell.d_res_low 
_pdbx_diffrn_reflns_shell.number_obs 
_pdbx_diffrn_reflns_shell.rejects 
_pdbx_diffrn_reflns_shell.Rmerge_I_obs 
_pdbx_diffrn_reflns_shell.Rsym_value 
_pdbx_diffrn_reflns_shell.chi_squared 
_pdbx_diffrn_reflns_shell.redundancy 
_pdbx_diffrn_reflns_shell.percent_possible_obs 
1 1.97 2.04  ? ? 0.564 ? 1.029 3.10 99.90 
1 2.04 2.12  ? ? 0.415 ? 1.018 3.70 99.90 
1 2.12 2.22  ? ? 0.293 ? 1.024 3.60 99.90 
1 2.22 2.34  ? ? 0.202 ? 0.999 3.60 99.80 
1 2.34 2.48  ? ? 0.132 ? 1.009 3.50 99.90 
1 2.48 2.67  ? ? 0.100 ? 0.982 3.50 99.80 
1 2.67 2.94  ? ? 0.075 ? 0.983 3.50 99.50 
1 2.94 3.37  ? ? 0.054 ? 0.999 3.50 99.20 
1 3.37 4.24  ? ? 0.049 ? 0.934 3.70 98.80 
1 4.24 50.00 ? ? 0.035 ? 1.056 4.60 98.40 
# 
loop_
_pdbx_phasing_MAD_set_site.id 
_pdbx_phasing_MAD_set_site.atom_type_symbol 
_pdbx_phasing_MAD_set_site.occupancy 
_pdbx_phasing_MAD_set_site.fract_x 
_pdbx_phasing_MAD_set_site.fract_y 
_pdbx_phasing_MAD_set_site.fract_z 
_pdbx_phasing_MAD_set_site.b_iso 
1 Se 0.622 0.753 0.581 0.042 23.934 
2 Se 0.370 0.346 0.895 0.021 50.415 
3 Se 0.488 0.036 0.634 0.065 56.115 
# 
_phasing.method   MAD 
# 
_phasing_MAD_clust.id           1 
_phasing_MAD_clust.expt_id      '3 wavelength' 
_phasing_MAD_clust.number_set   ? 
# 
_phasing_MAD_expt.id         '3 wavelength' 
_phasing_MAD_expt.mean_fom   ? 
# 
loop_
_phasing_MAD_set.clust_id 
_phasing_MAD_set.expt_id 
_phasing_MAD_set.set_id 
_phasing_MAD_set.wavelength 
_phasing_MAD_set.pdbx_f_prime_refined 
_phasing_MAD_set.pdbx_f_double_prime_refined 
1 '3 wavelength' 1 0.9794 -7.71 6.18 
1 '3 wavelength' 2 0.9796 -9.86 3.68 
1 '3 wavelength' 3 0.9495 -4.15 3.32 
# 
loop_
_phasing_set.id 
_phasing_set.pdbx_d_res_high 
_phasing_set.pdbx_d_res_low 
1 . . 
2 . . 
3 . . 
# 
loop_
_pdbx_unobs_or_zero_occ_residues.id 
_pdbx_unobs_or_zero_occ_residues.PDB_model_num 
_pdbx_unobs_or_zero_occ_residues.polymer_flag 
_pdbx_unobs_or_zero_occ_residues.occupancy_flag 
_pdbx_unobs_or_zero_occ_residues.auth_asym_id 
_pdbx_unobs_or_zero_occ_residues.auth_comp_id 
_pdbx_unobs_or_zero_occ_residues.auth_seq_id 
_pdbx_unobs_or_zero_occ_residues.PDB_ins_code 
_pdbx_unobs_or_zero_occ_residues.label_asym_id 
_pdbx_unobs_or_zero_occ_residues.label_comp_id 
_pdbx_unobs_or_zero_occ_residues.label_seq_id 
1  1 Y 1 A GLY -1 ? A GLY 1  
2  1 Y 1 A SER 0  ? A SER 2  
3  1 Y 1 A GLY 39 ? A GLY 41 
4  1 Y 1 A HIS 40 ? A HIS 42 
5  1 Y 1 A ILE 41 ? A ILE 43 
6  1 Y 1 A ILE 42 ? A ILE 44 
7  1 Y 1 A SER 43 ? A SER 45 
8  1 Y 1 A VAL 44 ? A VAL 46 
9  1 Y 1 A SER 45 ? A SER 47 
10 1 Y 1 A SER 46 ? A SER 48 
11 1 Y 1 B GLY -1 ? B GLY 1  
12 1 Y 1 B SER 0  ? B SER 2  
13 1 Y 1 B LEU 38 ? B LEU 40 
14 1 Y 1 B GLY 39 ? B GLY 41 
15 1 Y 1 B HIS 40 ? B HIS 42 
16 1 Y 1 B ILE 41 ? B ILE 43 
17 1 Y 1 B ILE 42 ? B ILE 44 
18 1 Y 1 B SER 43 ? B SER 45 
19 1 Y 1 B VAL 44 ? B VAL 46 
20 1 Y 1 B SER 45 ? B SER 47 
21 1 Y 1 B SER 46 ? B SER 48 
22 1 Y 1 C GLY -1 ? C GLY 1  
23 1 Y 1 C SER 0  ? C SER 2  
24 1 Y 1 C MSE 1  ? C MSE 3  
25 1 Y 1 C ARG 2  ? C ARG 4  
26 1 Y 1 C ILE 42 ? C ILE 44 
27 1 Y 1 C SER 43 ? C SER 45 
28 1 Y 1 C VAL 44 ? C VAL 46 
29 1 Y 1 C SER 45 ? C SER 47 
30 1 Y 1 C SER 46 ? C SER 48 
# 
loop_
_chem_comp_atom.comp_id 
_chem_comp_atom.atom_id 
_chem_comp_atom.type_symbol 
_chem_comp_atom.pdbx_aromatic_flag 
_chem_comp_atom.pdbx_stereo_config 
_chem_comp_atom.pdbx_ordinal 
ALA N    N  N N 1   
ALA CA   C  N S 2   
ALA C    C  N N 3   
ALA O    O  N N 4   
ALA CB   C  N N 5   
ALA OXT  O  N N 6   
ALA H    H  N N 7   
ALA H2   H  N N 8   
ALA HA   H  N N 9   
ALA HB1  H  N N 10  
ALA HB2  H  N N 11  
ALA HB3  H  N N 12  
ALA HXT  H  N N 13  
ARG N    N  N N 14  
ARG CA   C  N S 15  
ARG C    C  N N 16  
ARG O    O  N N 17  
ARG CB   C  N N 18  
ARG CG   C  N N 19  
ARG CD   C  N N 20  
ARG NE   N  N N 21  
ARG CZ   C  N N 22  
ARG NH1  N  N N 23  
ARG NH2  N  N N 24  
ARG OXT  O  N N 25  
ARG H    H  N N 26  
ARG H2   H  N N 27  
ARG HA   H  N N 28  
ARG HB2  H  N N 29  
ARG HB3  H  N N 30  
ARG HG2  H  N N 31  
ARG HG3  H  N N 32  
ARG HD2  H  N N 33  
ARG HD3  H  N N 34  
ARG HE   H  N N 35  
ARG HH11 H  N N 36  
ARG HH12 H  N N 37  
ARG HH21 H  N N 38  
ARG HH22 H  N N 39  
ARG HXT  H  N N 40  
ASN N    N  N N 41  
ASN CA   C  N S 42  
ASN C    C  N N 43  
ASN O    O  N N 44  
ASN CB   C  N N 45  
ASN CG   C  N N 46  
ASN OD1  O  N N 47  
ASN ND2  N  N N 48  
ASN OXT  O  N N 49  
ASN H    H  N N 50  
ASN H2   H  N N 51  
ASN HA   H  N N 52  
ASN HB2  H  N N 53  
ASN HB3  H  N N 54  
ASN HD21 H  N N 55  
ASN HD22 H  N N 56  
ASN HXT  H  N N 57  
ASP N    N  N N 58  
ASP CA   C  N S 59  
ASP C    C  N N 60  
ASP O    O  N N 61  
ASP CB   C  N N 62  
ASP CG   C  N N 63  
ASP OD1  O  N N 64  
ASP OD2  O  N N 65  
ASP OXT  O  N N 66  
ASP H    H  N N 67  
ASP H2   H  N N 68  
ASP HA   H  N N 69  
ASP HB2  H  N N 70  
ASP HB3  H  N N 71  
ASP HD2  H  N N 72  
ASP HXT  H  N N 73  
GLU N    N  N N 74  
GLU CA   C  N S 75  
GLU C    C  N N 76  
GLU O    O  N N 77  
GLU CB   C  N N 78  
GLU CG   C  N N 79  
GLU CD   C  N N 80  
GLU OE1  O  N N 81  
GLU OE2  O  N N 82  
GLU OXT  O  N N 83  
GLU H    H  N N 84  
GLU H2   H  N N 85  
GLU HA   H  N N 86  
GLU HB2  H  N N 87  
GLU HB3  H  N N 88  
GLU HG2  H  N N 89  
GLU HG3  H  N N 90  
GLU HE2  H  N N 91  
GLU HXT  H  N N 92  
GLY N    N  N N 93  
GLY CA   C  N N 94  
GLY C    C  N N 95  
GLY O    O  N N 96  
GLY OXT  O  N N 97  
GLY H    H  N N 98  
GLY H2   H  N N 99  
GLY HA2  H  N N 100 
GLY HA3  H  N N 101 
GLY HXT  H  N N 102 
HIS N    N  N N 103 
HIS CA   C  N S 104 
HIS C    C  N N 105 
HIS O    O  N N 106 
HIS CB   C  N N 107 
HIS CG   C  Y N 108 
HIS ND1  N  Y N 109 
HIS CD2  C  Y N 110 
HIS CE1  C  Y N 111 
HIS NE2  N  Y N 112 
HIS OXT  O  N N 113 
HIS H    H  N N 114 
HIS H2   H  N N 115 
HIS HA   H  N N 116 
HIS HB2  H  N N 117 
HIS HB3  H  N N 118 
HIS HD1  H  N N 119 
HIS HD2  H  N N 120 
HIS HE1  H  N N 121 
HIS HE2  H  N N 122 
HIS HXT  H  N N 123 
HOH O    O  N N 124 
HOH H1   H  N N 125 
HOH H2   H  N N 126 
ILE N    N  N N 127 
ILE CA   C  N S 128 
ILE C    C  N N 129 
ILE O    O  N N 130 
ILE CB   C  N S 131 
ILE CG1  C  N N 132 
ILE CG2  C  N N 133 
ILE CD1  C  N N 134 
ILE OXT  O  N N 135 
ILE H    H  N N 136 
ILE H2   H  N N 137 
ILE HA   H  N N 138 
ILE HB   H  N N 139 
ILE HG12 H  N N 140 
ILE HG13 H  N N 141 
ILE HG21 H  N N 142 
ILE HG22 H  N N 143 
ILE HG23 H  N N 144 
ILE HD11 H  N N 145 
ILE HD12 H  N N 146 
ILE HD13 H  N N 147 
ILE HXT  H  N N 148 
LEU N    N  N N 149 
LEU CA   C  N S 150 
LEU C    C  N N 151 
LEU O    O  N N 152 
LEU CB   C  N N 153 
LEU CG   C  N N 154 
LEU CD1  C  N N 155 
LEU CD2  C  N N 156 
LEU OXT  O  N N 157 
LEU H    H  N N 158 
LEU H2   H  N N 159 
LEU HA   H  N N 160 
LEU HB2  H  N N 161 
LEU HB3  H  N N 162 
LEU HG   H  N N 163 
LEU HD11 H  N N 164 
LEU HD12 H  N N 165 
LEU HD13 H  N N 166 
LEU HD21 H  N N 167 
LEU HD22 H  N N 168 
LEU HD23 H  N N 169 
LEU HXT  H  N N 170 
LYS N    N  N N 171 
LYS CA   C  N S 172 
LYS C    C  N N 173 
LYS O    O  N N 174 
LYS CB   C  N N 175 
LYS CG   C  N N 176 
LYS CD   C  N N 177 
LYS CE   C  N N 178 
LYS NZ   N  N N 179 
LYS OXT  O  N N 180 
LYS H    H  N N 181 
LYS H2   H  N N 182 
LYS HA   H  N N 183 
LYS HB2  H  N N 184 
LYS HB3  H  N N 185 
LYS HG2  H  N N 186 
LYS HG3  H  N N 187 
LYS HD2  H  N N 188 
LYS HD3  H  N N 189 
LYS HE2  H  N N 190 
LYS HE3  H  N N 191 
LYS HZ1  H  N N 192 
LYS HZ2  H  N N 193 
LYS HZ3  H  N N 194 
LYS HXT  H  N N 195 
MSE N    N  N N 196 
MSE CA   C  N S 197 
MSE C    C  N N 198 
MSE O    O  N N 199 
MSE OXT  O  N N 200 
MSE CB   C  N N 201 
MSE CG   C  N N 202 
MSE SE   SE N N 203 
MSE CE   C  N N 204 
MSE H    H  N N 205 
MSE H2   H  N N 206 
MSE HA   H  N N 207 
MSE HXT  H  N N 208 
MSE HB2  H  N N 209 
MSE HB3  H  N N 210 
MSE HG2  H  N N 211 
MSE HG3  H  N N 212 
MSE HE1  H  N N 213 
MSE HE2  H  N N 214 
MSE HE3  H  N N 215 
PHE N    N  N N 216 
PHE CA   C  N S 217 
PHE C    C  N N 218 
PHE O    O  N N 219 
PHE CB   C  N N 220 
PHE CG   C  Y N 221 
PHE CD1  C  Y N 222 
PHE CD2  C  Y N 223 
PHE CE1  C  Y N 224 
PHE CE2  C  Y N 225 
PHE CZ   C  Y N 226 
PHE OXT  O  N N 227 
PHE H    H  N N 228 
PHE H2   H  N N 229 
PHE HA   H  N N 230 
PHE HB2  H  N N 231 
PHE HB3  H  N N 232 
PHE HD1  H  N N 233 
PHE HD2  H  N N 234 
PHE HE1  H  N N 235 
PHE HE2  H  N N 236 
PHE HZ   H  N N 237 
PHE HXT  H  N N 238 
SER N    N  N N 239 
SER CA   C  N S 240 
SER C    C  N N 241 
SER O    O  N N 242 
SER CB   C  N N 243 
SER OG   O  N N 244 
SER OXT  O  N N 245 
SER H    H  N N 246 
SER H2   H  N N 247 
SER HA   H  N N 248 
SER HB2  H  N N 249 
SER HB3  H  N N 250 
SER HG   H  N N 251 
SER HXT  H  N N 252 
THR N    N  N N 253 
THR CA   C  N S 254 
THR C    C  N N 255 
THR O    O  N N 256 
THR CB   C  N R 257 
THR OG1  O  N N 258 
THR CG2  C  N N 259 
THR OXT  O  N N 260 
THR H    H  N N 261 
THR H2   H  N N 262 
THR HA   H  N N 263 
THR HB   H  N N 264 
THR HG1  H  N N 265 
THR HG21 H  N N 266 
THR HG22 H  N N 267 
THR HG23 H  N N 268 
THR HXT  H  N N 269 
TYR N    N  N N 270 
TYR CA   C  N S 271 
TYR C    C  N N 272 
TYR O    O  N N 273 
TYR CB   C  N N 274 
TYR CG   C  Y N 275 
TYR CD1  C  Y N 276 
TYR CD2  C  Y N 277 
TYR CE1  C  Y N 278 
TYR CE2  C  Y N 279 
TYR CZ   C  Y N 280 
TYR OH   O  N N 281 
TYR OXT  O  N N 282 
TYR H    H  N N 283 
TYR H2   H  N N 284 
TYR HA   H  N N 285 
TYR HB2  H  N N 286 
TYR HB3  H  N N 287 
TYR HD1  H  N N 288 
TYR HD2  H  N N 289 
TYR HE1  H  N N 290 
TYR HE2  H  N N 291 
TYR HH   H  N N 292 
TYR HXT  H  N N 293 
VAL N    N  N N 294 
VAL CA   C  N S 295 
VAL C    C  N N 296 
VAL O    O  N N 297 
VAL CB   C  N N 298 
VAL CG1  C  N N 299 
VAL CG2  C  N N 300 
VAL OXT  O  N N 301 
VAL H    H  N N 302 
VAL H2   H  N N 303 
VAL HA   H  N N 304 
VAL HB   H  N N 305 
VAL HG11 H  N N 306 
VAL HG12 H  N N 307 
VAL HG13 H  N N 308 
VAL HG21 H  N N 309 
VAL HG22 H  N N 310 
VAL HG23 H  N N 311 
VAL HXT  H  N N 312 
# 
loop_
_chem_comp_bond.comp_id 
_chem_comp_bond.atom_id_1 
_chem_comp_bond.atom_id_2 
_chem_comp_bond.value_order 
_chem_comp_bond.pdbx_aromatic_flag 
_chem_comp_bond.pdbx_stereo_config 
_chem_comp_bond.pdbx_ordinal 
ALA N   CA   sing N N 1   
ALA N   H    sing N N 2   
ALA N   H2   sing N N 3   
ALA CA  C    sing N N 4   
ALA CA  CB   sing N N 5   
ALA CA  HA   sing N N 6   
ALA C   O    doub N N 7   
ALA C   OXT  sing N N 8   
ALA CB  HB1  sing N N 9   
ALA CB  HB2  sing N N 10  
ALA CB  HB3  sing N N 11  
ALA OXT HXT  sing N N 12  
ARG N   CA   sing N N 13  
ARG N   H    sing N N 14  
ARG N   H2   sing N N 15  
ARG CA  C    sing N N 16  
ARG CA  CB   sing N N 17  
ARG CA  HA   sing N N 18  
ARG C   O    doub N N 19  
ARG C   OXT  sing N N 20  
ARG CB  CG   sing N N 21  
ARG CB  HB2  sing N N 22  
ARG CB  HB3  sing N N 23  
ARG CG  CD   sing N N 24  
ARG CG  HG2  sing N N 25  
ARG CG  HG3  sing N N 26  
ARG CD  NE   sing N N 27  
ARG CD  HD2  sing N N 28  
ARG CD  HD3  sing N N 29  
ARG NE  CZ   sing N N 30  
ARG NE  HE   sing N N 31  
ARG CZ  NH1  sing N N 32  
ARG CZ  NH2  doub N N 33  
ARG NH1 HH11 sing N N 34  
ARG NH1 HH12 sing N N 35  
ARG NH2 HH21 sing N N 36  
ARG NH2 HH22 sing N N 37  
ARG OXT HXT  sing N N 38  
ASN N   CA   sing N N 39  
ASN N   H    sing N N 40  
ASN N   H2   sing N N 41  
ASN CA  C    sing N N 42  
ASN CA  CB   sing N N 43  
ASN CA  HA   sing N N 44  
ASN C   O    doub N N 45  
ASN C   OXT  sing N N 46  
ASN CB  CG   sing N N 47  
ASN CB  HB2  sing N N 48  
ASN CB  HB3  sing N N 49  
ASN CG  OD1  doub N N 50  
ASN CG  ND2  sing N N 51  
ASN ND2 HD21 sing N N 52  
ASN ND2 HD22 sing N N 53  
ASN OXT HXT  sing N N 54  
ASP N   CA   sing N N 55  
ASP N   H    sing N N 56  
ASP N   H2   sing N N 57  
ASP CA  C    sing N N 58  
ASP CA  CB   sing N N 59  
ASP CA  HA   sing N N 60  
ASP C   O    doub N N 61  
ASP C   OXT  sing N N 62  
ASP CB  CG   sing N N 63  
ASP CB  HB2  sing N N 64  
ASP CB  HB3  sing N N 65  
ASP CG  OD1  doub N N 66  
ASP CG  OD2  sing N N 67  
ASP OD2 HD2  sing N N 68  
ASP OXT HXT  sing N N 69  
GLU N   CA   sing N N 70  
GLU N   H    sing N N 71  
GLU N   H2   sing N N 72  
GLU CA  C    sing N N 73  
GLU CA  CB   sing N N 74  
GLU CA  HA   sing N N 75  
GLU C   O    doub N N 76  
GLU C   OXT  sing N N 77  
GLU CB  CG   sing N N 78  
GLU CB  HB2  sing N N 79  
GLU CB  HB3  sing N N 80  
GLU CG  CD   sing N N 81  
GLU CG  HG2  sing N N 82  
GLU CG  HG3  sing N N 83  
GLU CD  OE1  doub N N 84  
GLU CD  OE2  sing N N 85  
GLU OE2 HE2  sing N N 86  
GLU OXT HXT  sing N N 87  
GLY N   CA   sing N N 88  
GLY N   H    sing N N 89  
GLY N   H2   sing N N 90  
GLY CA  C    sing N N 91  
GLY CA  HA2  sing N N 92  
GLY CA  HA3  sing N N 93  
GLY C   O    doub N N 94  
GLY C   OXT  sing N N 95  
GLY OXT HXT  sing N N 96  
HIS N   CA   sing N N 97  
HIS N   H    sing N N 98  
HIS N   H2   sing N N 99  
HIS CA  C    sing N N 100 
HIS CA  CB   sing N N 101 
HIS CA  HA   sing N N 102 
HIS C   O    doub N N 103 
HIS C   OXT  sing N N 104 
HIS CB  CG   sing N N 105 
HIS CB  HB2  sing N N 106 
HIS CB  HB3  sing N N 107 
HIS CG  ND1  sing Y N 108 
HIS CG  CD2  doub Y N 109 
HIS ND1 CE1  doub Y N 110 
HIS ND1 HD1  sing N N 111 
HIS CD2 NE2  sing Y N 112 
HIS CD2 HD2  sing N N 113 
HIS CE1 NE2  sing Y N 114 
HIS CE1 HE1  sing N N 115 
HIS NE2 HE2  sing N N 116 
HIS OXT HXT  sing N N 117 
HOH O   H1   sing N N 118 
HOH O   H2   sing N N 119 
ILE N   CA   sing N N 120 
ILE N   H    sing N N 121 
ILE N   H2   sing N N 122 
ILE CA  C    sing N N 123 
ILE CA  CB   sing N N 124 
ILE CA  HA   sing N N 125 
ILE C   O    doub N N 126 
ILE C   OXT  sing N N 127 
ILE CB  CG1  sing N N 128 
ILE CB  CG2  sing N N 129 
ILE CB  HB   sing N N 130 
ILE CG1 CD1  sing N N 131 
ILE CG1 HG12 sing N N 132 
ILE CG1 HG13 sing N N 133 
ILE CG2 HG21 sing N N 134 
ILE CG2 HG22 sing N N 135 
ILE CG2 HG23 sing N N 136 
ILE CD1 HD11 sing N N 137 
ILE CD1 HD12 sing N N 138 
ILE CD1 HD13 sing N N 139 
ILE OXT HXT  sing N N 140 
LEU N   CA   sing N N 141 
LEU N   H    sing N N 142 
LEU N   H2   sing N N 143 
LEU CA  C    sing N N 144 
LEU CA  CB   sing N N 145 
LEU CA  HA   sing N N 146 
LEU C   O    doub N N 147 
LEU C   OXT  sing N N 148 
LEU CB  CG   sing N N 149 
LEU CB  HB2  sing N N 150 
LEU CB  HB3  sing N N 151 
LEU CG  CD1  sing N N 152 
LEU CG  CD2  sing N N 153 
LEU CG  HG   sing N N 154 
LEU CD1 HD11 sing N N 155 
LEU CD1 HD12 sing N N 156 
LEU CD1 HD13 sing N N 157 
LEU CD2 HD21 sing N N 158 
LEU CD2 HD22 sing N N 159 
LEU CD2 HD23 sing N N 160 
LEU OXT HXT  sing N N 161 
LYS N   CA   sing N N 162 
LYS N   H    sing N N 163 
LYS N   H2   sing N N 164 
LYS CA  C    sing N N 165 
LYS CA  CB   sing N N 166 
LYS CA  HA   sing N N 167 
LYS C   O    doub N N 168 
LYS C   OXT  sing N N 169 
LYS CB  CG   sing N N 170 
LYS CB  HB2  sing N N 171 
LYS CB  HB3  sing N N 172 
LYS CG  CD   sing N N 173 
LYS CG  HG2  sing N N 174 
LYS CG  HG3  sing N N 175 
LYS CD  CE   sing N N 176 
LYS CD  HD2  sing N N 177 
LYS CD  HD3  sing N N 178 
LYS CE  NZ   sing N N 179 
LYS CE  HE2  sing N N 180 
LYS CE  HE3  sing N N 181 
LYS NZ  HZ1  sing N N 182 
LYS NZ  HZ2  sing N N 183 
LYS NZ  HZ3  sing N N 184 
LYS OXT HXT  sing N N 185 
MSE N   CA   sing N N 186 
MSE N   H    sing N N 187 
MSE N   H2   sing N N 188 
MSE CA  C    sing N N 189 
MSE CA  CB   sing N N 190 
MSE CA  HA   sing N N 191 
MSE C   O    doub N N 192 
MSE C   OXT  sing N N 193 
MSE OXT HXT  sing N N 194 
MSE CB  CG   sing N N 195 
MSE CB  HB2  sing N N 196 
MSE CB  HB3  sing N N 197 
MSE CG  SE   sing N N 198 
MSE CG  HG2  sing N N 199 
MSE CG  HG3  sing N N 200 
MSE SE  CE   sing N N 201 
MSE CE  HE1  sing N N 202 
MSE CE  HE2  sing N N 203 
MSE CE  HE3  sing N N 204 
PHE N   CA   sing N N 205 
PHE N   H    sing N N 206 
PHE N   H2   sing N N 207 
PHE CA  C    sing N N 208 
PHE CA  CB   sing N N 209 
PHE CA  HA   sing N N 210 
PHE C   O    doub N N 211 
PHE C   OXT  sing N N 212 
PHE CB  CG   sing N N 213 
PHE CB  HB2  sing N N 214 
PHE CB  HB3  sing N N 215 
PHE CG  CD1  doub Y N 216 
PHE CG  CD2  sing Y N 217 
PHE CD1 CE1  sing Y N 218 
PHE CD1 HD1  sing N N 219 
PHE CD2 CE2  doub Y N 220 
PHE CD2 HD2  sing N N 221 
PHE CE1 CZ   doub Y N 222 
PHE CE1 HE1  sing N N 223 
PHE CE2 CZ   sing Y N 224 
PHE CE2 HE2  sing N N 225 
PHE CZ  HZ   sing N N 226 
PHE OXT HXT  sing N N 227 
SER N   CA   sing N N 228 
SER N   H    sing N N 229 
SER N   H2   sing N N 230 
SER CA  C    sing N N 231 
SER CA  CB   sing N N 232 
SER CA  HA   sing N N 233 
SER C   O    doub N N 234 
SER C   OXT  sing N N 235 
SER CB  OG   sing N N 236 
SER CB  HB2  sing N N 237 
SER CB  HB3  sing N N 238 
SER OG  HG   sing N N 239 
SER OXT HXT  sing N N 240 
THR N   CA   sing N N 241 
THR N   H    sing N N 242 
THR N   H2   sing N N 243 
THR CA  C    sing N N 244 
THR CA  CB   sing N N 245 
THR CA  HA   sing N N 246 
THR C   O    doub N N 247 
THR C   OXT  sing N N 248 
THR CB  OG1  sing N N 249 
THR CB  CG2  sing N N 250 
THR CB  HB   sing N N 251 
THR OG1 HG1  sing N N 252 
THR CG2 HG21 sing N N 253 
THR CG2 HG22 sing N N 254 
THR CG2 HG23 sing N N 255 
THR OXT HXT  sing N N 256 
TYR N   CA   sing N N 257 
TYR N   H    sing N N 258 
TYR N   H2   sing N N 259 
TYR CA  C    sing N N 260 
TYR CA  CB   sing N N 261 
TYR CA  HA   sing N N 262 
TYR C   O    doub N N 263 
TYR C   OXT  sing N N 264 
TYR CB  CG   sing N N 265 
TYR CB  HB2  sing N N 266 
TYR CB  HB3  sing N N 267 
TYR CG  CD1  doub Y N 268 
TYR CG  CD2  sing Y N 269 
TYR CD1 CE1  sing Y N 270 
TYR CD1 HD1  sing N N 271 
TYR CD2 CE2  doub Y N 272 
TYR CD2 HD2  sing N N 273 
TYR CE1 CZ   doub Y N 274 
TYR CE1 HE1  sing N N 275 
TYR CE2 CZ   sing Y N 276 
TYR CE2 HE2  sing N N 277 
TYR CZ  OH   sing N N 278 
TYR OH  HH   sing N N 279 
TYR OXT HXT  sing N N 280 
VAL N   CA   sing N N 281 
VAL N   H    sing N N 282 
VAL N   H2   sing N N 283 
VAL CA  C    sing N N 284 
VAL CA  CB   sing N N 285 
VAL CA  HA   sing N N 286 
VAL C   O    doub N N 287 
VAL C   OXT  sing N N 288 
VAL CB  CG1  sing N N 289 
VAL CB  CG2  sing N N 290 
VAL CB  HB   sing N N 291 
VAL CG1 HG11 sing N N 292 
VAL CG1 HG12 sing N N 293 
VAL CG1 HG13 sing N N 294 
VAL CG2 HG21 sing N N 295 
VAL CG2 HG22 sing N N 296 
VAL CG2 HG23 sing N N 297 
VAL OXT HXT  sing N N 298 
# 
_atom_sites.entry_id                    3FYR 
_atom_sites.fract_transf_matrix[1][1]   0.00377619 
_atom_sites.fract_transf_matrix[1][2]   0.02560717 
_atom_sites.fract_transf_matrix[1][3]   -0.00784560 
_atom_sites.fract_transf_matrix[2][1]   0.00559950 
_atom_sites.fract_transf_matrix[2][2]   -0.00850297 
_atom_sites.fract_transf_matrix[2][3]   -0.02505764 
_atom_sites.fract_transf_matrix[3][1]   -0.00579250 
_atom_sites.fract_transf_matrix[3][2]   0.00041452 
_atom_sites.fract_transf_matrix[3][3]   -0.00143508 
_atom_sites.fract_transf_vector[1]      0.766591 
_atom_sites.fract_transf_vector[2]      0.519788 
_atom_sites.fract_transf_vector[3]      0.447586 
# 
loop_
_atom_type.symbol 
C  
N  
O  
SE 
# 
loop_
_atom_site.group_PDB 
_atom_site.id 
_atom_site.type_symbol 
_atom_site.label_atom_id 
_atom_site.label_alt_id 
_atom_site.label_comp_id 
_atom_site.label_asym_id 
_atom_site.label_entity_id 
_atom_site.label_seq_id 
_atom_site.pdbx_PDB_ins_code 
_atom_site.Cartn_x 
_atom_site.Cartn_y 
_atom_site.Cartn_z 
_atom_site.occupancy 
_atom_site.B_iso_or_equiv 
_atom_site.pdbx_formal_charge 
_atom_site.auth_seq_id 
_atom_site.auth_comp_id 
_atom_site.auth_asym_id 
_atom_site.auth_atom_id 
_atom_site.pdbx_PDB_model_num 
HETATM 1   N  N   . MSE A 1 3  ? 7.830   -14.273 1.929   1.00 34.92 ? 1  MSE A N   1 
HETATM 2   C  CA  . MSE A 1 3  ? 6.750   -14.544 0.923   1.00 39.01 ? 1  MSE A CA  1 
HETATM 3   C  C   . MSE A 1 3  ? 6.477   -16.015 0.760   1.00 36.31 ? 1  MSE A C   1 
HETATM 4   O  O   . MSE A 1 3  ? 5.405   -16.394 0.322   1.00 37.03 ? 1  MSE A O   1 
HETATM 5   C  CB  . MSE A 1 3  ? 7.106   -13.976 -0.450  1.00 38.43 ? 1  MSE A CB  1 
HETATM 6   C  CG  . MSE A 1 3  ? 6.395   -12.670 -0.776  1.00 45.30 ? 1  MSE A CG  1 
HETATM 7   SE SE  . MSE A 1 3  ? 7.101   -11.957 -2.406  1.00 47.66 ? 1  MSE A SE  1 
HETATM 8   C  CE  . MSE A 1 3  ? 8.131   -10.421 -1.739  1.00 50.13 ? 1  MSE A CE  1 
ATOM   9   N  N   . ARG A 1 4  ? 7.453   -16.856 1.088   1.00 36.46 ? 2  ARG A N   1 
ATOM   10  C  CA  . ARG A 1 4  ? 7.234   -18.296 1.024   1.00 36.17 ? 2  ARG A CA  1 
ATOM   11  C  C   . ARG A 1 4  ? 6.224   -18.747 2.060   1.00 33.94 ? 2  ARG A C   1 
ATOM   12  O  O   . ARG A 1 4  ? 5.624   -19.788 1.904   1.00 34.30 ? 2  ARG A O   1 
ATOM   13  C  CB  . ARG A 1 4  ? 8.533   -19.051 1.227   1.00 39.49 ? 2  ARG A CB  1 
ATOM   14  C  CG  . ARG A 1 4  ? 9.573   -18.754 0.173   1.00 39.72 ? 2  ARG A CG  1 
ATOM   15  C  CD  . ARG A 1 4  ? 10.469  -19.967 -0.037  1.00 39.11 ? 2  ARG A CD  1 
ATOM   16  N  NE  . ARG A 1 4  ? 11.458  -19.714 -1.081  1.00 37.17 ? 2  ARG A NE  1 
ATOM   17  C  CZ  . ARG A 1 4  ? 12.345  -20.606 -1.507  1.00 31.79 ? 2  ARG A CZ  1 
ATOM   18  N  NH1 . ARG A 1 4  ? 12.377  -21.828 -0.990  1.00 38.77 ? 2  ARG A NH1 1 
ATOM   19  N  NH2 . ARG A 1 4  ? 13.204  -20.266 -2.459  1.00 30.20 ? 2  ARG A NH2 1 
ATOM   20  N  N   . LYS A 1 5  ? 6.034   -17.951 3.107   1.00 35.86 ? 3  LYS A N   1 
ATOM   21  C  CA  . LYS A 1 5  ? 5.121   -18.292 4.206   1.00 37.63 ? 3  LYS A CA  1 
ATOM   22  C  C   . LYS A 1 5  ? 3.687   -17.749 4.008   1.00 39.00 ? 3  LYS A C   1 
ATOM   23  O  O   . LYS A 1 5  ? 2.777   -18.117 4.763   1.00 39.24 ? 3  LYS A O   1 
ATOM   24  C  CB  . LYS A 1 5  ? 5.693   -17.765 5.512   1.00 35.94 ? 3  LYS A CB  1 
ATOM   25  N  N   . LEU A 1 6  ? 3.486   -16.885 3.009   1.00 36.33 ? 4  LEU A N   1 
ATOM   26  C  CA  . LEU A 1 6  ? 2.130   -16.438 2.628   1.00 34.03 ? 4  LEU A CA  1 
ATOM   27  C  C   . LEU A 1 6  ? 1.208   -17.556 2.136   1.00 32.58 ? 4  LEU A C   1 
ATOM   28  O  O   . LEU A 1 6  ? 1.598   -18.402 1.327   1.00 35.46 ? 4  LEU A O   1 
ATOM   29  C  CB  . LEU A 1 6  ? 2.214   -15.380 1.518   1.00 35.71 ? 4  LEU A CB  1 
ATOM   30  C  CG  . LEU A 1 6  ? 2.414   -13.918 1.922   1.00 40.44 ? 4  LEU A CG  1 
ATOM   31  C  CD1 . LEU A 1 6  ? 3.510   -13.734 2.962   1.00 45.26 ? 4  LEU A CD1 1 
ATOM   32  C  CD2 . LEU A 1 6  ? 2.719   -13.090 0.679   1.00 39.60 ? 4  LEU A CD2 1 
ATOM   33  N  N   . SER A 1 7  ? -0.053  -17.520 2.556   1.00 33.85 ? 5  SER A N   1 
ATOM   34  C  CA  . SER A 1 7  ? -1.074  -18.362 1.937   1.00 30.17 ? 5  SER A CA  1 
ATOM   35  C  C   . SER A 1 7  ? -1.188  -17.997 0.479   1.00 31.00 ? 5  SER A C   1 
ATOM   36  O  O   . SER A 1 7  ? -0.890  -16.854 0.119   1.00 29.08 ? 5  SER A O   1 
ATOM   37  C  CB  . SER A 1 7  ? -2.423  -18.159 2.597   1.00 33.14 ? 5  SER A CB  1 
ATOM   38  O  OG  . SER A 1 7  ? -2.913  -16.860 2.343   1.00 30.20 ? 5  SER A OG  1 
ATOM   39  N  N   . ASP A 1 8  ? -1.626  -18.950 -0.349  1.00 28.81 ? 6  ASP A N   1 
ATOM   40  C  CA  . ASP A 1 8  ? -1.848  -18.695 -1.781  1.00 33.46 ? 6  ASP A CA  1 
ATOM   41  C  C   . ASP A 1 8  ? -2.799  -17.521 -1.990  1.00 31.30 ? 6  ASP A C   1 
ATOM   42  O  O   . ASP A 1 8  ? -2.552  -16.653 -2.825  1.00 28.99 ? 6  ASP A O   1 
ATOM   43  C  CB  . ASP A 1 8  ? -2.404  -19.919 -2.504  1.00 33.08 ? 6  ASP A CB  1 
ATOM   44  C  CG  . ASP A 1 8  ? -1.492  -21.132 -2.394  1.00 43.28 ? 6  ASP A CG  1 
ATOM   45  O  OD1 . ASP A 1 8  ? -0.271  -21.004 -2.647  1.00 45.23 ? 6  ASP A OD1 1 
ATOM   46  O  OD2 . ASP A 1 8  ? -2.012  -22.217 -2.054  1.00 56.55 ? 6  ASP A OD2 1 
ATOM   47  N  N   . GLU A 1 9  ? -3.877  -17.492 -1.205  1.00 30.86 ? 7  GLU A N   1 
ATOM   48  C  CA  . GLU A 1 9  ? -4.837  -16.389 -1.249  1.00 30.88 ? 7  GLU A CA  1 
ATOM   49  C  C   . GLU A 1 9  ? -4.147  -15.046 -1.020  1.00 29.22 ? 7  GLU A C   1 
ATOM   50  O  O   . GLU A 1 9  ? -4.317  -14.131 -1.826  1.00 28.35 ? 7  GLU A O   1 
ATOM   51  C  CB  . GLU A 1 9  ? -5.983  -16.617 -0.225  1.00 33.74 ? 7  GLU A CB  1 
ATOM   52  N  N   . LEU A 1 10 ? -3.352  -14.916 0.052   1.00 27.09 ? 8  LEU A N   1 
ATOM   53  C  CA  . LEU A 1 10 ? -2.687  -13.638 0.333   1.00 25.63 ? 8  LEU A CA  1 
ATOM   54  C  C   . LEU A 1 10 ? -1.582  -13.326 -0.688  1.00 22.85 ? 8  LEU A C   1 
ATOM   55  O  O   . LEU A 1 10 ? -1.325  -12.168 -0.979  1.00 22.43 ? 8  LEU A O   1 
ATOM   56  C  CB  . LEU A 1 10 ? -2.127  -13.560 1.761   1.00 25.25 ? 8  LEU A CB  1 
ATOM   57  N  N   . LEU A 1 11 ? -0.929  -14.347 -1.231  1.00 26.01 ? 9  LEU A N   1 
ATOM   58  C  CA  . LEU A 1 11 ? 0.099   -14.127 -2.246  1.00 23.90 ? 9  LEU A CA  1 
ATOM   59  C  C   . LEU A 1 11 ? -0.517  -13.508 -3.496  1.00 25.49 ? 9  LEU A C   1 
ATOM   60  O  O   . LEU A 1 11 ? -0.012  -12.525 -4.010  1.00 25.04 ? 9  LEU A O   1 
ATOM   61  C  CB  . LEU A 1 11 ? 0.821   -15.447 -2.594  1.00 23.81 ? 9  LEU A CB  1 
ATOM   62  C  CG  . LEU A 1 11 ? 1.874   -15.403 -3.718  1.00 27.06 ? 9  LEU A CG  1 
ATOM   63  C  CD1 . LEU A 1 11 ? 3.084   -14.553 -3.361  1.00 24.52 ? 9  LEU A CD1 1 
ATOM   64  C  CD2 . LEU A 1 11 ? 2.313   -16.818 -4.128  1.00 22.91 ? 9  LEU A CD2 1 
ATOM   65  N  N   . ILE A 1 12 ? -1.624  -14.077 -3.979  1.00 24.59 ? 10 ILE A N   1 
ATOM   66  C  CA  . ILE A 1 12 ? -2.257  -13.603 -5.198  1.00 24.96 ? 10 ILE A CA  1 
ATOM   67  C  C   . ILE A 1 12 ? -2.869  -12.237 -4.986  1.00 25.31 ? 10 ILE A C   1 
ATOM   68  O  O   . ILE A 1 12 ? -2.753  -11.364 -5.849  1.00 26.74 ? 10 ILE A O   1 
ATOM   69  C  CB  . ILE A 1 12 ? -3.351  -14.561 -5.676  1.00 26.74 ? 10 ILE A CB  1 
ATOM   70  C  CG1 . ILE A 1 12 ? -2.746  -15.923 -6.045  1.00 31.13 ? 10 ILE A CG1 1 
ATOM   71  C  CG2 . ILE A 1 12 ? -4.155  -13.946 -6.853  1.00 28.07 ? 10 ILE A CG2 1 
ATOM   72  C  CD1 . ILE A 1 12 ? -1.745  -15.895 -7.156  1.00 36.94 ? 10 ILE A CD1 1 
ATOM   73  N  N   . GLU A 1 13 ? -3.542  -12.055 -3.855  1.00 25.61 ? 11 GLU A N   1 
ATOM   74  C  CA  . GLU A 1 13 ? -4.040  -10.731 -3.505  1.00 26.52 ? 11 GLU A CA  1 
ATOM   75  C  C   . GLU A 1 13 ? -2.922  -9.688  -3.496  1.00 25.26 ? 11 GLU A C   1 
ATOM   76  O  O   . GLU A 1 13 ? -3.117  -8.608  -4.061  1.00 23.90 ? 11 GLU A O   1 
ATOM   77  C  CB  . GLU A 1 13 ? -4.788  -10.738 -2.162  1.00 26.27 ? 11 GLU A CB  1 
ATOM   78  N  N   . SER A 1 14 ? -1.760  -9.997  -2.898  1.00 23.64 ? 12 SER A N   1 
ATOM   79  C  CA  . SER A 1 14 ? -0.624  -9.052  -2.879  1.00 25.52 ? 12 SER A CA  1 
ATOM   80  C  C   . SER A 1 14 ? -0.116  -8.702  -4.257  1.00 23.02 ? 12 SER A C   1 
ATOM   81  O  O   . SER A 1 14 ? 0.327   -7.576  -4.481  1.00 23.21 ? 12 SER A O   1 
ATOM   82  C  CB  . SER A 1 14 ? 0.569   -9.601  -2.079  1.00 27.91 ? 12 SER A CB  1 
ATOM   83  O  OG  . SER A 1 14 ? 0.127   -10.005 -0.804  1.00 35.66 ? 12 SER A OG  1 
ATOM   84  N  N   . TYR A 1 15 ? -0.131  -9.672  -5.171  1.00 23.68 ? 13 TYR A N   1 
ATOM   85  C  CA  . TYR A 1 15 ? 0.285   -9.419  -6.546  1.00 23.14 ? 13 TYR A CA  1 
ATOM   86  C  C   . TYR A 1 15 ? -0.579  -8.365  -7.221  1.00 25.01 ? 13 TYR A C   1 
ATOM   87  O  O   . TYR A 1 15 ? -0.066  -7.435  -7.869  1.00 22.18 ? 13 TYR A O   1 
ATOM   88  C  CB  . TYR A 1 15 ? 0.223   -10.698 -7.351  1.00 25.70 ? 13 TYR A CB  1 
ATOM   89  C  CG  . TYR A 1 15 ? 0.640   -10.560 -8.801  1.00 25.69 ? 13 TYR A CG  1 
ATOM   90  C  CD1 . TYR A 1 15 ? 1.822   -9.931  -9.162  1.00 28.35 ? 13 TYR A CD1 1 
ATOM   91  C  CD2 . TYR A 1 15 ? -0.119  -11.139 -9.814  1.00 37.12 ? 13 TYR A CD2 1 
ATOM   92  C  CE1 . TYR A 1 15 ? 2.223   -9.835  -10.516 1.00 29.11 ? 13 TYR A CE1 1 
ATOM   93  C  CE2 . TYR A 1 15 ? 0.280   -11.061 -11.145 1.00 41.98 ? 13 TYR A CE2 1 
ATOM   94  C  CZ  . TYR A 1 15 ? 1.448   -10.409 -11.487 1.00 36.49 ? 13 TYR A CZ  1 
ATOM   95  O  OH  . TYR A 1 15 ? 1.819   -10.347 -12.808 1.00 41.81 ? 13 TYR A OH  1 
ATOM   96  N  N   . PHE A 1 16 ? -1.898  -8.533  -7.103  1.00 24.42 ? 14 PHE A N   1 
ATOM   97  C  CA  . PHE A 1 16 ? -2.835  -7.596  -7.698  1.00 23.80 ? 14 PHE A CA  1 
ATOM   98  C  C   . PHE A 1 16 ? -2.698  -6.227  -7.018  1.00 25.50 ? 14 PHE A C   1 
ATOM   99  O  O   . PHE A 1 16 ? -2.627  -5.198  -7.702  1.00 26.29 ? 14 PHE A O   1 
ATOM   100 C  CB  . PHE A 1 16 ? -4.288  -8.104  -7.589  1.00 24.85 ? 14 PHE A CB  1 
ATOM   101 C  CG  . PHE A 1 16 ? -4.645  -9.158  -8.596  1.00 23.88 ? 14 PHE A CG  1 
ATOM   102 C  CD1 . PHE A 1 16 ? -4.735  -8.843  -9.950  1.00 26.22 ? 14 PHE A CD1 1 
ATOM   103 C  CD2 . PHE A 1 16 ? -4.902  -10.450 -8.195  1.00 23.77 ? 14 PHE A CD2 1 
ATOM   104 C  CE1 . PHE A 1 16 ? -5.067  -9.811  -10.889 1.00 25.09 ? 14 PHE A CE1 1 
ATOM   105 C  CE2 . PHE A 1 16 ? -5.237  -11.446 -9.134  1.00 26.14 ? 14 PHE A CE2 1 
ATOM   106 C  CZ  . PHE A 1 16 ? -5.315  -11.133 -10.474 1.00 24.53 ? 14 PHE A CZ  1 
ATOM   107 N  N   . LYS A 1 17 ? -2.627  -6.218  -5.687  1.00 24.23 ? 15 LYS A N   1 
ATOM   108 C  CA  . LYS A 1 17 ? -2.563  -4.954  -4.938  1.00 27.69 ? 15 LYS A CA  1 
ATOM   109 C  C   . LYS A 1 17 ? -1.295  -4.192  -5.287  1.00 25.80 ? 15 LYS A C   1 
ATOM   110 O  O   . LYS A 1 17 ? -1.344  -2.999  -5.586  1.00 27.58 ? 15 LYS A O   1 
ATOM   111 C  CB  . LYS A 1 17 ? -2.613  -5.192  -3.427  1.00 25.79 ? 15 LYS A CB  1 
ATOM   112 C  CG  . LYS A 1 17 ? -3.976  -5.450  -2.860  1.00 36.29 ? 15 LYS A CG  1 
ATOM   113 C  CD  . LYS A 1 17 ? -3.913  -5.440  -1.321  1.00 40.45 ? 15 LYS A CD  1 
ATOM   114 C  CE  . LYS A 1 17 ? -5.254  -5.742  -0.659  1.00 41.57 ? 15 LYS A CE  1 
ATOM   115 N  NZ  . LYS A 1 17 ? -6.393  -5.358  -1.520  1.00 51.13 ? 15 LYS A NZ  1 
ATOM   116 N  N   . ALA A 1 18 ? -0.168  -4.890  -5.289  1.00 22.78 ? 16 ALA A N   1 
ATOM   117 C  CA  . ALA A 1 18 ? 1.119   -4.277  -5.638  1.00 24.33 ? 16 ALA A CA  1 
ATOM   118 C  C   . ALA A 1 18 ? 1.086   -3.617  -7.006  1.00 24.13 ? 16 ALA A C   1 
ATOM   119 O  O   . ALA A 1 18 ? 1.582   -2.485  -7.194  1.00 27.42 ? 16 ALA A O   1 
ATOM   120 C  CB  . ALA A 1 18 ? 2.250   -5.291  -5.566  1.00 24.54 ? 16 ALA A CB  1 
ATOM   121 N  N   . THR A 1 19 ? 0.486   -4.313  -7.956  1.00 26.25 ? 17 THR A N   1 
ATOM   122 C  CA  . THR A 1 19 ? 0.375   -3.836  -9.321  1.00 24.56 ? 17 THR A CA  1 
ATOM   123 C  C   . THR A 1 19 ? -0.575  -2.637  -9.392  1.00 25.32 ? 17 THR A C   1 
ATOM   124 O  O   . THR A 1 19 ? -0.260  -1.629  -10.030 1.00 27.42 ? 17 THR A O   1 
ATOM   125 C  CB  . THR A 1 19 ? -0.092  -5.001  -10.247 1.00 23.07 ? 17 THR A CB  1 
ATOM   126 O  OG1 . THR A 1 19 ? 0.851   -6.081  -10.154 1.00 30.10 ? 17 THR A OG1 1 
ATOM   127 C  CG2 . THR A 1 19 ? -0.199  -4.569  -11.699 1.00 28.87 ? 17 THR A CG2 1 
ATOM   128 N  N   . GLU A 1 20 ? -1.731  -2.759  -8.740  1.00 27.60 ? 18 GLU A N   1 
ATOM   129 C  CA  . GLU A 1 20 ? -2.760  -1.701  -8.697  1.00 28.66 ? 18 GLU A CA  1 
ATOM   130 C  C   . GLU A 1 20 ? -2.251  -0.422  -8.014  1.00 29.30 ? 18 GLU A C   1 
ATOM   131 O  O   . GLU A 1 20 ? -2.630  0.685   -8.395  1.00 33.42 ? 18 GLU A O   1 
ATOM   132 C  CB  . GLU A 1 20 ? -4.013  -2.210  -7.949  1.00 27.61 ? 18 GLU A CB  1 
ATOM   133 C  CG  . GLU A 1 20 ? -4.852  -3.287  -8.646  1.00 33.79 ? 18 GLU A CG  1 
ATOM   134 C  CD  . GLU A 1 20 ? -5.655  -4.196  -7.673  1.00 38.58 ? 18 GLU A CD  1 
ATOM   135 O  OE1 . GLU A 1 20 ? -5.637  -4.005  -6.436  1.00 45.13 ? 18 GLU A OE1 1 
ATOM   136 O  OE2 . GLU A 1 20 ? -6.306  -5.140  -8.144  1.00 43.45 ? 18 GLU A OE2 1 
HETATM 137 N  N   . MSE A 1 21 ? -1.392  -0.581  -7.012  1.00 28.04 ? 19 MSE A N   1 
HETATM 138 C  CA  . MSE A 1 21 ? -0.822  0.549   -6.289  1.00 29.31 ? 19 MSE A CA  1 
HETATM 139 C  C   . MSE A 1 21 ? 0.428   1.090   -6.978  1.00 27.65 ? 19 MSE A C   1 
HETATM 140 O  O   . MSE A 1 21 ? 0.968   2.105   -6.559  1.00 30.13 ? 19 MSE A O   1 
HETATM 141 C  CB  . MSE A 1 21 ? -0.499  0.134   -4.872  1.00 27.09 ? 19 MSE A CB  1 
HETATM 142 C  CG  . MSE A 1 21 ? -1.738  -0.268  -4.067  1.00 24.84 ? 19 MSE A CG  1 
HETATM 143 SE SE  . MSE A 1 21 ? -1.325  -1.026  -2.368  1.00 25.97 ? 19 MSE A SE  1 
HETATM 144 C  CE  . MSE A 1 21 ? -0.612  0.520   -1.437  1.00 27.75 ? 19 MSE A CE  1 
ATOM   145 N  N   . ASN A 1 22 ? 0.877   0.395   -8.023  1.00 29.93 ? 20 ASN A N   1 
ATOM   146 C  CA  . ASN A 1 22 ? 2.076   0.731   -8.790  1.00 30.46 ? 20 ASN A CA  1 
ATOM   147 C  C   . ASN A 1 22 ? 3.310   0.768   -7.900  1.00 30.55 ? 20 ASN A C   1 
ATOM   148 O  O   . ASN A 1 22 ? 4.092   1.722   -7.923  1.00 25.13 ? 20 ASN A O   1 
ATOM   149 C  CB  . ASN A 1 22 ? 1.908   2.047   -9.551  1.00 35.27 ? 20 ASN A CB  1 
ATOM   150 C  CG  . ASN A 1 22 ? 3.001   2.256   -10.615 1.00 41.24 ? 20 ASN A CG  1 
ATOM   151 O  OD1 . ASN A 1 22 ? 3.563   1.297   -11.146 1.00 43.17 ? 20 ASN A OD1 1 
ATOM   152 N  ND2 . ASN A 1 22 ? 3.303   3.509   -10.911 1.00 38.40 ? 20 ASN A ND2 1 
ATOM   153 N  N   . LEU A 1 23 ? 3.482   -0.274  -7.099  1.00 26.02 ? 21 LEU A N   1 
ATOM   154 C  CA  . LEU A 1 23 ? 4.680   -0.382  -6.242  1.00 28.28 ? 21 LEU A CA  1 
ATOM   155 C  C   . LEU A 1 23 ? 5.930   -0.765  -7.073  1.00 28.56 ? 21 LEU A C   1 
ATOM   156 O  O   . LEU A 1 23 ? 5.832   -1.083  -8.271  1.00 28.42 ? 21 LEU A O   1 
ATOM   157 C  CB  . LEU A 1 23 ? 4.448   -1.341  -5.059  1.00 27.21 ? 21 LEU A CB  1 
ATOM   158 C  CG  . LEU A 1 23 ? 3.249   -1.061  -4.129  1.00 27.15 ? 21 LEU A CG  1 
ATOM   159 C  CD1 . LEU A 1 23 ? 3.121   -2.158  -3.091  1.00 24.98 ? 21 LEU A CD1 1 
ATOM   160 C  CD2 . LEU A 1 23 ? 3.315   0.311   -3.445  1.00 26.71 ? 21 LEU A CD2 1 
ATOM   161 N  N   . ASN A 1 24 ? 7.103   -0.671  -6.448  1.00 29.79 ? 22 ASN A N   1 
ATOM   162 C  CA  . ASN A 1 24 ? 8.387   -0.928  -7.125  1.00 28.41 ? 22 ASN A CA  1 
ATOM   163 C  C   . ASN A 1 24 ? 8.344   -2.192  -7.985  1.00 29.12 ? 22 ASN A C   1 
ATOM   164 O  O   . ASN A 1 24 ? 7.998   -3.274  -7.502  1.00 28.21 ? 22 ASN A O   1 
ATOM   165 C  CB  . ASN A 1 24 ? 9.502   -1.027  -6.076  1.00 25.78 ? 22 ASN A CB  1 
ATOM   166 C  CG  . ASN A 1 24 ? 10.856  -1.321  -6.692  1.00 29.41 ? 22 ASN A CG  1 
ATOM   167 O  OD1 . ASN A 1 24 ? 11.283  -2.468  -6.736  1.00 41.07 ? 22 ASN A OD1 1 
ATOM   168 N  ND2 . ASN A 1 24 ? 11.517  -0.291  -7.190  1.00 34.30 ? 22 ASN A ND2 1 
ATOM   169 N  N   . ARG A 1 25 ? 8.675   -2.057  -9.268  1.00 29.25 ? 23 ARG A N   1 
ATOM   170 C  CA  . ARG A 1 25 ? 8.587   -3.184  -10.202 1.00 29.98 ? 23 ARG A CA  1 
ATOM   171 C  C   . ARG A 1 25 ? 9.440   -4.388  -9.852  1.00 28.88 ? 23 ARG A C   1 
ATOM   172 O  O   . ARG A 1 25 ? 9.069   -5.498  -10.197 1.00 29.61 ? 23 ARG A O   1 
ATOM   173 C  CB  . ARG A 1 25 ? 8.886   -2.742  -11.631 1.00 31.70 ? 23 ARG A CB  1 
ATOM   174 N  N   . ASP A 1 26 ? 10.570  -4.194  -9.178  1.00 31.92 ? 24 ASP A N   1 
ATOM   175 C  CA  . ASP A 1 26 ? 11.418  -5.324  -8.775  1.00 32.00 ? 24 ASP A CA  1 
ATOM   176 C  C   . ASP A 1 26 ? 10.790  -6.063  -7.620  1.00 29.89 ? 24 ASP A C   1 
ATOM   177 O  O   . ASP A 1 26 ? 10.887  -7.297  -7.528  1.00 29.12 ? 24 ASP A O   1 
ATOM   178 C  CB  . ASP A 1 26 ? 12.838  -4.875  -8.398  1.00 36.35 ? 24 ASP A CB  1 
ATOM   179 C  CG  . ASP A 1 26 ? 13.607  -4.309  -9.589  1.00 42.72 ? 24 ASP A CG  1 
ATOM   180 O  OD1 . ASP A 1 26 ? 13.589  -4.928  -10.672 1.00 50.36 ? 24 ASP A OD1 1 
ATOM   181 O  OD2 . ASP A 1 26 ? 14.228  -3.243  -9.442  1.00 48.69 ? 24 ASP A OD2 1 
ATOM   182 N  N   . PHE A 1 27 ? 10.142  -5.324  -6.732  1.00 27.44 ? 25 PHE A N   1 
ATOM   183 C  CA  . PHE A 1 27 ? 9.366   -5.942  -5.680  1.00 28.25 ? 25 PHE A CA  1 
ATOM   184 C  C   . PHE A 1 27 ? 8.236   -6.797  -6.289  1.00 28.96 ? 25 PHE A C   1 
ATOM   185 O  O   . PHE A 1 27 ? 8.038   -7.932  -5.872  1.00 28.77 ? 25 PHE A O   1 
ATOM   186 C  CB  . PHE A 1 27 ? 8.813   -4.893  -4.714  1.00 30.53 ? 25 PHE A CB  1 
ATOM   187 C  CG  . PHE A 1 27 ? 7.828   -5.445  -3.747  1.00 29.92 ? 25 PHE A CG  1 
ATOM   188 C  CD1 . PHE A 1 27 ? 8.245   -6.262  -2.703  1.00 35.64 ? 25 PHE A CD1 1 
ATOM   189 C  CD2 . PHE A 1 27 ? 6.466   -5.175  -3.895  1.00 31.12 ? 25 PHE A CD2 1 
ATOM   190 C  CE1 . PHE A 1 27 ? 7.331   -6.801  -1.813  1.00 33.11 ? 25 PHE A CE1 1 
ATOM   191 C  CE2 . PHE A 1 27 ? 5.558   -5.693  -3.008  1.00 28.92 ? 25 PHE A CE2 1 
ATOM   192 C  CZ  . PHE A 1 27 ? 5.988   -6.525  -1.968  1.00 30.77 ? 25 PHE A CZ  1 
ATOM   193 N  N   . ILE A 1 28 ? 7.539   -6.261  -7.296  1.00 27.05 ? 26 ILE A N   1 
ATOM   194 C  CA  . ILE A 1 28 ? 6.471   -6.989  -7.969  1.00 29.55 ? 26 ILE A CA  1 
ATOM   195 C  C   . ILE A 1 28 ? 7.011   -8.263  -8.627  1.00 29.98 ? 26 ILE A C   1 
ATOM   196 O  O   . ILE A 1 28 ? 6.376   -9.314  -8.538  1.00 27.84 ? 26 ILE A O   1 
ATOM   197 C  CB  . ILE A 1 28 ? 5.694   -6.094  -8.959  1.00 28.06 ? 26 ILE A CB  1 
ATOM   198 C  CG1 . ILE A 1 28 ? 4.917   -5.024  -8.173  1.00 28.65 ? 26 ILE A CG1 1 
ATOM   199 C  CG2 . ILE A 1 28 ? 4.743   -6.915  -9.784  1.00 29.63 ? 26 ILE A CG2 1 
ATOM   200 C  CD1 . ILE A 1 28 ? 4.347   -3.914  -8.995  1.00 27.27 ? 26 ILE A CD1 1 
ATOM   201 N  N   . GLU A 1 29 ? 8.200   -8.183  -9.245  1.00 30.29 ? 27 GLU A N   1 
ATOM   202 C  CA  . GLU A 1 29 ? 8.901   -9.378  -9.759  1.00 30.72 ? 27 GLU A CA  1 
ATOM   203 C  C   . GLU A 1 29 ? 9.146   -10.459 -8.699  1.00 27.85 ? 27 GLU A C   1 
ATOM   204 O  O   . GLU A 1 29 ? 9.053   -11.640 -9.008  1.00 29.86 ? 27 GLU A O   1 
ATOM   205 C  CB  . GLU A 1 29 ? 10.241  -8.998  -10.427 1.00 33.29 ? 27 GLU A CB  1 
ATOM   206 C  CG  . GLU A 1 29 ? 10.980  -10.180 -11.039 1.00 43.80 ? 27 GLU A CG  1 
ATOM   207 C  CD  . GLU A 1 29 ? 12.321  -9.807  -11.648 1.00 52.62 ? 27 GLU A CD  1 
ATOM   208 O  OE1 . GLU A 1 29 ? 12.443  -8.684  -12.186 1.00 57.91 ? 27 GLU A OE1 1 
ATOM   209 O  OE2 . GLU A 1 29 ? 13.252  -10.653 -11.590 1.00 61.80 ? 27 GLU A OE2 1 
ATOM   210 N  N   . LEU A 1 30 ? 9.463   -10.081 -7.467  1.00 26.83 ? 28 LEU A N   1 
ATOM   211 C  CA  . LEU A 1 30 ? 9.645   -11.071 -6.406  1.00 24.07 ? 28 LEU A CA  1 
ATOM   212 C  C   . LEU A 1 30 ? 8.362   -11.825 -6.128  1.00 26.25 ? 28 LEU A C   1 
ATOM   213 O  O   . LEU A 1 30 ? 8.387   -13.020 -5.869  1.00 25.77 ? 28 LEU A O   1 
ATOM   214 C  CB  . LEU A 1 30 ? 10.143  -10.447 -5.106  1.00 26.65 ? 28 LEU A CB  1 
ATOM   215 C  CG  . LEU A 1 30 ? 11.510  -9.760  -5.048  1.00 32.62 ? 28 LEU A CG  1 
ATOM   216 C  CD1 . LEU A 1 30 ? 11.757  -9.292  -3.618  1.00 36.70 ? 28 LEU A CD1 1 
ATOM   217 C  CD2 . LEU A 1 30 ? 12.638  -10.671 -5.538  1.00 37.88 ? 28 LEU A CD2 1 
ATOM   218 N  N   . ILE A 1 31 ? 7.228   -11.124 -6.153  1.00 28.55 ? 29 ILE A N   1 
ATOM   219 C  CA  . ILE A 1 31 ? 5.927   -11.786 -5.990  1.00 26.22 ? 29 ILE A CA  1 
ATOM   220 C  C   . ILE A 1 31 ? 5.645   -12.737 -7.165  1.00 24.68 ? 29 ILE A C   1 
ATOM   221 O  O   . ILE A 1 31 ? 5.224   -13.889 -6.980  1.00 23.11 ? 29 ILE A O   1 
ATOM   222 C  CB  . ILE A 1 31 ? 4.789   -10.738 -5.882  1.00 25.91 ? 29 ILE A CB  1 
ATOM   223 C  CG1 . ILE A 1 31 ? 4.994   -9.820  -4.667  1.00 26.98 ? 29 ILE A CG1 1 
ATOM   224 C  CG2 . ILE A 1 31 ? 3.421   -11.443 -5.828  1.00 28.31 ? 29 ILE A CG2 1 
ATOM   225 C  CD1 . ILE A 1 31 ? 4.034   -8.593  -4.648  1.00 22.14 ? 29 ILE A CD1 1 
ATOM   226 N  N   . GLU A 1 32 ? 5.830   -12.254 -8.385  1.00 24.84 ? 30 GLU A N   1 
ATOM   227 C  CA  . GLU A 1 32 ? 5.730   -13.122 -9.576  1.00 27.71 ? 30 GLU A CA  1 
ATOM   228 C  C   . GLU A 1 32 ? 6.565   -14.391 -9.500  1.00 29.44 ? 30 GLU A C   1 
ATOM   229 O  O   . GLU A 1 32 ? 6.096   -15.482 -9.873  1.00 29.29 ? 30 GLU A O   1 
ATOM   230 C  CB  . GLU A 1 32 ? 6.167   -12.381 -10.832 1.00 28.46 ? 30 GLU A CB  1 
ATOM   231 C  CG  . GLU A 1 32 ? 5.245   -11.255 -11.215 1.00 33.88 ? 30 GLU A CG  1 
ATOM   232 C  CD  . GLU A 1 32 ? 5.775   -10.445 -12.378 1.00 41.06 ? 30 GLU A CD  1 
ATOM   233 O  OE1 . GLU A 1 32 ? 6.977   -10.558 -12.713 1.00 44.18 ? 30 GLU A OE1 1 
ATOM   234 O  OE2 . GLU A 1 32 ? 4.976   -9.681  -12.947 1.00 42.41 ? 30 GLU A OE2 1 
ATOM   235 N  N   . ASN A 1 33 ? 7.805   -14.237 -9.048  1.00 28.66 ? 31 ASN A N   1 
ATOM   236 C  CA  . ASN A 1 33 ? 8.721   -15.362 -8.878  1.00 28.98 ? 31 ASN A CA  1 
ATOM   237 C  C   . ASN A 1 33 ? 8.251   -16.363 -7.830  1.00 28.53 ? 31 ASN A C   1 
ATOM   238 O  O   . ASN A 1 33 ? 8.461   -17.564 -8.001  1.00 26.20 ? 31 ASN A O   1 
ATOM   239 C  CB  . ASN A 1 33 ? 10.120  -14.870 -8.500  1.00 31.40 ? 31 ASN A CB  1 
ATOM   240 C  CG  . ASN A 1 33 ? 10.825  -14.114 -9.634  1.00 32.19 ? 31 ASN A CG  1 
ATOM   241 O  OD1 . ASN A 1 33 ? 11.830  -13.452 -9.395  1.00 44.09 ? 31 ASN A OD1 1 
ATOM   242 N  ND2 . ASN A 1 33 ? 10.298  -14.200 -10.842 1.00 30.68 ? 31 ASN A ND2 1 
ATOM   243 N  N   . GLU A 1 34 ? 7.634   -15.892 -6.743  1.00 23.52 ? 32 GLU A N   1 
ATOM   244 C  CA  . GLU A 1 34 ? 7.035   -16.792 -5.768  1.00 23.05 ? 32 GLU A CA  1 
ATOM   245 C  C   . GLU A 1 34 ? 5.823   -17.524 -6.359  1.00 25.71 ? 32 GLU A C   1 
ATOM   246 O  O   . GLU A 1 34 ? 5.634   -18.705 -6.090  1.00 25.48 ? 32 GLU A O   1 
ATOM   247 C  CB  . GLU A 1 34 ? 6.673   -16.041 -4.462  1.00 26.91 ? 32 GLU A CB  1 
ATOM   248 C  CG  . GLU A 1 34 ? 6.025   -16.851 -3.357  1.00 28.16 ? 32 GLU A CG  1 
ATOM   249 C  CD  . GLU A 1 34 ? 6.874   -18.050 -2.888  1.00 38.54 ? 32 GLU A CD  1 
ATOM   250 O  OE1 . GLU A 1 34 ? 8.105   -18.050 -3.087  1.00 39.99 ? 32 GLU A OE1 1 
ATOM   251 O  OE2 . GLU A 1 34 ? 6.308   -19.008 -2.317  1.00 33.59 ? 32 GLU A OE2 1 
ATOM   252 N  N   . ILE A 1 35 ? 5.003   -16.841 -7.163  1.00 22.64 ? 33 ILE A N   1 
ATOM   253 C  CA  . ILE A 1 35 ? 3.865   -17.482 -7.809  1.00 25.72 ? 33 ILE A CA  1 
ATOM   254 C  C   . ILE A 1 35 ? 4.355   -18.584 -8.767  1.00 28.80 ? 33 ILE A C   1 
ATOM   255 O  O   . ILE A 1 35 ? 3.821   -19.703 -8.776  1.00 31.16 ? 33 ILE A O   1 
ATOM   256 C  CB  . ILE A 1 35 ? 2.982   -16.459 -8.579  1.00 24.72 ? 33 ILE A CB  1 
ATOM   257 C  CG1 . ILE A 1 35 ? 2.281   -15.508 -7.594  1.00 24.00 ? 33 ILE A CG1 1 
ATOM   258 C  CG2 . ILE A 1 35 ? 1.948   -17.186 -9.464  1.00 30.97 ? 33 ILE A CG2 1 
ATOM   259 C  CD1 . ILE A 1 35 ? 1.777   -14.241 -8.253  1.00 23.63 ? 33 ILE A CD1 1 
ATOM   260 N  N   . LYS A 1 36 ? 5.379   -18.260 -9.550  1.00 31.39 ? 34 LYS A N   1 
ATOM   261 C  CA  . LYS A 1 36 ? 5.985   -19.224 -10.474 1.00 33.00 ? 34 LYS A CA  1 
ATOM   262 C  C   . LYS A 1 36 ? 6.594   -20.409 -9.727  1.00 33.62 ? 34 LYS A C   1 
ATOM   263 O  O   . LYS A 1 36 ? 6.372   -21.562 -10.117 1.00 36.29 ? 34 LYS A O   1 
ATOM   264 C  CB  . LYS A 1 36 ? 7.006   -18.541 -11.400 1.00 31.52 ? 34 LYS A CB  1 
ATOM   265 N  N   . ARG A 1 37 ? 7.320   -20.149 -8.638  1.00 32.89 ? 35 ARG A N   1 
ATOM   266 C  CA  . ARG A 1 37 ? 7.929   -21.232 -7.861  1.00 33.52 ? 35 ARG A CA  1 
ATOM   267 C  C   . ARG A 1 37 ? 6.867   -22.238 -7.397  1.00 38.22 ? 35 ARG A C   1 
ATOM   268 O  O   . ARG A 1 37 ? 7.050   -23.454 -7.522  1.00 33.80 ? 35 ARG A O   1 
ATOM   269 C  CB  . ARG A 1 37 ? 8.687   -20.692 -6.646  1.00 33.87 ? 35 ARG A CB  1 
ATOM   270 C  CG  . ARG A 1 37 ? 9.516   -21.736 -5.907  1.00 35.73 ? 35 ARG A CG  1 
ATOM   271 C  CD  . ARG A 1 37 ? 10.155  -21.146 -4.662  1.00 35.59 ? 35 ARG A CD  1 
ATOM   272 N  NE  . ARG A 1 37 ? 9.147   -20.809 -3.655  1.00 34.62 ? 35 ARG A NE  1 
ATOM   273 C  CZ  . ARG A 1 37 ? 8.678   -21.645 -2.736  1.00 41.12 ? 35 ARG A CZ  1 
ATOM   274 N  NH1 . ARG A 1 37 ? 9.141   -22.885 -2.648  1.00 41.56 ? 35 ARG A NH1 1 
ATOM   275 N  NH2 . ARG A 1 37 ? 7.749   -21.235 -1.875  1.00 34.79 ? 35 ARG A NH2 1 
ATOM   276 N  N   . ARG A 1 38 ? 5.763   -21.727 -6.863  1.00 37.69 ? 36 ARG A N   1 
ATOM   277 C  CA  . ARG A 1 38 ? 4.691   -22.576 -6.341  1.00 40.02 ? 36 ARG A CA  1 
ATOM   278 C  C   . ARG A 1 38 ? 4.003   -23.361 -7.435  1.00 40.55 ? 36 ARG A C   1 
ATOM   279 O  O   . ARG A 1 38 ? 3.470   -24.424 -7.160  1.00 44.47 ? 36 ARG A O   1 
ATOM   280 C  CB  . ARG A 1 38 ? 3.642   -21.747 -5.579  1.00 36.28 ? 36 ARG A CB  1 
ATOM   281 C  CG  . ARG A 1 38 ? 4.186   -21.136 -4.340  1.00 38.82 ? 36 ARG A CG  1 
ATOM   282 C  CD  . ARG A 1 38 ? 3.093   -20.513 -3.477  1.00 32.75 ? 36 ARG A CD  1 
ATOM   283 N  NE  . ARG A 1 38 ? 3.675   -19.755 -2.382  1.00 34.69 ? 36 ARG A NE  1 
ATOM   284 C  CZ  . ARG A 1 38 ? 3.013   -19.332 -1.316  1.00 34.51 ? 36 ARG A CZ  1 
ATOM   285 N  NH1 . ARG A 1 38 ? 1.716   -19.598 -1.167  1.00 34.97 ? 36 ARG A NH1 1 
ATOM   286 N  NH2 . ARG A 1 38 ? 3.658   -18.660 -0.383  1.00 32.15 ? 36 ARG A NH2 1 
ATOM   287 N  N   . SER A 1 39 ? 4.006   -22.835 -8.658  1.00 43.97 ? 37 SER A N   1 
ATOM   288 C  CA  . SER A 1 39 ? 3.343   -23.495 -9.784  1.00 49.35 ? 37 SER A CA  1 
ATOM   289 C  C   . SER A 1 39 ? 4.222   -24.574 -10.399 1.00 51.81 ? 37 SER A C   1 
ATOM   290 O  O   . SER A 1 39 ? 3.704   -25.558 -10.900 1.00 52.45 ? 37 SER A O   1 
ATOM   291 C  CB  . SER A 1 39 ? 2.939   -22.489 -10.857 1.00 48.42 ? 37 SER A CB  1 
ATOM   292 O  OG  . SER A 1 39 ? 3.960   -22.361 -11.833 1.00 56.76 ? 37 SER A OG  1 
ATOM   293 N  N   . LEU A 1 40 ? 5.541   -24.377 -10.361 1.00 56.59 ? 38 LEU A N   1 
ATOM   294 C  CA  . LEU A 1 40 ? 6.521   -25.358 -10.851 1.00 59.09 ? 38 LEU A CA  1 
ATOM   295 C  C   . LEU A 1 40 ? 6.826   -26.434 -9.804  1.00 60.86 ? 38 LEU A C   1 
ATOM   296 O  O   . LEU A 1 40 ? 6.021   -26.702 -8.901  1.00 63.12 ? 38 LEU A O   1 
ATOM   297 C  CB  . LEU A 1 40 ? 7.825   -24.651 -11.260 1.00 58.63 ? 38 LEU A CB  1 
HETATM 298 N  N   . MSE B 1 3  ? -15.656 7.636   4.657   1.00 43.16 ? 1  MSE B N   1 
HETATM 299 C  CA  . MSE B 1 3  ? -14.208 7.315   4.863   1.00 44.52 ? 1  MSE B CA  1 
HETATM 300 C  C   . MSE B 1 3  ? -13.830 7.278   6.337   1.00 42.03 ? 1  MSE B C   1 
HETATM 301 O  O   . MSE B 1 3  ? -12.748 6.824   6.670   1.00 36.89 ? 1  MSE B O   1 
HETATM 302 C  CB  . MSE B 1 3  ? -13.305 8.336   4.157   1.00 48.27 ? 1  MSE B CB  1 
HETATM 303 C  CG  . MSE B 1 3  ? -13.586 8.540   2.667   1.00 53.67 ? 1  MSE B CG  1 
HETATM 304 SE SE  . MSE B 1 3  ? -12.608 7.325   1.497   1.00 55.84 ? 1  MSE B SE  1 
HETATM 305 C  CE  . MSE B 1 3  ? -13.572 7.750   -0.162  1.00 63.70 ? 1  MSE B CE  1 
ATOM   306 N  N   . ARG B 1 4  ? -14.716 7.746   7.215   1.00 42.13 ? 2  ARG B N   1 
ATOM   307 C  CA  . ARG B 1 4  ? -14.401 7.881   8.639   1.00 43.05 ? 2  ARG B CA  1 
ATOM   308 C  C   . ARG B 1 4  ? -14.143 6.533   9.314   1.00 42.17 ? 2  ARG B C   1 
ATOM   309 O  O   . ARG B 1 4  ? -13.326 6.447   10.222  1.00 45.25 ? 2  ARG B O   1 
ATOM   310 C  CB  . ARG B 1 4  ? -15.527 8.629   9.379   1.00 44.61 ? 2  ARG B CB  1 
ATOM   311 N  N   . LYS B 1 5  ? -14.827 5.485   8.866   1.00 42.14 ? 3  LYS B N   1 
ATOM   312 C  CA  . LYS B 1 5  ? -14.658 4.158   9.457   1.00 42.33 ? 3  LYS B CA  1 
ATOM   313 C  C   . LYS B 1 5  ? -13.712 3.233   8.663   1.00 41.36 ? 3  LYS B C   1 
ATOM   314 O  O   . LYS B 1 5  ? -13.590 2.052   8.994   1.00 43.70 ? 3  LYS B O   1 
ATOM   315 C  CB  . LYS B 1 5  ? -16.018 3.488   9.652   1.00 43.24 ? 3  LYS B CB  1 
ATOM   316 N  N   . LEU B 1 6  ? -13.037 3.760   7.638   1.00 36.95 ? 4  LEU B N   1 
ATOM   317 C  CA  . LEU B 1 6  ? -12.000 2.994   6.938   1.00 34.49 ? 4  LEU B CA  1 
ATOM   318 C  C   . LEU B 1 6  ? -10.779 2.813   7.831   1.00 31.10 ? 4  LEU B C   1 
ATOM   319 O  O   . LEU B 1 6  ? -10.347 3.759   8.482   1.00 25.87 ? 4  LEU B O   1 
ATOM   320 C  CB  . LEU B 1 6  ? -11.563 3.719   5.669   1.00 36.74 ? 4  LEU B CB  1 
ATOM   321 C  CG  . LEU B 1 6  ? -12.174 3.246   4.362   1.00 44.67 ? 4  LEU B CG  1 
ATOM   322 C  CD1 . LEU B 1 6  ? -13.690 3.021   4.483   1.00 44.44 ? 4  LEU B CD1 1 
ATOM   323 C  CD2 . LEU B 1 6  ? -11.817 4.242   3.269   1.00 45.01 ? 4  LEU B CD2 1 
ATOM   324 N  N   . SER B 1 7  ? -10.194 1.620   7.843   1.00 31.78 ? 5  SER B N   1 
ATOM   325 C  CA  . SER B 1 7  ? -8.927  1.421   8.553   1.00 34.53 ? 5  SER B CA  1 
ATOM   326 C  C   . SER B 1 7  ? -7.849  2.230   7.844   1.00 31.23 ? 5  SER B C   1 
ATOM   327 O  O   . SER B 1 7  ? -7.966  2.486   6.646   1.00 29.74 ? 5  SER B O   1 
ATOM   328 C  CB  . SER B 1 7  ? -8.531  -0.050  8.543   1.00 34.26 ? 5  SER B CB  1 
ATOM   329 O  OG  . SER B 1 7  ? -8.163  -0.434  7.234   1.00 37.34 ? 5  SER B OG  1 
ATOM   330 N  N   . ASP B 1 8  ? -6.821  2.636   8.588   1.00 31.72 ? 6  ASP B N   1 
ATOM   331 C  CA  . ASP B 1 8  ? -5.687  3.395   8.037   1.00 31.68 ? 6  ASP B CA  1 
ATOM   332 C  C   . ASP B 1 8  ? -5.065  2.650   6.849   1.00 32.83 ? 6  ASP B C   1 
ATOM   333 O  O   . ASP B 1 8  ? -4.662  3.271   5.868   1.00 26.31 ? 6  ASP B O   1 
ATOM   334 C  CB  . ASP B 1 8  ? -4.608  3.636   9.091   1.00 33.76 ? 6  ASP B CB  1 
ATOM   335 C  CG  . ASP B 1 8  ? -5.007  4.676   10.138  1.00 37.51 ? 6  ASP B CG  1 
ATOM   336 O  OD1 . ASP B 1 8  ? -6.186  5.076   10.216  1.00 43.93 ? 6  ASP B OD1 1 
ATOM   337 O  OD2 . ASP B 1 8  ? -4.125  5.096   10.909  1.00 49.50 ? 6  ASP B OD2 1 
ATOM   338 N  N   . GLU B 1 9  ? -4.990  1.324   6.936   1.00 32.91 ? 7  GLU B N   1 
ATOM   339 C  CA  . GLU B 1 9  ? -4.350  0.555   5.875   1.00 36.07 ? 7  GLU B CA  1 
ATOM   340 C  C   . GLU B 1 9  ? -5.230  0.499   4.628   1.00 32.63 ? 7  GLU B C   1 
ATOM   341 O  O   . GLU B 1 9  ? -4.704  0.423   3.532   1.00 30.20 ? 7  GLU B O   1 
ATOM   342 C  CB  . GLU B 1 9  ? -3.928  -0.847  6.352   1.00 39.45 ? 7  GLU B CB  1 
ATOM   343 C  CG  . GLU B 1 9  ? -5.055  -1.832  6.627   1.00 45.62 ? 7  GLU B CG  1 
ATOM   344 C  CD  . GLU B 1 9  ? -4.555  -3.256  6.896   1.00 52.33 ? 7  GLU B CD  1 
ATOM   345 O  OE1 . GLU B 1 9  ? -3.447  -3.617  6.449   1.00 55.88 ? 7  GLU B OE1 1 
ATOM   346 O  OE2 . GLU B 1 9  ? -5.289  -4.032  7.536   1.00 62.62 ? 7  GLU B OE2 1 
ATOM   347 N  N   . LEU B 1 10 ? -6.563  0.538   4.784   1.00 29.95 ? 8  LEU B N   1 
ATOM   348 C  CA  . LEU B 1 10 ? -7.444  0.638   3.627   1.00 29.69 ? 8  LEU B CA  1 
ATOM   349 C  C   . LEU B 1 10 ? -7.378  2.034   3.025   1.00 26.49 ? 8  LEU B C   1 
ATOM   350 O  O   . LEU B 1 10 ? -7.514  2.183   1.816   1.00 28.07 ? 8  LEU B O   1 
ATOM   351 C  CB  . LEU B 1 10 ? -8.889  0.284   3.961   1.00 32.70 ? 8  LEU B CB  1 
ATOM   352 C  CG  . LEU B 1 10 ? -9.926  0.410   2.825   1.00 33.94 ? 8  LEU B CG  1 
ATOM   353 C  CD1 . LEU B 1 10 ? -9.512  -0.262  1.495   1.00 37.11 ? 8  LEU B CD1 1 
ATOM   354 C  CD2 . LEU B 1 10 ? -11.276 -0.174  3.308   1.00 37.12 ? 8  LEU B CD2 1 
ATOM   355 N  N   . LEU B 1 11 ? -7.171  3.053   3.865   1.00 25.35 ? 9  LEU B N   1 
ATOM   356 C  CA  . LEU B 1 11 ? -6.977  4.418   3.376   1.00 27.01 ? 9  LEU B CA  1 
ATOM   357 C  C   . LEU B 1 11 ? -5.687  4.573   2.574   1.00 24.70 ? 9  LEU B C   1 
ATOM   358 O  O   . LEU B 1 11 ? -5.652  5.289   1.576   1.00 24.10 ? 9  LEU B O   1 
ATOM   359 C  CB  . LEU B 1 11 ? -6.950  5.407   4.546   1.00 26.77 ? 9  LEU B CB  1 
ATOM   360 C  CG  . LEU B 1 11 ? -7.220  6.878   4.245   1.00 31.26 ? 9  LEU B CG  1 
ATOM   361 C  CD1 . LEU B 1 11 ? -8.523  7.103   3.430   1.00 32.21 ? 9  LEU B CD1 1 
ATOM   362 C  CD2 . LEU B 1 11 ? -7.267  7.628   5.575   1.00 29.59 ? 9  LEU B CD2 1 
ATOM   363 N  N   . ILE B 1 12 ? -4.630  3.897   3.012   1.00 25.16 ? 10 ILE B N   1 
ATOM   364 C  CA  . ILE B 1 12 ? -3.340  3.925   2.285   1.00 24.74 ? 10 ILE B CA  1 
ATOM   365 C  C   . ILE B 1 12 ? -3.502  3.255   0.940   1.00 26.35 ? 10 ILE B C   1 
ATOM   366 O  O   . ILE B 1 12 ? -3.129  3.798   -0.096  1.00 25.20 ? 10 ILE B O   1 
ATOM   367 C  CB  . ILE B 1 12 ? -2.218  3.200   3.075   1.00 24.21 ? 10 ILE B CB  1 
ATOM   368 C  CG1 . ILE B 1 12 ? -1.887  3.949   4.373   1.00 25.92 ? 10 ILE B CG1 1 
ATOM   369 C  CG2 . ILE B 1 12 ? -0.975  3.001   2.170   1.00 26.15 ? 10 ILE B CG2 1 
ATOM   370 C  CD1 . ILE B 1 12 ? -1.029  3.153   5.393   1.00 28.90 ? 10 ILE B CD1 1 
ATOM   371 N  N   . GLU B 1 13 ? -4.086  2.065   0.959   1.00 26.73 ? 11 GLU B N   1 
ATOM   372 C  CA  . GLU B 1 13 ? -4.346  1.318   -0.256  1.00 27.65 ? 11 GLU B CA  1 
ATOM   373 C  C   . GLU B 1 13 ? -5.190  2.119   -1.238  1.00 24.49 ? 11 GLU B C   1 
ATOM   374 O  O   . GLU B 1 13 ? -4.890  2.164   -2.436  1.00 26.95 ? 11 GLU B O   1 
ATOM   375 C  CB  . GLU B 1 13 ? -5.055  0.013   0.102   1.00 27.42 ? 11 GLU B CB  1 
ATOM   376 C  CG  . GLU B 1 13 ? -5.352  -0.890  -1.062  1.00 40.56 ? 11 GLU B CG  1 
ATOM   377 C  CD  . GLU B 1 13 ? -6.017  -2.195  -0.633  1.00 40.23 ? 11 GLU B CD  1 
ATOM   378 O  OE1 . GLU B 1 13 ? -5.840  -2.619  0.536   1.00 51.23 ? 11 GLU B OE1 1 
ATOM   379 O  OE2 . GLU B 1 13 ? -6.713  -2.787  -1.472  1.00 48.32 ? 11 GLU B OE2 1 
ATOM   380 N  N   . SER B 1 14 ? -6.269  2.710   -0.736  1.00 23.97 ? 12 SER B N   1 
ATOM   381 C  CA  . SER B 1 14 ? -7.220  3.479   -1.552  1.00 25.01 ? 12 SER B CA  1 
ATOM   382 C  C   . SER B 1 14 ? -6.577  4.681   -2.239  1.00 23.98 ? 12 SER B C   1 
ATOM   383 O  O   . SER B 1 14 ? -6.813  4.922   -3.405  1.00 24.86 ? 12 SER B O   1 
ATOM   384 C  CB  . SER B 1 14 ? -8.421  3.944   -0.685  1.00 26.85 ? 12 SER B CB  1 
ATOM   385 O  OG  . SER B 1 14 ? -9.132  2.818   -0.126  1.00 27.13 ? 12 SER B OG  1 
ATOM   386 N  N   . TYR B 1 15 ? -5.743  5.419   -1.525  1.00 24.88 ? 13 TYR B N   1 
ATOM   387 C  CA  . TYR B 1 15 ? -5.090  6.584   -2.109  1.00 25.55 ? 13 TYR B CA  1 
ATOM   388 C  C   . TYR B 1 15 ? -4.113  6.209   -3.237  1.00 26.33 ? 13 TYR B C   1 
ATOM   389 O  O   . TYR B 1 15 ? -4.114  6.841   -4.286  1.00 26.89 ? 13 TYR B O   1 
ATOM   390 C  CB  . TYR B 1 15 ? -4.377  7.366   -1.023  1.00 29.42 ? 13 TYR B CB  1 
ATOM   391 C  CG  . TYR B 1 15 ? -3.783  8.646   -1.517  1.00 30.10 ? 13 TYR B CG  1 
ATOM   392 C  CD1 . TYR B 1 15 ? -2.420  8.758   -1.728  1.00 36.63 ? 13 TYR B CD1 1 
ATOM   393 C  CD2 . TYR B 1 15 ? -4.587  9.738   -1.803  1.00 42.62 ? 13 TYR B CD2 1 
ATOM   394 C  CE1 . TYR B 1 15 ? -1.863  9.938   -2.210  1.00 49.41 ? 13 TYR B CE1 1 
ATOM   395 C  CE2 . TYR B 1 15 ? -4.041  10.927  -2.272  1.00 47.85 ? 13 TYR B CE2 1 
ATOM   396 C  CZ  . TYR B 1 15 ? -2.681  11.021  -2.472  1.00 50.09 ? 13 TYR B CZ  1 
ATOM   397 O  OH  . TYR B 1 15 ? -2.140  12.194  -2.947  1.00 55.95 ? 13 TYR B OH  1 
ATOM   398 N  N   . PHE B 1 16 ? -3.306  5.169   -3.036  1.00 23.91 ? 14 PHE B N   1 
ATOM   399 C  CA  . PHE B 1 16 ? -2.396  4.702   -4.090  1.00 24.35 ? 14 PHE B CA  1 
ATOM   400 C  C   . PHE B 1 16 ? -3.186  4.220   -5.297  1.00 24.03 ? 14 PHE B C   1 
ATOM   401 O  O   . PHE B 1 16 ? -2.916  4.625   -6.423  1.00 26.35 ? 14 PHE B O   1 
ATOM   402 C  CB  . PHE B 1 16 ? -1.456  3.602   -3.559  1.00 27.23 ? 14 PHE B CB  1 
ATOM   403 C  CG  . PHE B 1 16 ? -0.202  4.132   -2.883  1.00 21.37 ? 14 PHE B CG  1 
ATOM   404 C  CD1 . PHE B 1 16 ? 0.789   4.768   -3.627  1.00 40.23 ? 14 PHE B CD1 1 
ATOM   405 C  CD2 . PHE B 1 16 ? 0.000   3.974   -1.521  1.00 28.05 ? 14 PHE B CD2 1 
ATOM   406 C  CE1 . PHE B 1 16 ? 1.953   5.263   -3.005  1.00 39.74 ? 14 PHE B CE1 1 
ATOM   407 C  CE2 . PHE B 1 16 ? 1.157   4.445   -0.903  1.00 26.71 ? 14 PHE B CE2 1 
ATOM   408 C  CZ  . PHE B 1 16 ? 2.132   5.089   -1.638  1.00 34.44 ? 14 PHE B CZ  1 
ATOM   409 N  N   . LYS B 1 17 ? -4.190  3.378   -5.079  1.00 26.48 ? 15 LYS B N   1 
ATOM   410 C  CA  . LYS B 1 17 ? -4.975  2.859   -6.198  1.00 25.48 ? 15 LYS B CA  1 
ATOM   411 C  C   . LYS B 1 17 ? -5.701  3.987   -6.927  1.00 26.85 ? 15 LYS B C   1 
ATOM   412 O  O   . LYS B 1 17 ? -5.711  4.014   -8.158  1.00 24.85 ? 15 LYS B O   1 
ATOM   413 C  CB  . LYS B 1 17 ? -5.982  1.806   -5.747  1.00 25.44 ? 15 LYS B CB  1 
ATOM   414 C  CG  . LYS B 1 17 ? -5.420  0.488   -5.244  1.00 28.90 ? 15 LYS B CG  1 
ATOM   415 C  CD  . LYS B 1 17 ? -6.573  -0.517  -5.179  1.00 30.34 ? 15 LYS B CD  1 
ATOM   416 C  CE  . LYS B 1 17 ? -6.166  -1.860  -4.684  1.00 37.23 ? 15 LYS B CE  1 
ATOM   417 N  NZ  . LYS B 1 17 ? -7.328  -2.818  -4.661  1.00 38.64 ? 15 LYS B NZ  1 
ATOM   418 N  N   . ALA B 1 18 ? -6.306  4.914   -6.183  1.00 25.88 ? 16 ALA B N   1 
ATOM   419 C  CA  . ALA B 1 18 ? -7.129  5.972   -6.794  1.00 29.47 ? 16 ALA B CA  1 
ATOM   420 C  C   . ALA B 1 18 ? -6.285  6.905   -7.647  1.00 29.75 ? 16 ALA B C   1 
ATOM   421 O  O   . ALA B 1 18 ? -6.668  7.241   -8.773  1.00 30.68 ? 16 ALA B O   1 
ATOM   422 C  CB  . ALA B 1 18 ? -7.906  6.800   -5.719  1.00 25.82 ? 16 ALA B CB  1 
ATOM   423 N  N   . THR B 1 19 ? -5.143  7.313   -7.108  1.00 28.06 ? 17 THR B N   1 
ATOM   424 C  CA  . THR B 1 19 ? -4.239  8.220   -7.822  1.00 32.63 ? 17 THR B CA  1 
ATOM   425 C  C   . THR B 1 19 ? -3.536  7.512   -9.001  1.00 35.23 ? 17 THR B C   1 
ATOM   426 O  O   . THR B 1 19 ? -3.379  8.086   -10.065 1.00 35.95 ? 17 THR B O   1 
ATOM   427 C  CB  . THR B 1 19 ? -3.193  8.803   -6.869  1.00 30.29 ? 17 THR B CB  1 
ATOM   428 O  OG1 . THR B 1 19 ? -2.472  7.734   -6.249  1.00 33.13 ? 17 THR B OG1 1 
ATOM   429 C  CG2 . THR B 1 19 ? -3.861  9.632   -5.774  1.00 30.16 ? 17 THR B CG2 1 
ATOM   430 N  N   . GLU B 1 20 ? -3.117  6.262   -8.818  1.00 40.33 ? 18 GLU B N   1 
ATOM   431 C  CA  . GLU B 1 20 ? -2.469  5.526   -9.920  1.00 40.27 ? 18 GLU B CA  1 
ATOM   432 C  C   . GLU B 1 20 ? -3.441  5.159   -11.050 1.00 42.67 ? 18 GLU B C   1 
ATOM   433 O  O   . GLU B 1 20 ? -3.053  5.135   -12.219 1.00 43.91 ? 18 GLU B O   1 
ATOM   434 C  CB  . GLU B 1 20 ? -1.731  4.285   -9.402  1.00 39.81 ? 18 GLU B CB  1 
ATOM   435 C  CG  . GLU B 1 20 ? -0.540  4.628   -8.514  1.00 39.43 ? 18 GLU B CG  1 
ATOM   436 C  CD  . GLU B 1 20 ? 0.579   5.361   -9.251  1.00 41.07 ? 18 GLU B CD  1 
ATOM   437 O  OE1 . GLU B 1 20 ? 1.335   6.098   -8.599  1.00 41.00 ? 18 GLU B OE1 1 
ATOM   438 O  OE2 . GLU B 1 20 ? 0.719   5.200   -10.482 1.00 48.17 ? 18 GLU B OE2 1 
HETATM 439 N  N   . MSE B 1 21 ? -4.697  4.900   -10.712 1.00 41.46 ? 19 MSE B N   1 
HETATM 440 C  CA  . MSE B 1 21 ? -5.705  4.547   -11.708 1.00 43.78 ? 19 MSE B CA  1 
HETATM 441 C  C   . MSE B 1 21 ? -6.396  5.750   -12.345 1.00 43.31 ? 19 MSE B C   1 
HETATM 442 O  O   . MSE B 1 21 ? -7.275  5.566   -13.177 1.00 44.90 ? 19 MSE B O   1 
HETATM 443 C  CB  . MSE B 1 21 ? -6.775  3.661   -11.076 1.00 42.77 ? 19 MSE B CB  1 
HETATM 444 C  CG  . MSE B 1 21 ? -6.269  2.289   -10.696 1.00 48.67 ? 19 MSE B CG  1 
HETATM 445 SE SE  . MSE B 1 21 ? -7.641  1.301   -9.713  1.00 52.94 ? 19 MSE B SE  1 
HETATM 446 C  CE  . MSE B 1 21 ? -6.649  -0.364  -9.559  1.00 53.35 ? 19 MSE B CE  1 
ATOM   447 N  N   . ASN B 1 22 ? -6.031  6.963   -11.935 1.00 43.63 ? 20 ASN B N   1 
ATOM   448 C  CA  . ASN B 1 22 ? -6.625  8.184   -12.495 1.00 47.39 ? 20 ASN B CA  1 
ATOM   449 C  C   . ASN B 1 22 ? -8.132  8.314   -12.237 1.00 47.56 ? 20 ASN B C   1 
ATOM   450 O  O   . ASN B 1 22 ? -8.862  8.850   -13.079 1.00 47.63 ? 20 ASN B O   1 
ATOM   451 C  CB  . ASN B 1 22 ? -6.355  8.257   -14.007 1.00 47.61 ? 20 ASN B CB  1 
ATOM   452 N  N   . LEU B 1 23 ? -8.590  7.823   -11.081 1.00 44.47 ? 21 LEU B N   1 
ATOM   453 C  CA  . LEU B 1 23 ? -10.003 7.903   -10.680 1.00 43.07 ? 21 LEU B CA  1 
ATOM   454 C  C   . LEU B 1 23 ? -10.511 9.355   -10.521 1.00 43.72 ? 21 LEU B C   1 
ATOM   455 O  O   . LEU B 1 23 ? -9.724  10.295  -10.443 1.00 43.77 ? 21 LEU B O   1 
ATOM   456 C  CB  . LEU B 1 23 ? -10.236 7.090   -9.388  1.00 42.64 ? 21 LEU B CB  1 
ATOM   457 C  CG  . LEU B 1 23 ? -10.648 5.621   -9.575  1.00 42.19 ? 21 LEU B CG  1 
ATOM   458 C  CD1 . LEU B 1 23 ? -9.795  4.877   -10.593 1.00 48.83 ? 21 LEU B CD1 1 
ATOM   459 C  CD2 . LEU B 1 23 ? -10.650 4.869   -8.264  1.00 39.64 ? 21 LEU B CD2 1 
ATOM   460 N  N   . ASN B 1 24 ? -11.833 9.519   -10.489 1.00 45.49 ? 22 ASN B N   1 
ATOM   461 C  CA  . ASN B 1 24 ? -12.479 10.823  -10.278 1.00 45.63 ? 22 ASN B CA  1 
ATOM   462 C  C   . ASN B 1 24 ? -11.719 11.702  -9.283  1.00 45.53 ? 22 ASN B C   1 
ATOM   463 O  O   . ASN B 1 24 ? -11.469 11.278  -8.147  1.00 42.59 ? 22 ASN B O   1 
ATOM   464 C  CB  . ASN B 1 24 ? -13.919 10.616  -9.769  1.00 46.10 ? 22 ASN B CB  1 
ATOM   465 N  N   . ARG B 1 25 ? -11.366 12.928  -9.686  1.00 44.77 ? 23 ARG B N   1 
ATOM   466 C  CA  . ARG B 1 25 ? -10.652 13.839  -8.779  1.00 43.31 ? 23 ARG B CA  1 
ATOM   467 C  C   . ARG B 1 25 ? -11.485 14.164  -7.525  1.00 43.13 ? 23 ARG B C   1 
ATOM   468 O  O   . ARG B 1 25 ? -10.934 14.532  -6.482  1.00 43.27 ? 23 ARG B O   1 
ATOM   469 C  CB  . ARG B 1 25 ? -10.214 15.116  -9.498  1.00 44.89 ? 23 ARG B CB  1 
ATOM   470 N  N   . ASP B 1 26 ? -12.803 13.997  -7.612  1.00 41.77 ? 24 ASP B N   1 
ATOM   471 C  CA  . ASP B 1 26 ? -13.669 14.167  -6.439  1.00 41.58 ? 24 ASP B CA  1 
ATOM   472 C  C   . ASP B 1 26 ? -13.482 13.036  -5.437  1.00 39.31 ? 24 ASP B C   1 
ATOM   473 O  O   . ASP B 1 26 ? -13.523 13.252  -4.226  1.00 36.73 ? 24 ASP B O   1 
ATOM   474 C  CB  . ASP B 1 26 ? -15.144 14.208  -6.851  1.00 42.16 ? 24 ASP B CB  1 
ATOM   475 C  CG  . ASP B 1 26 ? -15.488 15.430  -7.671  1.00 47.66 ? 24 ASP B CG  1 
ATOM   476 O  OD1 . ASP B 1 26 ? -14.666 16.367  -7.735  1.00 56.57 ? 24 ASP B OD1 1 
ATOM   477 O  OD2 . ASP B 1 26 ? -16.587 15.450  -8.265  1.00 57.46 ? 24 ASP B OD2 1 
ATOM   478 N  N   . PHE B 1 27 ? -13.317 11.822  -5.942  1.00 37.44 ? 25 PHE B N   1 
ATOM   479 C  CA  . PHE B 1 27 ? -13.118 10.673  -5.069  1.00 37.23 ? 25 PHE B CA  1 
ATOM   480 C  C   . PHE B 1 27 ? -11.741 10.780  -4.412  1.00 35.75 ? 25 PHE B C   1 
ATOM   481 O  O   . PHE B 1 27 ? -11.603 10.545  -3.225  1.00 33.14 ? 25 PHE B O   1 
ATOM   482 C  CB  . PHE B 1 27 ? -13.261 9.396   -5.876  1.00 38.97 ? 25 PHE B CB  1 
ATOM   483 C  CG  . PHE B 1 27 ? -13.040 8.154   -5.095  1.00 39.93 ? 25 PHE B CG  1 
ATOM   484 C  CD1 . PHE B 1 27 ? -13.863 7.832   -4.021  1.00 43.51 ? 25 PHE B CD1 1 
ATOM   485 C  CD2 . PHE B 1 27 ? -12.019 7.281   -5.439  1.00 41.05 ? 25 PHE B CD2 1 
ATOM   486 C  CE1 . PHE B 1 27 ? -13.658 6.664   -3.305  1.00 39.53 ? 25 PHE B CE1 1 
ATOM   487 C  CE2 . PHE B 1 27 ? -11.827 6.114   -4.727  1.00 39.65 ? 25 PHE B CE2 1 
ATOM   488 C  CZ  . PHE B 1 27 ? -12.642 5.811   -3.660  1.00 38.27 ? 25 PHE B CZ  1 
ATOM   489 N  N   . ILE B 1 28 ? -10.739 11.190  -5.184  1.00 35.40 ? 26 ILE B N   1 
ATOM   490 C  CA  . ILE B 1 28 ? -9.407  11.415  -4.645  1.00 35.22 ? 26 ILE B CA  1 
ATOM   491 C  C   . ILE B 1 28 ? -9.454  12.504  -3.562  1.00 36.15 ? 26 ILE B C   1 
ATOM   492 O  O   . ILE B 1 28 ? -8.847  12.349  -2.504  1.00 32.48 ? 26 ILE B O   1 
ATOM   493 C  CB  . ILE B 1 28 ? -8.374  11.745  -5.769  1.00 37.39 ? 26 ILE B CB  1 
ATOM   494 C  CG1 . ILE B 1 28 ? -8.229  10.551  -6.727  1.00 39.74 ? 26 ILE B CG1 1 
ATOM   495 C  CG2 . ILE B 1 28 ? -7.014  12.126  -5.178  1.00 34.00 ? 26 ILE B CG2 1 
ATOM   496 C  CD1 . ILE B 1 28 ? -7.330  10.814  -7.944  1.00 37.78 ? 26 ILE B CD1 1 
ATOM   497 N  N   . GLU B 1 29 ? -10.216 13.578  -3.801  1.00 35.26 ? 27 GLU B N   1 
ATOM   498 C  CA  . GLU B 1 29 ? -10.406 14.639  -2.793  1.00 36.46 ? 27 GLU B CA  1 
ATOM   499 C  C   . GLU B 1 29 ? -11.066 14.145  -1.498  1.00 36.08 ? 27 GLU B C   1 
ATOM   500 O  O   . GLU B 1 29 ? -10.705 14.620  -0.402  1.00 34.79 ? 27 GLU B O   1 
ATOM   501 C  CB  . GLU B 1 29 ? -11.215 15.818  -3.377  1.00 36.53 ? 27 GLU B CB  1 
ATOM   502 N  N   . LEU B 1 30 ? -12.008 13.196  -1.601  1.00 32.71 ? 28 LEU B N   1 
ATOM   503 C  CA  . LEU B 1 30 ? -12.632 12.597  -0.402  1.00 30.82 ? 28 LEU B CA  1 
ATOM   504 C  C   . LEU B 1 30 ? -11.591 11.847  0.423   1.00 32.23 ? 28 LEU B C   1 
ATOM   505 O  O   . LEU B 1 30 ? -11.555 11.945  1.651   1.00 31.33 ? 28 LEU B O   1 
ATOM   506 C  CB  . LEU B 1 30 ? -13.776 11.640  -0.768  1.00 30.99 ? 28 LEU B CB  1 
ATOM   507 N  N   . ILE B 1 31 ? -10.732 11.097  -0.264  1.00 33.98 ? 29 ILE B N   1 
ATOM   508 C  CA  . ILE B 1 31 ? -9.644  10.370  0.409   1.00 31.34 ? 29 ILE B CA  1 
ATOM   509 C  C   . ILE B 1 31 ? -8.617  11.326  0.999   1.00 28.62 ? 29 ILE B C   1 
ATOM   510 O  O   . ILE B 1 31 ? -8.216  11.159  2.155   1.00 31.29 ? 29 ILE B O   1 
ATOM   511 C  CB  . ILE B 1 31 ? -8.908  9.394   -0.550  1.00 29.67 ? 29 ILE B CB  1 
ATOM   512 C  CG1 . ILE B 1 31 ? -9.887  8.382   -1.144  1.00 27.08 ? 29 ILE B CG1 1 
ATOM   513 C  CG2 . ILE B 1 31 ? -7.765  8.701   0.195   1.00 26.11 ? 29 ILE B CG2 1 
ATOM   514 C  CD1 . ILE B 1 31 ? -9.326  7.616   -2.326  1.00 31.96 ? 29 ILE B CD1 1 
ATOM   515 N  N   . GLU B 1 32 ? -8.180  12.310  0.212   1.00 30.66 ? 30 GLU B N   1 
ATOM   516 C  CA  . GLU B 1 32 ? -7.225  13.340  0.701   1.00 33.31 ? 30 GLU B CA  1 
ATOM   517 C  C   . GLU B 1 32 ? -7.742  14.102  1.910   1.00 33.03 ? 30 GLU B C   1 
ATOM   518 O  O   . GLU B 1 32 ? -6.977  14.388  2.821   1.00 31.63 ? 30 GLU B O   1 
ATOM   519 C  CB  . GLU B 1 32 ? -6.822  14.330  -0.416  1.00 35.04 ? 30 GLU B CB  1 
ATOM   520 C  CG  . GLU B 1 32 ? -5.883  13.701  -1.427  1.00 42.31 ? 30 GLU B CG  1 
ATOM   521 C  CD  . GLU B 1 32 ? -5.509  14.602  -2.600  1.00 50.76 ? 30 GLU B CD  1 
ATOM   522 O  OE1 . GLU B 1 32 ? -6.311  15.476  -2.994  1.00 54.14 ? 30 GLU B OE1 1 
ATOM   523 O  OE2 . GLU B 1 32 ? -4.407  14.404  -3.150  1.00 50.52 ? 30 GLU B OE2 1 
ATOM   524 N  N   . ASN B 1 33 ? -9.044  14.388  1.942   1.00 33.09 ? 31 ASN B N   1 
ATOM   525 C  CA  . ASN B 1 33 ? -9.647  15.072  3.088   1.00 34.04 ? 31 ASN B CA  1 
ATOM   526 C  C   . ASN B 1 33 ? -9.620  14.216  4.331   1.00 33.55 ? 31 ASN B C   1 
ATOM   527 O  O   . ASN B 1 33 ? -9.380  14.718  5.415   1.00 29.07 ? 31 ASN B O   1 
ATOM   528 C  CB  . ASN B 1 33 ? -11.104 15.494  2.794   1.00 37.32 ? 31 ASN B CB  1 
ATOM   529 C  CG  . ASN B 1 33 ? -11.188 16.725  1.910   1.00 41.94 ? 31 ASN B CG  1 
ATOM   530 O  OD1 . ASN B 1 33 ? -10.204 17.436  1.729   1.00 48.69 ? 31 ASN B OD1 1 
ATOM   531 N  ND2 . ASN B 1 33 ? -12.369 16.982  1.363   1.00 50.33 ? 31 ASN B ND2 1 
ATOM   532 N  N   . GLU B 1 34 ? -9.892  12.919  4.182   1.00 32.97 ? 32 GLU B N   1 
ATOM   533 C  CA  . GLU B 1 34 ? -9.880  12.017  5.329   1.00 32.33 ? 32 GLU B CA  1 
ATOM   534 C  C   . GLU B 1 34 ? -8.474  11.782  5.878   1.00 33.46 ? 32 GLU B C   1 
ATOM   535 O  O   . GLU B 1 34 ? -8.297  11.712  7.096   1.00 30.27 ? 32 GLU B O   1 
ATOM   536 C  CB  . GLU B 1 34 ? -10.553 10.685  4.980   1.00 34.72 ? 32 GLU B CB  1 
ATOM   537 C  CG  . GLU B 1 34 ? -10.563 9.669   6.102   1.00 39.10 ? 32 GLU B CG  1 
ATOM   538 C  CD  . GLU B 1 34 ? -11.293 10.149  7.356   1.00 45.67 ? 32 GLU B CD  1 
ATOM   539 O  OE1 . GLU B 1 34 ? -12.065 11.133  7.276   1.00 39.85 ? 32 GLU B OE1 1 
ATOM   540 O  OE2 . GLU B 1 34 ? -11.110 9.521   8.429   1.00 43.58 ? 32 GLU B OE2 1 
ATOM   541 N  N   . ILE B 1 35 ? -7.488  11.638  4.988   1.00 33.86 ? 33 ILE B N   1 
ATOM   542 C  CA  . ILE B 1 35 ? -6.074  11.579  5.383   1.00 35.92 ? 33 ILE B CA  1 
ATOM   543 C  C   . ILE B 1 35 ? -5.689  12.809  6.237   1.00 36.34 ? 33 ILE B C   1 
ATOM   544 O  O   . ILE B 1 35 ? -5.094  12.678  7.309   1.00 35.65 ? 33 ILE B O   1 
ATOM   545 C  CB  . ILE B 1 35 ? -5.129  11.526  4.150   1.00 32.49 ? 33 ILE B CB  1 
ATOM   546 C  CG1 . ILE B 1 35 ? -5.320  10.217  3.359   1.00 34.71 ? 33 ILE B CG1 1 
ATOM   547 C  CG2 . ILE B 1 35 ? -3.688  11.621  4.591   1.00 39.65 ? 33 ILE B CG2 1 
ATOM   548 C  CD1 . ILE B 1 35 ? -4.561  10.171  2.064   1.00 28.19 ? 33 ILE B CD1 1 
ATOM   549 N  N   . LYS B 1 36 ? -6.019  13.998  5.741   1.00 38.58 ? 34 LYS B N   1 
ATOM   550 C  CA  . LYS B 1 36 ? -5.716  15.243  6.455   1.00 39.82 ? 34 LYS B CA  1 
ATOM   551 C  C   . LYS B 1 36 ? -6.501  15.322  7.782   1.00 42.01 ? 34 LYS B C   1 
ATOM   552 O  O   . LYS B 1 36 ? -5.940  15.706  8.810   1.00 47.61 ? 34 LYS B O   1 
ATOM   553 C  CB  . LYS B 1 36 ? -5.980  16.462  5.556   1.00 39.13 ? 34 LYS B CB  1 
ATOM   554 N  N   . ARG B 1 37 ? -7.778  14.931  7.776   1.00 43.13 ? 35 ARG B N   1 
ATOM   555 C  CA  . ARG B 1 37 ? -8.567  14.853  9.017   1.00 44.55 ? 35 ARG B CA  1 
ATOM   556 C  C   . ARG B 1 37 ? -7.876  14.019  10.090  1.00 46.22 ? 35 ARG B C   1 
ATOM   557 O  O   . ARG B 1 37 ? -7.914  14.363  11.274  1.00 49.31 ? 35 ARG B O   1 
ATOM   558 C  CB  . ARG B 1 37 ? -9.967  14.261  8.758   1.00 46.91 ? 35 ARG B CB  1 
ATOM   559 C  CG  . ARG B 1 37 ? -10.959 14.480  9.905   1.00 49.38 ? 35 ARG B CG  1 
ATOM   560 C  CD  . ARG B 1 37 ? -12.270 13.747  9.688   1.00 54.07 ? 35 ARG B CD  1 
ATOM   561 N  NE  . ARG B 1 37 ? -12.113 12.296  9.812   1.00 60.29 ? 35 ARG B NE  1 
ATOM   562 C  CZ  . ARG B 1 37 ? -12.135 11.606  10.955  1.00 62.00 ? 35 ARG B CZ  1 
ATOM   563 N  NH1 . ARG B 1 37 ? -12.331 12.212  12.121  1.00 62.40 ? 35 ARG B NH1 1 
ATOM   564 N  NH2 . ARG B 1 37 ? -11.971 10.282  10.930  1.00 63.19 ? 35 ARG B NH2 1 
ATOM   565 N  N   . ARG B 1 38 ? -7.257  12.916  9.676   1.00 44.24 ? 36 ARG B N   1 
ATOM   566 C  CA  . ARG B 1 38 ? -6.587  12.012  10.604  1.00 44.28 ? 36 ARG B CA  1 
ATOM   567 C  C   . ARG B 1 38 ? -5.256  12.538  11.093  1.00 44.98 ? 36 ARG B C   1 
ATOM   568 O  O   . ARG B 1 38 ? -4.869  12.239  12.203  1.00 45.09 ? 36 ARG B O   1 
ATOM   569 C  CB  . ARG B 1 38 ? -6.392  10.637  9.977   1.00 43.73 ? 36 ARG B CB  1 
ATOM   570 C  CG  . ARG B 1 38 ? -7.686  9.919   9.823   1.00 42.53 ? 36 ARG B CG  1 
ATOM   571 C  CD  . ARG B 1 38 ? -7.537  8.501   9.328   1.00 39.28 ? 36 ARG B CD  1 
ATOM   572 N  NE  . ARG B 1 38 ? -8.866  7.990   9.010   1.00 35.03 ? 36 ARG B NE  1 
ATOM   573 C  CZ  . ARG B 1 38 ? -9.189  6.714   8.845   1.00 37.40 ? 36 ARG B CZ  1 
ATOM   574 N  NH1 . ARG B 1 38 ? -8.285  5.752   8.968   1.00 34.33 ? 36 ARG B NH1 1 
ATOM   575 N  NH2 . ARG B 1 38 ? -10.444 6.404   8.547   1.00 38.22 ? 36 ARG B NH2 1 
ATOM   576 N  N   . SER B 1 39 ? -4.554  13.310  10.270  1.00 47.93 ? 37 SER B N   1 
ATOM   577 C  CA  . SER B 1 39 ? -3.271  13.878  10.671  1.00 50.34 ? 37 SER B CA  1 
ATOM   578 C  C   . SER B 1 39 ? -3.435  14.891  11.802  1.00 51.69 ? 37 SER B C   1 
ATOM   579 O  O   . SER B 1 39 ? -2.752  14.794  12.817  1.00 52.81 ? 37 SER B O   1 
ATOM   580 C  CB  . SER B 1 39 ? -2.577  14.554  9.489   1.00 51.62 ? 37 SER B CB  1 
ATOM   581 O  OG  . SER B 1 39 ? -3.154  15.823  9.234   1.00 56.37 ? 37 SER B OG  1 
ATOM   582 N  N   . LYS C 1 5  ? -5.015  -6.818  5.446   1.00 53.39 ? 3  LYS C N   1 
ATOM   583 C  CA  . LYS C 1 5  ? -5.331  -6.089  4.183   1.00 52.09 ? 3  LYS C CA  1 
ATOM   584 C  C   . LYS C 1 5  ? -4.058  -5.753  3.396   1.00 52.69 ? 3  LYS C C   1 
ATOM   585 O  O   . LYS C 1 5  ? -3.905  -6.165  2.233   1.00 51.50 ? 3  LYS C O   1 
ATOM   586 C  CB  . LYS C 1 5  ? -6.139  -4.819  4.485   1.00 54.46 ? 3  LYS C CB  1 
ATOM   587 N  N   . LEU C 1 6  ? -3.160  -4.987  4.019   1.00 49.84 ? 4  LEU C N   1 
ATOM   588 C  CA  . LEU C 1 6  ? -1.815  -4.753  3.473   1.00 47.27 ? 4  LEU C CA  1 
ATOM   589 C  C   . LEU C 1 6  ? -0.803  -5.594  4.242   1.00 43.17 ? 4  LEU C C   1 
ATOM   590 O  O   . LEU C 1 6  ? -0.646  -5.408  5.439   1.00 42.05 ? 4  LEU C O   1 
ATOM   591 C  CB  . LEU C 1 6  ? -1.400  -3.281  3.639   1.00 46.76 ? 4  LEU C CB  1 
ATOM   592 C  CG  . LEU C 1 6  ? -1.834  -2.270  2.594   1.00 44.01 ? 4  LEU C CG  1 
ATOM   593 C  CD1 . LEU C 1 6  ? -1.098  -0.946  2.807   1.00 32.44 ? 4  LEU C CD1 1 
ATOM   594 C  CD2 . LEU C 1 6  ? -1.594  -2.825  1.212   1.00 35.13 ? 4  LEU C CD2 1 
ATOM   595 N  N   . SER C 1 7  ? -0.098  -6.485  3.555   1.00 42.95 ? 5  SER C N   1 
ATOM   596 C  CA  . SER C 1 7  ? 0.984   -7.235  4.196   1.00 42.79 ? 5  SER C CA  1 
ATOM   597 C  C   . SER C 1 7  ? 2.075   -6.266  4.647   1.00 44.13 ? 5  SER C C   1 
ATOM   598 O  O   . SER C 1 7  ? 2.184   -5.143  4.121   1.00 40.93 ? 5  SER C O   1 
ATOM   599 C  CB  . SER C 1 7  ? 1.559   -8.272  3.243   1.00 43.70 ? 5  SER C CB  1 
ATOM   600 O  OG  . SER C 1 7  ? 2.401   -7.681  2.268   1.00 44.13 ? 5  SER C OG  1 
ATOM   601 N  N   . ASP C 1 8  ? 2.862   -6.694  5.636   1.00 43.06 ? 6  ASP C N   1 
ATOM   602 C  CA  . ASP C 1 8  ? 3.986   -5.905  6.129   1.00 40.92 ? 6  ASP C CA  1 
ATOM   603 C  C   . ASP C 1 8  ? 4.846   -5.440  4.967   1.00 35.13 ? 6  ASP C C   1 
ATOM   604 O  O   . ASP C 1 8  ? 5.222   -4.268  4.902   1.00 35.17 ? 6  ASP C O   1 
ATOM   605 C  CB  . ASP C 1 8  ? 4.840   -6.722  7.108   1.00 42.10 ? 6  ASP C CB  1 
ATOM   606 C  CG  . ASP C 1 8  ? 4.165   -6.927  8.462   1.00 47.23 ? 6  ASP C CG  1 
ATOM   607 O  OD1 . ASP C 1 8  ? 4.681   -7.743  9.256   1.00 53.62 ? 6  ASP C OD1 1 
ATOM   608 O  OD2 . ASP C 1 8  ? 3.127   -6.284  8.735   1.00 47.90 ? 6  ASP C OD2 1 
ATOM   609 N  N   . GLU C 1 9  ? 5.124   -6.358  4.037   1.00 34.60 ? 7  GLU C N   1 
ATOM   610 C  CA  . GLU C 1 9  ? 6.017   -6.078  2.918   1.00 34.08 ? 7  GLU C CA  1 
ATOM   611 C  C   . GLU C 1 9  ? 5.394   -5.047  1.984   1.00 31.19 ? 7  GLU C C   1 
ATOM   612 O  O   . GLU C 1 9  ? 6.085   -4.150  1.536   1.00 26.75 ? 7  GLU C O   1 
ATOM   613 C  CB  . GLU C 1 9  ? 6.360   -7.352  2.134   1.00 34.06 ? 7  GLU C CB  1 
ATOM   614 N  N   . LEU C 1 10 ? 4.089   -5.163  1.726   1.00 30.06 ? 8  LEU C N   1 
ATOM   615 C  CA  . LEU C 1 10 ? 3.374   -4.168  0.902   1.00 29.09 ? 8  LEU C CA  1 
ATOM   616 C  C   . LEU C 1 10 ? 3.382   -2.788  1.559   1.00 28.20 ? 8  LEU C C   1 
ATOM   617 O  O   . LEU C 1 10 ? 3.567   -1.772  0.872   1.00 28.32 ? 8  LEU C O   1 
ATOM   618 C  CB  . LEU C 1 10 ? 1.922   -4.619  0.628   1.00 32.91 ? 8  LEU C CB  1 
ATOM   619 C  CG  . LEU C 1 10 ? 1.583   -5.608  -0.505  1.00 40.00 ? 8  LEU C CG  1 
ATOM   620 C  CD1 . LEU C 1 10 ? 0.672   -4.987  -1.587  1.00 38.24 ? 8  LEU C CD1 1 
ATOM   621 C  CD2 . LEU C 1 10 ? 2.796   -6.236  -1.143  1.00 47.14 ? 8  LEU C CD2 1 
ATOM   622 N  N   . LEU C 1 11 ? 3.185   -2.742  2.883   1.00 28.19 ? 9  LEU C N   1 
ATOM   623 C  CA  . LEU C 1 11 ? 3.159   -1.479  3.636   1.00 26.49 ? 9  LEU C CA  1 
ATOM   624 C  C   . LEU C 1 11 ? 4.509   -0.749  3.584   1.00 30.35 ? 9  LEU C C   1 
ATOM   625 O  O   . LEU C 1 11 ? 4.565   0.473   3.394   1.00 30.87 ? 9  LEU C O   1 
ATOM   626 C  CB  . LEU C 1 11 ? 2.757   -1.734  5.112   1.00 29.71 ? 9  LEU C CB  1 
ATOM   627 C  CG  . LEU C 1 11 ? 2.825   -0.563  6.096   1.00 28.42 ? 9  LEU C CG  1 
ATOM   628 C  CD1 . LEU C 1 11 ? 1.882   0.577   5.658   1.00 34.75 ? 9  LEU C CD1 1 
ATOM   629 C  CD2 . LEU C 1 11 ? 2.499   -0.978  7.552   1.00 27.22 ? 9  LEU C CD2 1 
ATOM   630 N  N   . ILE C 1 12 ? 5.587   -1.505  3.765   1.00 28.50 ? 10 ILE C N   1 
ATOM   631 C  CA  . ILE C 1 12 ? 6.939   -0.963  3.730   1.00 29.13 ? 10 ILE C CA  1 
ATOM   632 C  C   . ILE C 1 12 ? 7.226   -0.456  2.340   1.00 26.34 ? 10 ILE C C   1 
ATOM   633 O  O   . ILE C 1 12 ? 7.718   0.652   2.187   1.00 27.96 ? 10 ILE C O   1 
ATOM   634 C  CB  . ILE C 1 12 ? 8.011   -2.027  4.115   1.00 30.57 ? 10 ILE C CB  1 
ATOM   635 C  CG1 . ILE C 1 12 ? 7.821   -2.493  5.564   1.00 34.11 ? 10 ILE C CG1 1 
ATOM   636 C  CG2 . ILE C 1 12 ? 9.419   -1.460  3.914   1.00 33.06 ? 10 ILE C CG2 1 
ATOM   637 C  CD1 . ILE C 1 12 ? 7.908   -1.397  6.578   1.00 41.79 ? 10 ILE C CD1 1 
ATOM   638 N  N   . GLU C 1 13 ? 6.880   -1.245  1.322   1.00 28.72 ? 11 GLU C N   1 
ATOM   639 C  CA  . GLU C 1 13 ? 7.001   -0.785  -0.076  1.00 29.34 ? 11 GLU C CA  1 
ATOM   640 C  C   . GLU C 1 13 ? 6.163   0.464   -0.363  1.00 28.68 ? 11 GLU C C   1 
ATOM   641 O  O   . GLU C 1 13 ? 6.574   1.318   -1.161  1.00 30.07 ? 11 GLU C O   1 
ATOM   642 C  CB  . GLU C 1 13 ? 6.639   -1.899  -1.069  1.00 27.82 ? 11 GLU C CB  1 
ATOM   643 C  CG  . GLU C 1 13 ? 7.652   -3.032  -1.118  1.00 31.85 ? 11 GLU C CG  1 
ATOM   644 C  CD  . GLU C 1 13 ? 9.045   -2.615  -1.651  1.00 35.99 ? 11 GLU C CD  1 
ATOM   645 O  OE1 . GLU C 1 13 ? 9.182   -1.589  -2.358  1.00 37.25 ? 11 GLU C OE1 1 
ATOM   646 O  OE2 . GLU C 1 13 ? 10.021  -3.337  -1.362  1.00 30.40 ? 11 GLU C OE2 1 
ATOM   647 N  N   . SER C 1 14 ? 5.013   0.588   0.300   1.00 25.90 ? 12 SER C N   1 
ATOM   648 C  CA  . SER C 1 14 ? 4.178   1.794   0.193   1.00 25.90 ? 12 SER C CA  1 
ATOM   649 C  C   . SER C 1 14 ? 4.887   3.025   0.765   1.00 27.11 ? 12 SER C C   1 
ATOM   650 O  O   . SER C 1 14 ? 4.833   4.120   0.191   1.00 27.10 ? 12 SER C O   1 
ATOM   651 C  CB  . SER C 1 14 ? 2.836   1.589   0.912   1.00 28.73 ? 12 SER C CB  1 
ATOM   652 O  OG  . SER C 1 14 ? 2.071   0.632   0.212   1.00 39.50 ? 12 SER C OG  1 
ATOM   653 N  N   . TYR C 1 15 ? 5.547   2.835   1.900   1.00 30.19 ? 13 TYR C N   1 
ATOM   654 C  CA  . TYR C 1 15 ? 6.371   3.888   2.483   1.00 31.57 ? 13 TYR C CA  1 
ATOM   655 C  C   . TYR C 1 15 ? 7.476   4.353   1.535   1.00 31.54 ? 13 TYR C C   1 
ATOM   656 O  O   . TYR C 1 15 ? 7.633   5.547   1.304   1.00 29.92 ? 13 TYR C O   1 
ATOM   657 C  CB  . TYR C 1 15 ? 6.959   3.422   3.806   1.00 34.18 ? 13 TYR C CB  1 
ATOM   658 C  CG  . TYR C 1 15 ? 7.667   4.526   4.531   1.00 35.35 ? 13 TYR C CG  1 
ATOM   659 C  CD1 . TYR C 1 15 ? 9.049   4.505   4.698   1.00 47.27 ? 13 TYR C CD1 1 
ATOM   660 C  CD2 . TYR C 1 15 ? 6.964   5.613   5.012   1.00 40.17 ? 13 TYR C CD2 1 
ATOM   661 C  CE1 . TYR C 1 15 ? 9.703   5.544   5.360   1.00 51.79 ? 13 TYR C CE1 1 
ATOM   662 C  CE2 . TYR C 1 15 ? 7.607   6.652   5.660   1.00 49.21 ? 13 TYR C CE2 1 
ATOM   663 C  CZ  . TYR C 1 15 ? 8.967   6.613   5.840   1.00 52.26 ? 13 TYR C CZ  1 
ATOM   664 O  OH  . TYR C 1 15 ? 9.579   7.658   6.501   1.00 60.39 ? 13 TYR C OH  1 
ATOM   665 N  N   . PHE C 1 16 ? 8.210   3.407   0.958   1.00 30.37 ? 14 PHE C N   1 
ATOM   666 C  CA  . PHE C 1 16 ? 9.279   3.723   0.028   1.00 31.65 ? 14 PHE C CA  1 
ATOM   667 C  C   . PHE C 1 16 ? 8.746   4.452   -1.183  1.00 34.72 ? 14 PHE C C   1 
ATOM   668 O  O   . PHE C 1 16 ? 9.356   5.412   -1.620  1.00 33.56 ? 14 PHE C O   1 
ATOM   669 C  CB  . PHE C 1 16 ? 10.028  2.466   -0.444  1.00 33.28 ? 14 PHE C CB  1 
ATOM   670 C  CG  . PHE C 1 16 ? 10.699  1.688   0.659   1.00 33.75 ? 14 PHE C CG  1 
ATOM   671 C  CD1 . PHE C 1 16 ? 11.195  2.316   1.788   1.00 37.25 ? 14 PHE C CD1 1 
ATOM   672 C  CD2 . PHE C 1 16 ? 10.861  0.318   0.540   1.00 37.80 ? 14 PHE C CD2 1 
ATOM   673 C  CE1 . PHE C 1 16 ? 11.802  1.584   2.779   1.00 39.27 ? 14 PHE C CE1 1 
ATOM   674 C  CE2 . PHE C 1 16 ? 11.483  -0.405  1.525   1.00 33.84 ? 14 PHE C CE2 1 
ATOM   675 C  CZ  . PHE C 1 16 ? 11.946  0.227   2.644   1.00 40.05 ? 14 PHE C CZ  1 
ATOM   676 N  N   . LYS C 1 17 ? 7.599   4.012   -1.709  1.00 33.48 ? 15 LYS C N   1 
ATOM   677 C  CA  . LYS C 1 17 ? 7.001   4.658   -2.877  1.00 34.78 ? 15 LYS C CA  1 
ATOM   678 C  C   . LYS C 1 17 ? 6.543   6.091   -2.555  1.00 36.72 ? 15 LYS C C   1 
ATOM   679 O  O   . LYS C 1 17 ? 6.805   6.997   -3.337  1.00 38.52 ? 15 LYS C O   1 
ATOM   680 C  CB  . LYS C 1 17 ? 5.829   3.813   -3.422  1.00 34.43 ? 15 LYS C CB  1 
ATOM   681 C  CG  . LYS C 1 17 ? 5.169   4.317   -4.717  1.00 35.66 ? 15 LYS C CG  1 
ATOM   682 C  CD  . LYS C 1 17 ? 6.162   4.539   -5.848  1.00 46.57 ? 15 LYS C CD  1 
ATOM   683 C  CE  . LYS C 1 17 ? 5.496   4.401   -7.221  1.00 49.64 ? 15 LYS C CE  1 
ATOM   684 N  NZ  . LYS C 1 17 ? 6.231   5.132   -8.273  1.00 48.86 ? 15 LYS C NZ  1 
ATOM   685 N  N   . ALA C 1 18 ? 5.860   6.281   -1.421  1.00 38.19 ? 16 ALA C N   1 
ATOM   686 C  CA  . ALA C 1 18 ? 5.311   7.597   -1.028  1.00 37.41 ? 16 ALA C CA  1 
ATOM   687 C  C   . ALA C 1 18 ? 6.420   8.634   -0.816  1.00 41.09 ? 16 ALA C C   1 
ATOM   688 O  O   . ALA C 1 18 ? 6.289   9.800   -1.202  1.00 40.59 ? 16 ALA C O   1 
ATOM   689 C  CB  . ALA C 1 18 ? 4.497   7.463   0.261   1.00 34.58 ? 16 ALA C CB  1 
ATOM   690 N  N   . THR C 1 19 ? 7.493   8.194   -0.167  1.00 40.67 ? 17 THR C N   1 
ATOM   691 C  CA  . THR C 1 19 ? 8.654   9.035   0.083   1.00 43.37 ? 17 THR C CA  1 
ATOM   692 C  C   . THR C 1 19 ? 9.421   9.331   -1.219  1.00 47.00 ? 17 THR C C   1 
ATOM   693 O  O   . THR C 1 19 ? 9.818   10.476  -1.456  1.00 51.15 ? 17 THR C O   1 
ATOM   694 C  CB  . THR C 1 19 ? 9.589   8.384   1.122   1.00 41.60 ? 17 THR C CB  1 
ATOM   695 O  OG1 . THR C 1 19 ? 10.014  7.112   0.643   1.00 48.06 ? 17 THR C OG1 1 
ATOM   696 C  CG2 . THR C 1 19 ? 8.880   8.197   2.453   1.00 42.45 ? 17 THR C CG2 1 
ATOM   697 N  N   . GLU C 1 20 ? 9.616   8.316   -2.065  1.00 48.15 ? 18 GLU C N   1 
ATOM   698 C  CA  . GLU C 1 20 ? 10.232  8.528   -3.383  1.00 47.79 ? 18 GLU C CA  1 
ATOM   699 C  C   . GLU C 1 20 ? 9.476   9.585   -4.172  1.00 48.49 ? 18 GLU C C   1 
ATOM   700 O  O   . GLU C 1 20 ? 10.084  10.518  -4.707  1.00 48.79 ? 18 GLU C O   1 
ATOM   701 C  CB  . GLU C 1 20 ? 10.295  7.231   -4.199  1.00 48.08 ? 18 GLU C CB  1 
HETATM 702 N  N   . MSE C 1 21 ? 8.153   9.451   -4.225  1.00 45.83 ? 19 MSE C N   1 
HETATM 703 C  CA  . MSE C 1 21 ? 7.311   10.374  -4.984  1.00 46.39 ? 19 MSE C CA  1 
HETATM 704 C  C   . MSE C 1 21 ? 7.081   11.754  -4.334  1.00 46.90 ? 19 MSE C C   1 
HETATM 705 O  O   . MSE C 1 21 ? 6.428   12.605  -4.933  1.00 50.19 ? 19 MSE C O   1 
HETATM 706 C  CB  . MSE C 1 21 ? 5.954   9.725   -5.255  1.00 46.76 ? 19 MSE C CB  1 
HETATM 707 C  CG  . MSE C 1 21 ? 5.995   8.618   -6.266  1.00 44.32 ? 19 MSE C CG  1 
HETATM 708 SE SE  . MSE C 1 21 ? 4.205   7.914   -6.562  1.00 54.29 ? 19 MSE C SE  1 
HETATM 709 C  CE  . MSE C 1 21 ? 3.302   9.543   -7.163  1.00 54.99 ? 19 MSE C CE  1 
ATOM   710 N  N   . ASN C 1 22 ? 7.597   11.971  -3.126  1.00 46.30 ? 20 ASN C N   1 
ATOM   711 C  CA  . ASN C 1 22 ? 7.365   13.207  -2.376  1.00 47.49 ? 20 ASN C CA  1 
ATOM   712 C  C   . ASN C 1 22 ? 5.883   13.517  -2.192  1.00 47.93 ? 20 ASN C C   1 
ATOM   713 O  O   . ASN C 1 22 ? 5.457   14.650  -2.410  1.00 48.55 ? 20 ASN C O   1 
ATOM   714 C  CB  . ASN C 1 22 ? 8.057   14.397  -3.055  1.00 49.06 ? 20 ASN C CB  1 
ATOM   715 N  N   . LEU C 1 23 ? 5.099   12.516  -1.791  1.00 44.70 ? 21 LEU C N   1 
ATOM   716 C  CA  . LEU C 1 23 ? 3.667   12.727  -1.555  1.00 42.68 ? 21 LEU C CA  1 
ATOM   717 C  C   . LEU C 1 23 ? 3.451   13.586  -0.317  1.00 43.39 ? 21 LEU C C   1 
ATOM   718 O  O   . LEU C 1 23 ? 4.371   13.794  0.474   1.00 41.79 ? 21 LEU C O   1 
ATOM   719 C  CB  . LEU C 1 23 ? 2.936   11.392  -1.419  1.00 40.16 ? 21 LEU C CB  1 
ATOM   720 C  CG  . LEU C 1 23 ? 3.016   10.523  -2.668  1.00 41.14 ? 21 LEU C CG  1 
ATOM   721 C  CD1 . LEU C 1 23 ? 2.158   9.286   -2.540  1.00 32.41 ? 21 LEU C CD1 1 
ATOM   722 C  CD2 . LEU C 1 23 ? 2.621   11.328  -3.897  1.00 39.77 ? 21 LEU C CD2 1 
ATOM   723 N  N   . ASN C 1 24 ? 2.227   14.096  -0.174  1.00 45.09 ? 22 ASN C N   1 
ATOM   724 C  CA  . ASN C 1 24 ? 1.844   14.939  0.960   1.00 45.29 ? 22 ASN C CA  1 
ATOM   725 C  C   . ASN C 1 24 ? 2.310   14.365  2.287   1.00 45.59 ? 22 ASN C C   1 
ATOM   726 O  O   . ASN C 1 24 ? 2.249   13.154  2.511   1.00 43.43 ? 22 ASN C O   1 
ATOM   727 C  CB  . ASN C 1 24 ? 0.323   15.120  0.997   1.00 47.91 ? 22 ASN C CB  1 
ATOM   728 N  N   . ARG C 1 25 ? 2.767   15.249  3.162   1.00 43.84 ? 23 ARG C N   1 
ATOM   729 C  CA  . ARG C 1 25 ? 3.315   14.866  4.462   1.00 43.52 ? 23 ARG C CA  1 
ATOM   730 C  C   . ARG C 1 25 ? 2.288   14.186  5.378   1.00 41.20 ? 23 ARG C C   1 
ATOM   731 O  O   . ARG C 1 25 ? 2.644   13.313  6.161   1.00 41.74 ? 23 ARG C O   1 
ATOM   732 C  CB  . ARG C 1 25 ? 3.905   16.107  5.141   1.00 44.97 ? 23 ARG C CB  1 
ATOM   733 C  CG  . ARG C 1 25 ? 4.323   15.921  6.584   1.00 49.50 ? 23 ARG C CG  1 
ATOM   734 C  CD  . ARG C 1 25 ? 5.457   14.913  6.730   1.00 53.89 ? 23 ARG C CD  1 
ATOM   735 N  NE  . ARG C 1 25 ? 5.390   14.222  8.021   1.00 56.55 ? 23 ARG C NE  1 
ATOM   736 C  CZ  . ARG C 1 25 ? 6.255   13.293  8.425   1.00 56.73 ? 23 ARG C CZ  1 
ATOM   737 N  NH1 . ARG C 1 25 ? 7.290   12.950  7.656   1.00 59.40 ? 23 ARG C NH1 1 
ATOM   738 N  NH2 . ARG C 1 25 ? 6.090   12.709  9.612   1.00 54.00 ? 23 ARG C NH2 1 
ATOM   739 N  N   . ASP C 1 26 ? 1.020   14.589  5.288   1.00 39.69 ? 24 ASP C N   1 
ATOM   740 C  CA  . ASP C 1 26 ? -0.030  13.949  6.073   1.00 36.01 ? 24 ASP C CA  1 
ATOM   741 C  C   . ASP C 1 26 ? -0.223  12.495  5.624   1.00 33.11 ? 24 ASP C C   1 
ATOM   742 O  O   . ASP C 1 26 ? -0.521  11.625  6.426   1.00 30.78 ? 24 ASP C O   1 
ATOM   743 C  CB  . ASP C 1 26 ? -1.340  14.735  5.964   1.00 35.98 ? 24 ASP C CB  1 
ATOM   744 N  N   . PHE C 1 27 ? -0.046  12.234  4.337   1.00 32.97 ? 25 PHE C N   1 
ATOM   745 C  CA  . PHE C 1 27 ? -0.086  10.856  3.837   1.00 32.61 ? 25 PHE C CA  1 
ATOM   746 C  C   . PHE C 1 27 ? 1.118   10.062  4.339   1.00 32.81 ? 25 PHE C C   1 
ATOM   747 O  O   . PHE C 1 27 ? 0.971   8.922   4.756   1.00 31.07 ? 25 PHE C O   1 
ATOM   748 C  CB  . PHE C 1 27 ? -0.149  10.833  2.311   1.00 31.19 ? 25 PHE C CB  1 
ATOM   749 C  CG  . PHE C 1 27 ? -0.371  9.470   1.744   1.00 33.81 ? 25 PHE C CG  1 
ATOM   750 C  CD1 . PHE C 1 27 ? -1.450  8.694   2.172   1.00 37.00 ? 25 PHE C CD1 1 
ATOM   751 C  CD2 . PHE C 1 27 ? 0.512   8.936   0.810   1.00 32.30 ? 25 PHE C CD2 1 
ATOM   752 C  CE1 . PHE C 1 27 ? -1.651  7.417   1.670   1.00 31.05 ? 25 PHE C CE1 1 
ATOM   753 C  CE2 . PHE C 1 27 ? 0.306   7.668   0.302   1.00 31.87 ? 25 PHE C CE2 1 
ATOM   754 C  CZ  . PHE C 1 27 ? -0.780  6.909   0.738   1.00 32.45 ? 25 PHE C CZ  1 
ATOM   755 N  N   . ILE C 1 28 ? 2.304   10.671  4.343   1.00 35.12 ? 26 ILE C N   1 
ATOM   756 C  CA  . ILE C 1 28 ? 3.479   9.977   4.860   1.00 34.95 ? 26 ILE C CA  1 
ATOM   757 C  C   . ILE C 1 28 ? 3.348   9.700   6.354   1.00 34.66 ? 26 ILE C C   1 
ATOM   758 O  O   . ILE C 1 28 ? 3.789   8.647   6.836   1.00 37.94 ? 26 ILE C O   1 
ATOM   759 C  CB  . ILE C 1 28 ? 4.782   10.731  4.551   1.00 38.06 ? 26 ILE C CB  1 
ATOM   760 C  CG1 . ILE C 1 28 ? 5.036   10.747  3.036   1.00 39.66 ? 26 ILE C CG1 1 
ATOM   761 C  CG2 . ILE C 1 28 ? 5.963   10.055  5.253   1.00 37.12 ? 26 ILE C CG2 1 
ATOM   762 C  CD1 . ILE C 1 28 ? 5.865   11.940  2.566   1.00 44.65 ? 26 ILE C CD1 1 
ATOM   763 N  N   . GLU C 1 29 ? 2.731   10.623  7.091   1.00 38.63 ? 27 GLU C N   1 
ATOM   764 C  CA  . GLU C 1 29 ? 2.505   10.433  8.531   1.00 37.55 ? 27 GLU C CA  1 
ATOM   765 C  C   . GLU C 1 29 ? 1.548   9.266   8.773   1.00 37.19 ? 27 GLU C C   1 
ATOM   766 O  O   . GLU C 1 29 ? 1.750   8.464   9.683   1.00 35.80 ? 27 GLU C O   1 
ATOM   767 C  CB  . GLU C 1 29 ? 1.966   11.723  9.179   1.00 39.49 ? 27 GLU C CB  1 
ATOM   768 N  N   . LEU C 1 30 ? 0.511   9.157   7.938   1.00 36.06 ? 28 LEU C N   1 
ATOM   769 C  CA  . LEU C 1 30 ? -0.415  8.030   8.003   1.00 33.57 ? 28 LEU C CA  1 
ATOM   770 C  C   . LEU C 1 30 ? 0.324   6.704   7.844   1.00 30.94 ? 28 LEU C C   1 
ATOM   771 O  O   . LEU C 1 30 ? 0.064   5.752   8.558   1.00 27.19 ? 28 LEU C O   1 
ATOM   772 C  CB  . LEU C 1 30 ? -1.499  8.162   6.909   1.00 33.19 ? 28 LEU C CB  1 
ATOM   773 C  CG  . LEU C 1 30 ? -2.588  7.075   6.841   1.00 35.80 ? 28 LEU C CG  1 
ATOM   774 C  CD1 . LEU C 1 30 ? -3.527  7.173   8.017   1.00 33.53 ? 28 LEU C CD1 1 
ATOM   775 C  CD2 . LEU C 1 30 ? -3.378  7.178   5.529   1.00 33.07 ? 28 LEU C CD2 1 
ATOM   776 N  N   . ILE C 1 31 ? 1.247   6.636   6.891   1.00 31.38 ? 29 ILE C N   1 
ATOM   777 C  CA  . ILE C 1 31 ? 1.938   5.372   6.622   1.00 30.97 ? 29 ILE C CA  1 
ATOM   778 C  C   . ILE C 1 31 ? 2.860   5.071   7.795   1.00 32.04 ? 29 ILE C C   1 
ATOM   779 O  O   . ILE C 1 31 ? 2.896   3.947   8.299   1.00 31.67 ? 29 ILE C O   1 
ATOM   780 C  CB  . ILE C 1 31 ? 2.738   5.420   5.309   1.00 30.08 ? 29 ILE C CB  1 
ATOM   781 C  CG1 . ILE C 1 31 ? 1.769   5.549   4.127   1.00 30.86 ? 29 ILE C CG1 1 
ATOM   782 C  CG2 . ILE C 1 31 ? 3.617   4.151   5.167   1.00 29.77 ? 29 ILE C CG2 1 
ATOM   783 C  CD1 . ILE C 1 31 ? 2.380   6.058   2.860   1.00 30.66 ? 29 ILE C CD1 1 
ATOM   784 N  N   . GLU C 1 32 ? 3.587   6.094   8.229   1.00 33.24 ? 30 GLU C N   1 
ATOM   785 C  CA  . GLU C 1 32 ? 4.476   5.955   9.373   1.00 37.37 ? 30 GLU C CA  1 
ATOM   786 C  C   . GLU C 1 32 ? 3.729   5.472   10.601  1.00 40.47 ? 30 GLU C C   1 
ATOM   787 O  O   . GLU C 1 32 ? 4.182   4.547   11.271  1.00 41.54 ? 30 GLU C O   1 
ATOM   788 C  CB  . GLU C 1 32 ? 5.183   7.275   9.658   1.00 38.76 ? 30 GLU C CB  1 
ATOM   789 C  CG  . GLU C 1 32 ? 6.282   7.558   8.669   1.00 43.05 ? 30 GLU C CG  1 
ATOM   790 C  CD  . GLU C 1 32 ? 6.878   8.948   8.809   1.00 49.97 ? 30 GLU C CD  1 
ATOM   791 O  OE1 . GLU C 1 32 ? 6.670   9.612   9.854   1.00 54.86 ? 30 GLU C OE1 1 
ATOM   792 O  OE2 . GLU C 1 32 ? 7.563   9.373   7.860   1.00 53.36 ? 30 GLU C OE2 1 
ATOM   793 N  N   . ASN C 1 33 ? 2.566   6.069   10.873  1.00 41.84 ? 31 ASN C N   1 
ATOM   794 C  CA  . ASN C 1 33 ? 1.742   5.654   12.014  1.00 41.40 ? 31 ASN C CA  1 
ATOM   795 C  C   . ASN C 1 33 ? 1.317   4.180   11.954  1.00 41.69 ? 31 ASN C C   1 
ATOM   796 O  O   . ASN C 1 33 ? 1.269   3.501   12.982  1.00 42.05 ? 31 ASN C O   1 
ATOM   797 C  CB  . ASN C 1 33 ? 0.513   6.569   12.156  1.00 42.65 ? 31 ASN C CB  1 
ATOM   798 N  N   . GLU C 1 34 ? 1.009   3.683   10.756  1.00 40.20 ? 32 GLU C N   1 
ATOM   799 C  CA  . GLU C 1 34 ? 0.654   2.266   10.565  1.00 39.68 ? 32 GLU C CA  1 
ATOM   800 C  C   . GLU C 1 34 ? 1.859   1.329   10.700  1.00 41.62 ? 32 GLU C C   1 
ATOM   801 O  O   . GLU C 1 34 ? 1.717   0.165   11.106  1.00 39.17 ? 32 GLU C O   1 
ATOM   802 C  CB  . GLU C 1 34 ? 0.013   2.065   9.186   1.00 38.35 ? 32 GLU C CB  1 
ATOM   803 C  CG  . GLU C 1 34 ? -0.364  0.624   8.843   1.00 41.29 ? 32 GLU C CG  1 
ATOM   804 C  CD  . GLU C 1 34 ? -1.426  0.035   9.763   1.00 47.21 ? 32 GLU C CD  1 
ATOM   805 O  OE1 . GLU C 1 34 ? -1.578  -1.206  9.770   1.00 39.81 ? 32 GLU C OE1 1 
ATOM   806 O  OE2 . GLU C 1 34 ? -2.106  0.803   10.476  1.00 51.94 ? 32 GLU C OE2 1 
ATOM   807 N  N   . ILE C 1 35 ? 3.035   1.833   10.325  1.00 42.26 ? 33 ILE C N   1 
ATOM   808 C  CA  . ILE C 1 35 ? 4.289   1.074   10.436  1.00 43.21 ? 33 ILE C CA  1 
ATOM   809 C  C   . ILE C 1 35 ? 4.599   0.860   11.932  1.00 45.50 ? 33 ILE C C   1 
ATOM   810 O  O   . ILE C 1 35 ? 4.707   -0.279  12.399  1.00 43.84 ? 33 ILE C O   1 
ATOM   811 C  CB  . ILE C 1 35 ? 5.443   1.780   9.615   1.00 40.85 ? 33 ILE C CB  1 
ATOM   812 C  CG1 . ILE C 1 35 ? 5.211   1.542   8.115   1.00 37.14 ? 33 ILE C CG1 1 
ATOM   813 C  CG2 . ILE C 1 35 ? 6.838   1.272   10.008  1.00 45.05 ? 33 ILE C CG2 1 
ATOM   814 C  CD1 . ILE C 1 35 ? 6.257   2.104   7.213   1.00 35.84 ? 33 ILE C CD1 1 
ATOM   815 N  N   . LYS C 1 36 ? 4.662   1.957   12.676  1.00 49.36 ? 34 LYS C N   1 
ATOM   816 C  CA  . LYS C 1 36 ? 4.854   1.923   14.132  1.00 53.71 ? 34 LYS C CA  1 
ATOM   817 C  C   . LYS C 1 36 ? 3.899   0.946   14.827  1.00 56.60 ? 34 LYS C C   1 
ATOM   818 O  O   . LYS C 1 36 ? 4.337   0.069   15.575  1.00 60.11 ? 34 LYS C O   1 
ATOM   819 C  CB  . LYS C 1 36 ? 4.674   3.322   14.722  1.00 53.09 ? 34 LYS C CB  1 
ATOM   820 C  CG  . LYS C 1 36 ? 5.722   4.315   14.262  1.00 56.41 ? 34 LYS C CG  1 
ATOM   821 C  CD  . LYS C 1 36 ? 5.308   5.747   14.555  1.00 64.65 ? 34 LYS C CD  1 
ATOM   822 C  CE  . LYS C 1 36 ? 6.331   6.742   14.009  1.00 67.10 ? 34 LYS C CE  1 
ATOM   823 N  NZ  . LYS C 1 36 ? 6.097   8.115   14.533  1.00 71.71 ? 34 LYS C NZ  1 
ATOM   824 N  N   . ARG C 1 37 ? 2.602   1.066   14.558  1.00 56.91 ? 35 ARG C N   1 
ATOM   825 C  CA  . ARG C 1 37 ? 1.623   0.217   15.229  1.00 57.56 ? 35 ARG C CA  1 
ATOM   826 C  C   . ARG C 1 37 ? 1.853   -1.283  14.966  1.00 57.88 ? 35 ARG C C   1 
ATOM   827 O  O   . ARG C 1 37 ? 1.351   -2.125  15.707  1.00 57.36 ? 35 ARG C O   1 
ATOM   828 C  CB  . ARG C 1 37 ? 0.179   0.634   14.882  1.00 58.83 ? 35 ARG C CB  1 
ATOM   829 C  CG  . ARG C 1 37 ? -0.534  -0.214  13.823  1.00 62.25 ? 35 ARG C CG  1 
ATOM   830 C  CD  . ARG C 1 37 ? -1.936  -0.643  14.273  1.00 66.24 ? 35 ARG C CD  1 
ATOM   831 N  NE  . ARG C 1 37 ? -2.220  -2.025  13.878  1.00 71.00 ? 35 ARG C NE  1 
ATOM   832 C  CZ  . ARG C 1 37 ? -2.809  -2.411  12.743  1.00 74.65 ? 35 ARG C CZ  1 
ATOM   833 N  NH1 . ARG C 1 37 ? -3.211  -1.526  11.840  1.00 77.70 ? 35 ARG C NH1 1 
ATOM   834 N  NH2 . ARG C 1 37 ? -3.003  -3.704  12.507  1.00 77.98 ? 35 ARG C NH2 1 
ATOM   835 N  N   . ARG C 1 38 ? 2.597   -1.612  13.909  1.00 56.73 ? 36 ARG C N   1 
ATOM   836 C  CA  . ARG C 1 38 ? 3.001   -2.998  13.648  1.00 54.43 ? 36 ARG C CA  1 
ATOM   837 C  C   . ARG C 1 38 ? 4.386   -3.359  14.218  1.00 55.48 ? 36 ARG C C   1 
ATOM   838 O  O   . ARG C 1 38 ? 4.850   -4.487  14.033  1.00 54.68 ? 36 ARG C O   1 
ATOM   839 C  CB  . ARG C 1 38 ? 2.978   -3.264  12.148  1.00 54.69 ? 36 ARG C CB  1 
ATOM   840 C  CG  . ARG C 1 38 ? 1.603   -3.122  11.543  1.00 50.56 ? 36 ARG C CG  1 
ATOM   841 C  CD  . ARG C 1 38 ? 1.595   -3.611  10.128  1.00 47.52 ? 36 ARG C CD  1 
ATOM   842 N  NE  . ARG C 1 38 ? 0.369   -3.246  9.429   1.00 43.24 ? 36 ARG C NE  1 
ATOM   843 C  CZ  . ARG C 1 38 ? -0.002  -3.741  8.255   1.00 47.54 ? 36 ARG C CZ  1 
ATOM   844 N  NH1 . ARG C 1 38 ? 0.750   -4.639  7.631   1.00 40.98 ? 36 ARG C NH1 1 
ATOM   845 N  NH2 . ARG C 1 38 ? -1.140  -3.345  7.708   1.00 49.14 ? 36 ARG C NH2 1 
ATOM   846 N  N   . SER C 1 39 ? 5.022   -2.415  14.919  1.00 55.32 ? 37 SER C N   1 
ATOM   847 C  CA  . SER C 1 39 ? 6.337   -2.630  15.544  1.00 57.13 ? 37 SER C CA  1 
ATOM   848 C  C   . SER C 1 39 ? 7.434   -2.751  14.490  1.00 56.85 ? 37 SER C C   1 
ATOM   849 O  O   . SER C 1 39 ? 8.389   -3.512  14.662  1.00 57.60 ? 37 SER C O   1 
ATOM   850 C  CB  . SER C 1 39 ? 6.321   -3.875  16.447  1.00 56.81 ? 37 SER C CB  1 
ATOM   851 N  N   . LEU C 1 40 ? 7.269   -2.002  13.397  1.00 54.66 ? 38 LEU C N   1 
ATOM   852 C  CA  . LEU C 1 40 ? 8.240   -1.934  12.309  1.00 51.23 ? 38 LEU C CA  1 
ATOM   853 C  C   . LEU C 1 40 ? 8.808   -0.513  12.227  1.00 50.37 ? 38 LEU C C   1 
ATOM   854 O  O   . LEU C 1 40 ? 9.404   -0.118  11.216  1.00 46.90 ? 38 LEU C O   1 
ATOM   855 C  CB  . LEU C 1 40 ? 7.555   -2.320  10.996  1.00 50.17 ? 38 LEU C CB  1 
ATOM   856 C  CG  . LEU C 1 40 ? 7.023   -3.758  10.976  1.00 49.26 ? 38 LEU C CG  1 
ATOM   857 C  CD1 . LEU C 1 40 ? 6.050   -3.985  9.830   1.00 45.14 ? 38 LEU C CD1 1 
ATOM   858 C  CD2 . LEU C 1 40 ? 8.172   -4.746  10.919  1.00 49.59 ? 38 LEU C CD2 1 
ATOM   859 N  N   . GLY C 1 41 ? 8.630   0.245   13.309  1.00 51.08 ? 39 GLY C N   1 
ATOM   860 C  CA  . GLY C 1 41 ? 9.041   1.650   13.381  1.00 53.76 ? 39 GLY C CA  1 
ATOM   861 C  C   . GLY C 1 41 ? 10.524  1.860   13.150  1.00 55.80 ? 39 GLY C C   1 
ATOM   862 O  O   . GLY C 1 41 ? 10.942  2.959   12.783  1.00 56.41 ? 39 GLY C O   1 
ATOM   863 N  N   . HIS C 1 42 ? 11.313  0.803   13.368  1.00 57.60 ? 40 HIS C N   1 
ATOM   864 C  CA  . HIS C 1 42 ? 12.732  0.788   13.005  1.00 59.00 ? 40 HIS C CA  1 
ATOM   865 C  C   . HIS C 1 42 ? 12.943  0.847   11.480  1.00 61.23 ? 40 HIS C C   1 
ATOM   866 O  O   . HIS C 1 42 ? 14.072  0.720   11.006  1.00 63.06 ? 40 HIS C O   1 
ATOM   867 C  CB  . HIS C 1 42 ? 13.441  -0.438  13.617  1.00 56.65 ? 40 HIS C CB  1 
ATOM   868 C  CG  . HIS C 1 42 ? 12.899  -1.755  13.153  1.00 57.08 ? 40 HIS C CG  1 
ATOM   869 N  ND1 . HIS C 1 42 ? 13.351  -2.389  12.015  1.00 60.06 ? 40 HIS C ND1 1 
ATOM   870 C  CD2 . HIS C 1 42 ? 11.942  -2.560  13.675  1.00 59.38 ? 40 HIS C CD2 1 
ATOM   871 C  CE1 . HIS C 1 42 ? 12.697  -3.526  11.853  1.00 59.70 ? 40 HIS C CE1 1 
ATOM   872 N  NE2 . HIS C 1 42 ? 11.836  -3.654  12.847  1.00 62.98 ? 40 HIS C NE2 1 
ATOM   873 N  N   . ILE C 1 43 ? 11.855  1.032   10.727  1.00 62.66 ? 41 ILE C N   1 
ATOM   874 C  CA  . ILE C 1 43 ? 11.892  1.322   9.281   1.00 62.08 ? 41 ILE C CA  1 
ATOM   875 C  C   . ILE C 1 43 ? 12.538  0.186   8.502   1.00 62.84 ? 41 ILE C C   1 
ATOM   876 O  O   . ILE C 1 43 ? 11.970  -0.907  8.422   1.00 64.48 ? 41 ILE C O   1 
ATOM   877 C  CB  . ILE C 1 43 ? 12.581  2.682   8.972   1.00 60.83 ? 41 ILE C CB  1 
ATOM   878 C  CG1 . ILE C 1 43 ? 11.702  3.851   9.454   1.00 60.44 ? 41 ILE C CG1 1 
ATOM   879 C  CG2 . ILE C 1 43 ? 12.851  2.815   7.493   1.00 56.24 ? 41 ILE C CG2 1 
ATOM   880 C  CD1 . ILE C 1 43 ? 12.481  5.123   9.809   1.00 62.40 ? 41 ILE C CD1 1 
HETATM 881 O  O   . HOH D 2 .  ? 11.036  -23.239 0.887   1.00 39.74 ? 47 HOH A O   1 
HETATM 882 O  O   . HOH D 2 .  ? 10.357  -17.035 -4.404  1.00 39.69 ? 48 HOH A O   1 
HETATM 883 O  O   . HOH D 2 .  ? 11.892  -17.043 -2.106  1.00 41.03 ? 49 HOH A O   1 
HETATM 884 O  O   . HOH D 2 .  ? 10.366  -14.335 -4.612  1.00 35.26 ? 50 HOH A O   1 
HETATM 885 O  O   . HOH E 2 .  ? -6.978  -5.446  -4.315  1.00 38.19 ? 47 HOH B O   1 
HETATM 886 O  O   . HOH F 2 .  ? -5.031  -0.212  9.862   1.00 31.73 ? 47 HOH C O   1 
HETATM 887 O  O   . HOH F 2 .  ? 7.640   0.357   -3.809  1.00 34.24 ? 48 HOH C O   1 
HETATM 888 O  O   . HOH F 2 .  ? -1.061  -7.273  0.870   1.00 49.78 ? 49 HOH C O   1 
# 
